data_6Y21
#
_entry.id   6Y21
#
_cell.length_a   83.006
_cell.length_b   83.006
_cell.length_c   421.373
_cell.angle_alpha   90.000
_cell.angle_beta   90.000
_cell.angle_gamma   120.000
#
_symmetry.space_group_name_H-M   'P 31 2 1'
#
loop_
_entity.id
_entity.type
_entity.pdbx_description
1 polymer 'Cystathionine beta-synthase'
2 non-polymer '2-[({3-HYDROXY-2-METHYL-5-[(PHOSPHONOOXY)METHYL]PYRIDIN-4-YL}METHYL)AMINO]ACRYLIC ACID'
#
_entity_poly.entity_id   1
_entity_poly.type   'polypeptide(L)'
_entity_poly.pdbx_seq_one_letter_code
;MNGKFADGPYSGILDSVLDAIGNTPMVRMKRLAKVYGLECDLLAKCEFMSAGGSVKDRIGKAMVEKAEREGRLKAGDTLI
EPTSGNTGIGLALAAAVRGYRMIVTMPAKMSAEKSNIMKCLGAEIVRTPTEAAWNDENSHMGVAAKLQRELENAHILDQY
NNTANPMVHYDVTAEEIITQCDGDIDMVVIGAGTGGTITGIGRKIKERCPKCKVVGVDPKGSILAVPDSLNDEKRLQSYE
VEGIGYDFVPGVLDRKVVDEWVKVGDAESFTTARAIIRNEGLFVGGSSGANVWGALQAARQLKKGQKCVVLLPDSSRNYM
SKFISDEWMAEHGFAPEDGAKVKEREKQFGGARIRDLLSETGATSDVPFVTARLSVEDVIKMMHETKVKEVIVTEDSEAD
GKTKLVGVLSEDHIAHSLQSGRCAMQSPVKDIAFKKLAKALPSAYLRDVAKALDFSPYVCVMDEKPSTKKQAGMGEHERA
KISLRKAGNSRECPHFLGVITRIDLLHWLATKQK
;
_entity_poly.pdbx_strand_id   D,A,B
#
loop_
_chem_comp.id
_chem_comp.type
_chem_comp.name
_chem_comp.formula
P1T non-polymer '2-[({3-HYDROXY-2-METHYL-5-[(PHOSPHONOOXY)METHYL]PYRIDIN-4-YL}METHYL)AMINO]ACRYLIC ACID' 'C11 H15 N2 O7 P'
#
# COMPACT_ATOMS: atom_id res chain seq x y z
N ALA A 6 4.69 54.60 22.19
CA ALA A 6 4.77 56.00 21.80
C ALA A 6 4.98 56.15 20.30
N ASP A 7 5.77 57.15 19.91
CA ASP A 7 6.09 57.39 18.50
C ASP A 7 7.55 57.85 18.41
N GLY A 8 8.46 56.89 18.20
CA GLY A 8 9.85 57.22 17.97
C GLY A 8 10.37 57.13 16.55
N PRO A 9 10.05 56.03 15.82
CA PRO A 9 10.67 55.84 14.49
C PRO A 9 9.94 56.54 13.35
N TYR A 10 8.64 56.75 13.49
CA TYR A 10 7.82 57.35 12.44
C TYR A 10 7.22 58.68 12.84
N SER A 11 7.62 59.23 14.00
CA SER A 11 7.08 60.49 14.49
C SER A 11 7.41 61.68 13.59
N GLY A 12 8.24 61.50 12.57
CA GLY A 12 8.53 62.56 11.64
C GLY A 12 8.09 62.22 10.23
N ILE A 13 8.50 63.04 9.26
CA ILE A 13 8.25 62.77 7.86
C ILE A 13 9.48 62.14 7.25
N LEU A 14 9.27 61.26 6.27
CA LEU A 14 10.35 60.48 5.68
C LEU A 14 10.77 61.09 4.35
N ASP A 15 12.07 61.04 4.07
CA ASP A 15 12.61 61.61 2.85
C ASP A 15 12.27 60.76 1.62
N SER A 16 12.21 59.45 1.78
CA SER A 16 11.84 58.56 0.70
C SER A 16 11.37 57.24 1.30
N VAL A 17 10.85 56.37 0.43
CA VAL A 17 10.34 55.07 0.87
C VAL A 17 11.44 54.20 1.44
N LEU A 18 12.71 54.43 1.04
CA LEU A 18 13.81 53.62 1.53
C LEU A 18 13.94 53.68 3.05
N ASP A 19 13.58 54.80 3.67
CA ASP A 19 13.66 54.92 5.11
C ASP A 19 12.51 54.23 5.83
N ALA A 20 11.55 53.69 5.08
CA ALA A 20 10.43 52.96 5.65
C ALA A 20 10.65 51.45 5.66
N ILE A 21 11.86 51.01 5.37
CA ILE A 21 12.18 49.58 5.37
C ILE A 21 12.52 49.16 6.79
N GLY A 22 12.01 48.00 7.19
CA GLY A 22 12.26 47.50 8.53
C GLY A 22 11.25 47.98 9.54
N ASN A 23 11.68 47.97 10.81
CA ASN A 23 10.86 48.40 11.94
C ASN A 23 9.58 47.58 12.04
N THR A 24 9.65 46.31 11.68
CA THR A 24 8.51 45.43 11.59
C THR A 24 8.12 44.90 12.97
N PRO A 25 6.84 44.79 13.27
CA PRO A 25 6.41 44.36 14.61
C PRO A 25 6.52 42.85 14.79
N MET A 26 6.47 42.45 16.05
CA MET A 26 6.47 41.04 16.44
C MET A 26 5.11 40.73 17.06
N VAL A 27 4.42 39.73 16.50
CA VAL A 27 3.08 39.37 16.97
C VAL A 27 3.11 37.97 17.56
N ARG A 28 2.36 37.77 18.64
CA ARG A 28 2.26 36.47 19.29
C ARG A 28 1.15 35.68 18.61
N MET A 29 1.49 34.51 18.08
CA MET A 29 0.53 33.63 17.40
C MET A 29 -0.14 32.71 18.42
N LYS A 30 -0.91 33.33 19.31
CA LYS A 30 -1.61 32.56 20.34
C LYS A 30 -2.68 31.65 19.74
N ARG A 31 -3.46 32.18 18.79
CA ARG A 31 -4.53 31.39 18.19
C ARG A 31 -3.99 30.23 17.36
N LEU A 32 -2.93 30.46 16.60
CA LEU A 32 -2.35 29.38 15.79
C LEU A 32 -1.74 28.29 16.67
N ALA A 33 -1.05 28.70 17.73
CA ALA A 33 -0.51 27.73 18.69
C ALA A 33 -1.64 26.91 19.32
N LYS A 34 -2.72 27.58 19.72
CA LYS A 34 -3.87 26.87 20.26
C LYS A 34 -4.48 25.92 19.23
N VAL A 35 -4.42 26.28 17.95
CA VAL A 35 -4.94 25.41 16.91
C VAL A 35 -4.08 24.15 16.78
N TYR A 36 -2.75 24.32 16.77
CA TYR A 36 -1.85 23.19 16.59
C TYR A 36 -1.42 22.55 17.91
N GLY A 37 -1.86 23.08 19.06
CA GLY A 37 -1.52 22.48 20.33
C GLY A 37 -0.07 22.65 20.73
N LEU A 38 0.40 23.90 20.75
CA LEU A 38 1.77 24.23 21.11
C LEU A 38 1.77 25.04 22.39
N GLU A 39 2.58 24.60 23.37
CA GLU A 39 2.51 25.20 24.70
C GLU A 39 3.26 26.52 24.78
N CYS A 40 4.45 26.61 24.21
CA CYS A 40 5.27 27.80 24.33
C CYS A 40 4.67 28.96 23.53
N ASP A 41 5.29 30.12 23.65
CA ASP A 41 4.86 31.31 22.91
C ASP A 41 5.49 31.30 21.53
N LEU A 42 4.66 31.18 20.50
CA LEU A 42 5.12 31.22 19.11
C LEU A 42 5.05 32.66 18.65
N LEU A 43 6.20 33.31 18.58
CA LEU A 43 6.28 34.69 18.11
C LEU A 43 6.62 34.72 16.63
N ALA A 44 6.06 35.70 15.93
CA ALA A 44 6.25 35.85 14.50
C ALA A 44 6.77 37.25 14.21
N LYS A 45 7.90 37.32 13.52
CA LYS A 45 8.47 38.58 13.07
C LYS A 45 7.87 38.90 11.71
N CYS A 46 6.93 39.86 11.68
CA CYS A 46 6.17 40.16 10.46
C CYS A 46 6.99 41.05 9.53
N GLU A 47 7.97 40.44 8.87
CA GLU A 47 8.79 41.17 7.92
C GLU A 47 8.03 41.64 6.69
N PHE A 48 6.87 41.05 6.40
CA PHE A 48 6.12 41.42 5.21
C PHE A 48 5.48 42.80 5.32
N MET A 49 5.53 43.43 6.48
CA MET A 49 4.96 44.76 6.67
C MET A 49 5.95 45.87 6.33
N SER A 50 7.11 45.54 5.78
CA SER A 50 8.03 46.53 5.28
C SER A 50 7.43 47.25 4.07
N ALA A 51 8.16 48.25 3.56
CA ALA A 51 7.65 49.05 2.44
C ALA A 51 7.33 48.18 1.25
N GLY A 52 8.26 47.32 0.85
CA GLY A 52 8.08 46.45 -0.29
C GLY A 52 7.52 45.07 0.03
N GLY A 53 7.15 44.82 1.28
CA GLY A 53 6.47 43.58 1.63
C GLY A 53 7.35 42.35 1.67
N SER A 54 8.61 42.49 2.05
CA SER A 54 9.51 41.35 2.15
C SER A 54 10.71 41.74 2.99
N VAL A 55 11.41 40.73 3.50
CA VAL A 55 12.58 40.97 4.32
C VAL A 55 13.77 41.43 3.47
N LYS A 56 13.84 40.99 2.22
CA LYS A 56 14.99 41.30 1.38
C LYS A 56 15.11 42.79 1.03
N ASP A 57 14.07 43.59 1.28
CA ASP A 57 14.19 45.03 1.11
C ASP A 57 15.35 45.59 1.92
N ARG A 58 15.53 45.10 3.15
CA ARG A 58 16.63 45.53 3.98
C ARG A 58 17.97 45.33 3.28
N ILE A 59 18.21 44.13 2.77
CA ILE A 59 19.51 43.88 2.15
C ILE A 59 19.64 44.64 0.85
N GLY A 60 18.52 44.87 0.14
CA GLY A 60 18.61 45.67 -1.07
C GLY A 60 19.11 47.08 -0.77
N LYS A 61 18.39 47.74 0.14
CA LYS A 61 18.80 49.06 0.60
C LYS A 61 20.25 49.06 1.09
N ALA A 62 20.62 48.02 1.84
CA ALA A 62 21.94 47.98 2.47
C ALA A 62 23.06 47.77 1.46
N MET A 63 22.85 46.91 0.48
CA MET A 63 23.86 46.73 -0.56
C MET A 63 24.01 48.00 -1.38
N VAL A 64 22.91 48.71 -1.64
CA VAL A 64 23.03 50.01 -2.31
C VAL A 64 23.84 50.97 -1.44
N GLU A 65 23.57 50.99 -0.13
CA GLU A 65 24.32 51.87 0.78
C GLU A 65 25.80 51.54 0.78
N LYS A 66 26.14 50.24 0.76
CA LYS A 66 27.54 49.84 0.73
C LYS A 66 28.20 50.22 -0.58
N ALA A 67 27.48 50.05 -1.70
CA ALA A 67 28.02 50.46 -3.00
C ALA A 67 28.20 51.96 -3.08
N GLU A 68 27.42 52.74 -2.33
CA GLU A 68 27.54 54.19 -2.35
C GLU A 68 28.61 54.70 -1.38
N ARG A 69 28.76 54.05 -0.22
CA ARG A 69 29.79 54.46 0.73
C ARG A 69 31.19 54.12 0.24
N GLU A 70 31.31 53.11 -0.64
CA GLU A 70 32.59 52.77 -1.27
C GLU A 70 32.80 53.52 -2.58
N GLY A 71 31.90 54.42 -2.96
CA GLY A 71 32.04 55.18 -4.18
C GLY A 71 31.96 54.36 -5.45
N ARG A 72 31.62 53.08 -5.36
CA ARG A 72 31.53 52.20 -6.52
C ARG A 72 30.26 52.43 -7.33
N LEU A 73 29.43 53.41 -6.95
CA LEU A 73 28.13 53.59 -7.59
C LEU A 73 27.92 55.07 -7.89
N LYS A 74 27.61 55.38 -9.15
CA LYS A 74 27.30 56.72 -9.58
C LYS A 74 25.93 56.74 -10.25
N ALA A 75 25.31 57.92 -10.27
CA ALA A 75 23.97 58.06 -10.82
C ALA A 75 23.96 57.67 -12.30
N GLY A 76 22.84 57.09 -12.73
CA GLY A 76 22.68 56.63 -14.09
C GLY A 76 23.17 55.22 -14.35
N ASP A 77 23.85 54.59 -13.39
CA ASP A 77 24.38 53.25 -13.58
C ASP A 77 23.26 52.23 -13.73
N THR A 78 23.64 51.03 -14.15
CA THR A 78 22.74 49.90 -14.28
C THR A 78 23.06 48.89 -13.19
N LEU A 79 22.02 48.38 -12.55
CA LEU A 79 22.16 47.35 -11.51
C LEU A 79 21.56 46.06 -12.02
N ILE A 80 22.30 44.96 -11.86
CA ILE A 80 21.86 43.63 -12.25
C ILE A 80 21.85 42.76 -11.00
N GLU A 81 20.81 41.94 -10.88
CA GLU A 81 20.73 41.10 -9.69
C GLU A 81 19.90 39.84 -9.95
N PRO A 82 20.46 38.66 -9.73
CA PRO A 82 19.66 37.44 -9.75
C PRO A 82 18.85 37.32 -8.47
N THR A 83 17.57 36.96 -8.62
CA THR A 83 16.68 36.93 -7.48
C THR A 83 15.53 35.98 -7.75
N SER A 84 14.90 35.53 -6.67
CA SER A 84 13.62 34.84 -6.74
C SER A 84 12.45 35.80 -6.83
N GLY A 85 12.71 37.10 -6.73
CA GLY A 85 11.68 38.11 -6.91
C GLY A 85 11.63 39.23 -5.88
N ASN A 86 11.99 38.94 -4.63
CA ASN A 86 11.88 39.96 -3.59
C ASN A 86 13.07 40.92 -3.60
N THR A 87 14.28 40.38 -3.73
CA THR A 87 15.45 41.25 -3.87
C THR A 87 15.34 42.13 -5.10
N GLY A 88 14.79 41.58 -6.19
CA GLY A 88 14.52 42.41 -7.35
C GLY A 88 13.62 43.59 -7.02
N ILE A 89 12.59 43.35 -6.19
CA ILE A 89 11.68 44.42 -5.79
C ILE A 89 12.42 45.46 -4.94
N GLY A 90 13.20 45.00 -3.96
CA GLY A 90 13.93 45.93 -3.10
C GLY A 90 14.90 46.79 -3.86
N LEU A 91 15.73 46.17 -4.71
CA LEU A 91 16.67 46.92 -5.52
C LEU A 91 15.97 47.81 -6.54
N ALA A 92 14.82 47.39 -7.06
CA ALA A 92 14.06 48.25 -7.96
C ALA A 92 13.55 49.49 -7.23
N LEU A 93 13.10 49.32 -5.99
CA LEU A 93 12.74 50.48 -5.16
C LEU A 93 13.93 51.41 -4.97
N ALA A 94 15.07 50.84 -4.55
CA ALA A 94 16.26 51.66 -4.33
C ALA A 94 16.69 52.39 -5.59
N ALA A 95 16.53 51.75 -6.75
CA ALA A 95 16.94 52.37 -8.00
C ALA A 95 15.96 53.47 -8.43
N ALA A 96 14.65 53.17 -8.39
CA ALA A 96 13.65 54.18 -8.74
C ALA A 96 13.74 55.39 -7.82
N VAL A 97 14.20 55.20 -6.58
CA VAL A 97 14.38 56.34 -5.69
C VAL A 97 15.66 57.09 -6.01
N ARG A 98 16.80 56.40 -5.95
CA ARG A 98 18.10 57.05 -6.08
C ARG A 98 18.59 57.16 -7.53
N GLY A 99 17.75 56.84 -8.50
CA GLY A 99 18.07 57.11 -9.90
C GLY A 99 19.03 56.13 -10.56
N TYR A 100 18.81 54.84 -10.36
CA TYR A 100 19.59 53.81 -11.02
C TYR A 100 18.68 53.00 -11.95
N ARG A 101 19.29 52.35 -12.94
CA ARG A 101 18.55 51.47 -13.83
C ARG A 101 18.63 50.04 -13.30
N MET A 102 17.51 49.33 -13.39
CA MET A 102 17.40 47.98 -12.84
C MET A 102 17.19 46.96 -13.95
N ILE A 103 17.92 45.85 -13.88
CA ILE A 103 17.72 44.70 -14.75
C ILE A 103 17.71 43.47 -13.86
N VAL A 104 16.62 42.70 -13.91
CA VAL A 104 16.37 41.60 -12.99
C VAL A 104 16.40 40.29 -13.76
N THR A 105 17.03 39.28 -13.17
CA THR A 105 17.04 37.92 -13.71
C THR A 105 16.38 37.01 -12.70
N MET A 106 15.30 36.35 -13.11
CA MET A 106 14.54 35.50 -12.20
C MET A 106 14.03 34.25 -12.91
N PRO A 107 14.02 33.11 -12.24
CA PRO A 107 13.56 31.87 -12.89
C PRO A 107 12.09 31.95 -13.25
N ALA A 108 11.72 31.15 -14.26
CA ALA A 108 10.33 31.11 -14.72
C ALA A 108 9.39 30.52 -13.67
N LYS A 109 9.93 29.83 -12.67
CA LYS A 109 9.09 29.26 -11.62
C LYS A 109 8.42 30.34 -10.78
N MET A 110 9.09 31.48 -10.60
CA MET A 110 8.60 32.53 -9.72
C MET A 110 7.29 33.13 -10.25
N SER A 111 6.51 33.70 -9.33
CA SER A 111 5.17 34.16 -9.64
C SER A 111 5.21 35.32 -10.65
N ALA A 112 4.05 35.57 -11.26
CA ALA A 112 3.90 36.66 -12.22
C ALA A 112 3.69 38.02 -11.55
N GLU A 113 3.21 38.04 -10.31
CA GLU A 113 3.01 39.31 -9.61
C GLU A 113 4.33 40.01 -9.37
N LYS A 114 5.38 39.25 -9.03
CA LYS A 114 6.70 39.83 -8.86
C LYS A 114 7.17 40.49 -10.17
N SER A 115 6.95 39.81 -11.29
CA SER A 115 7.31 40.36 -12.60
C SER A 115 6.53 41.63 -12.89
N ASN A 116 5.22 41.62 -12.68
CA ASN A 116 4.41 42.80 -12.95
C ASN A 116 4.84 43.97 -12.08
N ILE A 117 5.17 43.71 -10.81
CA ILE A 117 5.53 44.78 -9.90
C ILE A 117 6.89 45.37 -10.28
N MET A 118 7.86 44.52 -10.61
CA MET A 118 9.14 45.05 -11.05
C MET A 118 9.06 45.70 -12.42
N LYS A 119 8.07 45.35 -13.23
CA LYS A 119 7.82 46.09 -14.46
C LYS A 119 7.26 47.48 -14.17
N CYS A 120 6.33 47.57 -13.21
CA CYS A 120 5.81 48.87 -12.80
C CYS A 120 6.92 49.75 -12.24
N LEU A 121 7.94 49.15 -11.64
CA LEU A 121 9.09 49.87 -11.11
C LEU A 121 10.14 50.18 -12.17
N GLY A 122 9.80 50.03 -13.45
CA GLY A 122 10.74 50.37 -14.51
C GLY A 122 11.96 49.50 -14.59
N ALA A 123 11.85 48.24 -14.20
CA ALA A 123 12.97 47.30 -14.24
C ALA A 123 12.81 46.34 -15.40
N GLU A 124 13.89 46.13 -16.14
CA GLU A 124 13.88 45.13 -17.20
C GLU A 124 13.95 43.73 -16.60
N ILE A 125 13.19 42.81 -17.20
CA ILE A 125 13.04 41.45 -16.67
C ILE A 125 13.47 40.46 -17.74
N VAL A 126 14.50 39.68 -17.42
CA VAL A 126 14.89 38.53 -18.23
C VAL A 126 14.71 37.29 -17.38
N ARG A 127 13.99 36.31 -17.90
CA ARG A 127 13.70 35.10 -17.14
C ARG A 127 14.58 33.95 -17.61
N THR A 128 14.81 32.99 -16.72
CA THR A 128 15.64 31.83 -16.97
C THR A 128 14.82 30.55 -16.75
N PRO A 129 15.18 29.46 -17.42
CA PRO A 129 14.47 28.19 -17.21
C PRO A 129 14.57 27.73 -15.76
N THR A 130 13.53 27.05 -15.30
CA THR A 130 13.47 26.60 -13.91
C THR A 130 14.45 25.46 -13.66
N GLU A 131 14.56 24.52 -14.60
CA GLU A 131 15.35 23.31 -14.40
C GLU A 131 16.85 23.54 -14.53
N ALA A 132 17.30 24.73 -14.92
CA ALA A 132 18.71 24.98 -15.10
C ALA A 132 19.46 24.88 -13.78
N ALA A 133 20.60 24.20 -13.79
CA ALA A 133 21.46 24.11 -12.63
C ALA A 133 22.23 25.42 -12.46
N TRP A 134 22.86 25.57 -11.29
CA TRP A 134 23.61 26.79 -11.02
C TRP A 134 24.82 26.93 -11.94
N ASN A 135 25.38 25.80 -12.41
CA ASN A 135 26.54 25.86 -13.31
C ASN A 135 26.17 26.30 -14.71
N ASP A 136 24.91 26.14 -15.11
CA ASP A 136 24.50 26.49 -16.46
C ASP A 136 24.64 27.98 -16.70
N GLU A 137 25.07 28.34 -17.91
CA GLU A 137 25.07 29.74 -18.31
C GLU A 137 23.68 30.27 -18.59
N ASN A 138 22.67 29.39 -18.61
CA ASN A 138 21.28 29.81 -18.67
C ASN A 138 20.65 29.94 -17.30
N SER A 139 21.43 29.77 -16.23
CA SER A 139 20.96 30.10 -14.90
C SER A 139 20.91 31.62 -14.73
N HIS A 140 20.10 32.08 -13.77
CA HIS A 140 19.97 33.51 -13.54
C HIS A 140 21.30 34.15 -13.18
N MET A 141 22.17 33.43 -12.49
CA MET A 141 23.46 33.99 -12.08
C MET A 141 24.41 34.08 -13.26
N GLY A 142 24.48 33.04 -14.09
CA GLY A 142 25.32 33.10 -15.28
C GLY A 142 24.84 34.14 -16.28
N VAL A 143 23.52 34.25 -16.46
CA VAL A 143 22.97 35.27 -17.35
C VAL A 143 23.26 36.67 -16.81
N ALA A 144 23.18 36.84 -15.48
CA ALA A 144 23.55 38.13 -14.88
C ALA A 144 25.01 38.45 -15.16
N ALA A 145 25.89 37.46 -15.04
CA ALA A 145 27.29 37.67 -15.37
C ALA A 145 27.47 38.07 -16.83
N LYS A 146 26.75 37.41 -17.73
CA LYS A 146 26.84 37.75 -19.15
C LYS A 146 26.39 39.18 -19.41
N LEU A 147 25.28 39.59 -18.79
CA LEU A 147 24.81 40.97 -18.94
C LEU A 147 25.82 41.96 -18.41
N GLN A 148 26.44 41.67 -17.25
CA GLN A 148 27.50 42.53 -16.75
C GLN A 148 28.65 42.63 -17.75
N ARG A 149 28.98 41.53 -18.41
CA ARG A 149 30.08 41.56 -19.36
C ARG A 149 29.72 42.34 -20.62
N GLU A 150 28.46 42.31 -21.03
CA GLU A 150 28.04 42.94 -22.28
C GLU A 150 27.45 44.34 -22.12
N LEU A 151 27.21 44.79 -20.89
CA LEU A 151 26.62 46.10 -20.66
C LEU A 151 27.61 47.05 -20.01
N GLU A 152 27.47 48.33 -20.33
CA GLU A 152 28.33 49.39 -19.81
C GLU A 152 27.76 49.97 -18.53
N ASN A 153 28.65 50.32 -17.60
CA ASN A 153 28.29 50.89 -16.30
C ASN A 153 27.38 49.99 -15.48
N ALA A 154 27.38 48.69 -15.78
CA ALA A 154 26.55 47.74 -15.06
C ALA A 154 27.27 47.22 -13.82
N HIS A 155 26.48 46.89 -12.80
CA HIS A 155 27.02 46.35 -11.56
C HIS A 155 26.14 45.20 -11.09
N ILE A 156 26.77 44.17 -10.54
CA ILE A 156 26.08 43.08 -9.87
C ILE A 156 26.43 43.15 -8.39
N LEU A 157 25.40 43.20 -7.56
CA LEU A 157 25.61 43.20 -6.12
C LEU A 157 25.71 41.80 -5.54
N ASP A 158 25.16 40.80 -6.23
CA ASP A 158 25.40 39.39 -5.96
C ASP A 158 25.03 39.01 -4.52
N GLN A 159 23.73 39.13 -4.25
CA GLN A 159 23.17 38.86 -2.92
C GLN A 159 23.59 37.49 -2.37
N TYR A 160 24.03 36.56 -3.21
CA TYR A 160 24.48 35.27 -2.72
C TYR A 160 25.86 35.32 -2.07
N ASN A 161 26.70 36.30 -2.41
CA ASN A 161 28.05 36.38 -1.87
C ASN A 161 28.40 37.72 -1.22
N ASN A 162 27.55 38.74 -1.31
CA ASN A 162 27.85 40.02 -0.71
C ASN A 162 27.64 39.96 0.81
N THR A 163 28.60 40.52 1.54
CA THR A 163 28.57 40.48 3.00
C THR A 163 27.50 41.39 3.61
N ALA A 164 26.98 42.34 2.83
CA ALA A 164 25.93 43.21 3.36
C ALA A 164 24.70 42.41 3.75
N ASN A 165 24.35 41.39 2.96
CA ASN A 165 23.17 40.58 3.25
C ASN A 165 23.20 39.98 4.63
N PRO A 166 24.23 39.23 5.06
CA PRO A 166 24.24 38.72 6.44
C PRO A 166 24.57 39.80 7.47
N MET A 167 25.47 40.74 7.12
CA MET A 167 25.90 41.73 8.10
C MET A 167 24.76 42.62 8.56
N VAL A 168 23.78 42.89 7.70
CA VAL A 168 22.70 43.78 8.10
C VAL A 168 21.70 43.07 9.00
N HIS A 169 21.35 41.82 8.69
CA HIS A 169 20.55 41.04 9.61
C HIS A 169 21.27 40.83 10.94
N TYR A 170 22.61 40.81 10.91
CA TYR A 170 23.36 40.75 12.16
C TYR A 170 23.34 42.11 12.88
N ASP A 171 23.17 43.20 12.13
CA ASP A 171 23.29 44.54 12.70
C ASP A 171 21.98 45.06 13.28
N VAL A 172 20.89 45.05 12.50
CA VAL A 172 19.66 45.73 12.86
C VAL A 172 18.53 44.73 13.17
N THR A 173 18.29 43.78 12.26
CA THR A 173 17.14 42.90 12.40
C THR A 173 17.25 42.03 13.65
N ALA A 174 18.40 41.38 13.83
CA ALA A 174 18.61 40.59 15.04
C ALA A 174 18.54 41.46 16.28
N GLU A 175 19.05 42.69 16.20
CA GLU A 175 18.93 43.61 17.33
C GLU A 175 17.47 43.99 17.58
N GLU A 176 16.69 44.17 16.51
CA GLU A 176 15.26 44.41 16.67
C GLU A 176 14.58 43.26 17.41
N ILE A 177 14.85 42.02 16.97
CA ILE A 177 14.25 40.86 17.61
C ILE A 177 14.67 40.78 19.08
N ILE A 178 15.94 41.07 19.36
CA ILE A 178 16.42 41.03 20.74
C ILE A 178 15.73 42.08 21.59
N THR A 179 15.61 43.31 21.06
CA THR A 179 15.01 44.39 21.84
C THR A 179 13.53 44.14 22.10
N GLN A 180 12.83 43.52 21.16
CA GLN A 180 11.40 43.29 21.41
C GLN A 180 11.15 42.03 22.23
N CYS A 181 12.01 41.01 22.10
CA CYS A 181 11.92 39.84 22.96
C CYS A 181 12.63 40.04 24.29
N ASP A 182 13.25 41.20 24.51
CA ASP A 182 13.95 41.52 25.76
C ASP A 182 15.01 40.49 26.11
N GLY A 183 15.67 39.92 25.10
CA GLY A 183 16.74 38.98 25.30
C GLY A 183 16.29 37.54 25.46
N ASP A 184 15.07 37.30 25.96
CA ASP A 184 14.58 35.94 26.17
C ASP A 184 14.13 35.38 24.85
N ILE A 185 15.03 34.64 24.18
CA ILE A 185 14.72 33.90 22.97
C ILE A 185 15.24 32.49 23.16
N ASP A 186 14.37 31.50 23.05
CA ASP A 186 14.73 30.11 23.27
C ASP A 186 14.97 29.34 21.97
N MET A 187 14.15 29.59 20.96
CA MET A 187 14.31 28.95 19.65
C MET A 187 14.05 29.99 18.57
N VAL A 188 14.79 29.85 17.47
CA VAL A 188 14.65 30.71 16.31
C VAL A 188 14.54 29.83 15.07
N VAL A 189 13.39 29.88 14.41
CA VAL A 189 13.14 29.11 13.19
C VAL A 189 13.09 30.09 12.04
N ILE A 190 13.88 29.83 11.00
CA ILE A 190 14.07 30.81 9.94
C ILE A 190 14.47 30.06 8.66
N GLY A 191 13.85 30.45 7.56
CA GLY A 191 14.07 29.74 6.31
C GLY A 191 15.48 29.94 5.77
N ALA A 192 15.92 28.98 4.97
CA ALA A 192 17.26 28.98 4.40
C ALA A 192 17.10 29.18 2.89
N GLY A 193 17.20 30.44 2.47
CA GLY A 193 17.23 30.80 1.06
C GLY A 193 18.63 31.18 0.66
N THR A 194 18.90 32.48 0.57
CA THR A 194 20.27 32.94 0.44
C THR A 194 21.10 32.57 1.66
N GLY A 195 20.45 32.28 2.80
CA GLY A 195 21.15 31.96 4.01
C GLY A 195 21.70 33.15 4.76
N GLY A 196 21.63 34.34 4.18
CA GLY A 196 22.15 35.51 4.87
C GLY A 196 21.39 35.86 6.12
N THR A 197 20.05 35.81 6.07
CA THR A 197 19.27 36.19 7.25
C THR A 197 19.50 35.22 8.39
N ILE A 198 19.47 33.92 8.11
CA ILE A 198 19.68 32.96 9.19
C ILE A 198 21.09 33.09 9.75
N THR A 199 22.10 33.19 8.88
CA THR A 199 23.47 33.38 9.35
C THR A 199 23.56 34.59 10.28
N GLY A 200 23.15 35.76 9.79
CA GLY A 200 23.28 36.98 10.58
C GLY A 200 22.50 36.93 11.89
N ILE A 201 21.21 36.58 11.81
CA ILE A 201 20.36 36.59 12.99
C ILE A 201 20.84 35.57 14.01
N GLY A 202 21.09 34.33 13.57
CA GLY A 202 21.56 33.31 14.48
C GLY A 202 22.90 33.66 15.11
N ARG A 203 23.80 34.24 14.33
CA ARG A 203 25.10 34.63 14.88
C ARG A 203 24.93 35.68 15.97
N LYS A 204 24.15 36.74 15.69
CA LYS A 204 23.96 37.77 16.70
C LYS A 204 23.27 37.22 17.95
N ILE A 205 22.27 36.35 17.76
CA ILE A 205 21.52 35.84 18.90
C ILE A 205 22.40 34.92 19.74
N LYS A 206 23.09 33.97 19.11
CA LYS A 206 23.99 33.10 19.85
C LYS A 206 25.12 33.89 20.53
N GLU A 207 25.52 35.02 19.95
CA GLU A 207 26.45 35.90 20.65
C GLU A 207 25.81 36.50 21.90
N ARG A 208 24.58 36.98 21.78
CA ARG A 208 23.88 37.61 22.91
C ARG A 208 22.98 36.65 23.68
N CYS A 209 22.82 35.41 23.23
CA CYS A 209 22.06 34.40 23.95
C CYS A 209 22.50 33.02 23.48
N PRO A 210 23.61 32.48 24.01
CA PRO A 210 24.14 31.22 23.49
C PRO A 210 23.23 30.03 23.72
N LYS A 211 22.33 30.09 24.70
CA LYS A 211 21.44 28.98 24.98
C LYS A 211 20.34 28.83 23.93
N CYS A 212 20.19 29.81 23.05
CA CYS A 212 19.16 29.75 22.02
C CYS A 212 19.51 28.75 20.93
N LYS A 213 18.58 27.85 20.63
CA LYS A 213 18.72 26.97 19.49
C LYS A 213 18.32 27.70 18.21
N VAL A 214 18.95 27.32 17.10
CA VAL A 214 18.66 27.90 15.80
C VAL A 214 18.30 26.76 14.85
N VAL A 215 17.12 26.86 14.25
CA VAL A 215 16.59 25.83 13.36
C VAL A 215 16.42 26.45 11.97
N GLY A 216 16.90 25.75 10.95
CA GLY A 216 16.75 26.17 9.57
C GLY A 216 15.70 25.36 8.85
N VAL A 217 14.99 26.03 7.93
CA VAL A 217 13.93 25.40 7.15
C VAL A 217 14.40 25.29 5.70
N ASP A 218 14.28 24.09 5.13
CA ASP A 218 14.69 23.82 3.77
C ASP A 218 13.58 23.05 3.06
N PRO A 219 13.17 23.46 1.87
CA PRO A 219 12.15 22.70 1.14
C PRO A 219 12.70 21.38 0.63
N LYS A 220 11.83 20.37 0.59
CA LYS A 220 12.21 19.08 0.02
C LYS A 220 12.54 19.27 -1.45
N GLY A 221 13.79 19.07 -1.82
CA GLY A 221 14.25 19.37 -3.16
C GLY A 221 15.61 20.04 -3.17
N SER A 222 15.91 20.77 -2.11
CA SER A 222 17.16 21.48 -1.98
C SER A 222 18.21 20.61 -1.28
N ILE A 223 19.46 21.07 -1.33
CA ILE A 223 20.57 20.32 -0.76
C ILE A 223 21.24 21.18 0.31
N LEU A 224 20.48 22.08 0.92
CA LEU A 224 21.02 22.98 1.94
C LEU A 224 20.95 22.39 3.35
N ALA A 225 20.19 21.33 3.55
CA ALA A 225 20.05 20.73 4.87
C ALA A 225 21.27 19.87 5.20
N VAL A 226 21.49 19.67 6.50
CA VAL A 226 22.59 18.87 7.02
C VAL A 226 22.02 17.83 7.98
N PRO A 227 22.34 16.53 7.82
CA PRO A 227 23.20 15.93 6.79
C PRO A 227 22.46 15.59 5.50
N ASP A 228 23.16 14.91 4.57
CA ASP A 228 22.56 14.55 3.29
C ASP A 228 21.47 13.50 3.41
N SER A 229 21.29 12.88 4.58
CA SER A 229 20.17 11.97 4.78
C SER A 229 18.83 12.70 4.74
N LEU A 230 18.82 14.01 4.93
CA LEU A 230 17.59 14.78 4.93
C LEU A 230 17.17 15.25 3.54
N ASN A 231 18.07 15.22 2.55
CA ASN A 231 17.76 15.74 1.22
C ASN A 231 17.23 14.67 0.27
N ASP A 232 17.36 13.39 0.61
CA ASP A 232 17.03 12.31 -0.31
C ASP A 232 15.53 12.16 -0.57
N GLU A 233 14.66 12.92 0.11
CA GLU A 233 13.22 12.81 -0.10
C GLU A 233 12.88 13.04 -1.57
N LYS A 234 13.17 14.23 -2.08
CA LYS A 234 13.04 14.56 -3.50
C LYS A 234 14.32 15.27 -3.90
N ARG A 235 15.34 14.52 -4.30
CA ARG A 235 16.63 15.14 -4.59
C ARG A 235 16.54 15.98 -5.86
N LEU A 236 16.71 17.30 -5.72
CA LEU A 236 16.77 18.22 -6.84
C LEU A 236 15.48 18.18 -7.67
N GLN A 237 14.36 17.85 -7.02
CA GLN A 237 13.06 17.89 -7.66
C GLN A 237 12.47 19.28 -7.49
N SER A 238 12.05 19.87 -8.61
CA SER A 238 11.47 21.21 -8.56
C SER A 238 10.28 21.25 -7.62
N TYR A 239 10.15 22.35 -6.90
CA TYR A 239 9.07 22.53 -5.93
C TYR A 239 8.40 23.87 -6.15
N GLU A 240 7.20 24.00 -5.61
CA GLU A 240 6.39 25.20 -5.85
C GLU A 240 6.75 26.34 -4.90
N VAL A 241 7.22 26.02 -3.69
CA VAL A 241 7.59 27.06 -2.74
C VAL A 241 8.67 27.95 -3.35
N GLU A 242 8.50 29.26 -3.21
CA GLU A 242 9.39 30.23 -3.85
C GLU A 242 10.18 30.97 -2.78
N GLY A 243 11.49 31.10 -3.00
CA GLY A 243 12.33 31.90 -2.14
C GLY A 243 13.40 31.14 -1.39
N ILE A 244 13.09 29.91 -0.97
CA ILE A 244 13.99 29.12 -0.14
C ILE A 244 14.51 27.93 -0.93
N GLY A 245 15.68 27.44 -0.53
CA GLY A 245 16.27 26.25 -1.11
C GLY A 245 17.02 26.51 -2.40
N TYR A 246 18.20 25.89 -2.52
CA TYR A 246 19.01 26.00 -3.73
C TYR A 246 19.73 24.68 -3.96
N ASP A 247 20.28 24.54 -5.17
CA ASP A 247 21.07 23.37 -5.52
C ASP A 247 22.55 23.56 -5.25
N PHE A 248 22.91 24.46 -4.35
CA PHE A 248 24.30 24.72 -3.96
C PHE A 248 24.29 25.59 -2.72
N VAL A 249 25.42 25.59 -2.01
CA VAL A 249 25.57 26.37 -0.78
C VAL A 249 26.04 27.77 -1.17
N PRO A 250 25.29 28.81 -0.86
CA PRO A 250 25.74 30.18 -1.16
C PRO A 250 26.98 30.55 -0.35
N GLY A 251 27.64 31.62 -0.81
CA GLY A 251 28.85 32.07 -0.16
C GLY A 251 28.63 32.62 1.23
N VAL A 252 27.48 33.25 1.48
CA VAL A 252 27.21 33.87 2.77
C VAL A 252 26.66 32.92 3.80
N LEU A 253 26.25 31.72 3.41
CA LEU A 253 25.63 30.78 4.34
C LEU A 253 26.71 30.09 5.17
N ASP A 254 26.64 30.27 6.49
CA ASP A 254 27.53 29.60 7.43
C ASP A 254 26.69 28.52 8.11
N ARG A 255 26.67 27.33 7.50
CA ARG A 255 25.83 26.24 7.98
C ARG A 255 26.21 25.77 9.39
N LYS A 256 27.34 26.23 9.92
CA LYS A 256 27.73 25.86 11.28
C LYS A 256 26.98 26.64 12.35
N VAL A 257 26.42 27.81 12.02
CA VAL A 257 25.73 28.61 13.02
C VAL A 257 24.36 28.05 13.35
N VAL A 258 23.81 27.18 12.50
CA VAL A 258 22.49 26.58 12.72
C VAL A 258 22.65 25.20 13.31
N ASP A 259 21.81 24.87 14.28
CA ASP A 259 21.91 23.60 15.01
C ASP A 259 21.11 22.48 14.32
N GLU A 260 19.82 22.69 14.14
CA GLU A 260 18.94 21.68 13.55
C GLU A 260 18.51 22.11 12.16
N TRP A 261 18.03 21.14 11.39
CA TRP A 261 17.50 21.37 10.06
C TRP A 261 16.18 20.63 9.90
N VAL A 262 15.21 21.30 9.27
CA VAL A 262 13.89 20.73 9.04
C VAL A 262 13.58 20.79 7.56
N LYS A 263 13.23 19.65 6.97
CA LYS A 263 12.77 19.59 5.60
C LYS A 263 11.26 19.74 5.55
N VAL A 264 10.77 20.58 4.64
CA VAL A 264 9.35 20.88 4.52
C VAL A 264 8.95 20.73 3.05
N GLY A 265 7.81 20.06 2.82
CA GLY A 265 7.29 19.93 1.47
C GLY A 265 6.37 21.07 1.10
N ASP A 266 5.93 21.05 -0.16
CA ASP A 266 5.07 22.12 -0.67
C ASP A 266 3.71 22.12 0.02
N ALA A 267 3.10 20.94 0.14
CA ALA A 267 1.75 20.84 0.69
C ALA A 267 1.67 21.42 2.10
N GLU A 268 2.60 21.02 2.97
CA GLU A 268 2.59 21.53 4.33
C GLU A 268 2.81 23.03 4.37
N SER A 269 3.75 23.54 3.56
CA SER A 269 4.02 24.97 3.51
C SER A 269 2.76 25.75 3.15
N PHE A 270 2.09 25.34 2.08
CA PHE A 270 0.94 26.10 1.60
C PHE A 270 -0.25 25.98 2.56
N THR A 271 -0.52 24.77 3.06
CA THR A 271 -1.65 24.63 3.97
C THR A 271 -1.40 25.40 5.27
N THR A 272 -0.15 25.44 5.74
CA THR A 272 0.16 26.22 6.94
C THR A 272 0.10 27.72 6.67
N ALA A 273 0.47 28.16 5.47
CA ALA A 273 0.31 29.57 5.13
C ALA A 273 -1.17 29.97 5.16
N ARG A 274 -2.03 29.13 4.57
CA ARG A 274 -3.47 29.42 4.64
C ARG A 274 -3.98 29.38 6.07
N ALA A 275 -3.43 28.47 6.90
CA ALA A 275 -3.82 28.43 8.30
C ALA A 275 -3.40 29.70 9.03
N ILE A 276 -2.21 30.22 8.74
CA ILE A 276 -1.76 31.49 9.31
C ILE A 276 -2.73 32.60 8.94
N ILE A 277 -3.02 32.73 7.65
CA ILE A 277 -3.96 33.76 7.20
C ILE A 277 -5.29 33.63 7.93
N ARG A 278 -5.81 32.41 8.02
CA ARG A 278 -7.16 32.21 8.56
C ARG A 278 -7.21 32.44 10.07
N ASN A 279 -6.20 32.00 10.81
CA ASN A 279 -6.28 31.98 12.27
C ASN A 279 -5.67 33.22 12.90
N GLU A 280 -4.61 33.79 12.33
CA GLU A 280 -4.01 35.00 12.88
C GLU A 280 -4.43 36.25 12.13
N GLY A 281 -4.60 36.15 10.81
CA GLY A 281 -4.95 37.32 10.03
C GLY A 281 -3.71 38.05 9.55
N LEU A 282 -2.68 37.28 9.20
CA LEU A 282 -1.44 37.82 8.66
C LEU A 282 -1.38 37.43 7.19
N PHE A 283 -1.51 38.42 6.31
CA PHE A 283 -1.47 38.18 4.87
C PHE A 283 -0.03 37.88 4.48
N VAL A 284 0.30 36.59 4.42
CA VAL A 284 1.68 36.13 4.44
C VAL A 284 1.89 35.21 3.23
N GLY A 285 3.17 34.92 2.95
CA GLY A 285 3.55 34.13 1.79
C GLY A 285 3.74 32.65 2.12
N GLY A 286 4.09 31.90 1.06
CA GLY A 286 4.21 30.45 1.19
C GLY A 286 5.46 30.02 1.95
N SER A 287 6.59 30.66 1.65
CA SER A 287 7.82 30.37 2.39
C SER A 287 7.62 30.56 3.89
N SER A 288 6.77 31.52 4.27
CA SER A 288 6.44 31.68 5.69
C SER A 288 5.64 30.50 6.21
N GLY A 289 4.77 29.93 5.38
CA GLY A 289 4.11 28.69 5.76
C GLY A 289 5.11 27.58 6.02
N ALA A 290 6.11 27.46 5.15
CA ALA A 290 7.17 26.47 5.37
C ALA A 290 7.88 26.72 6.70
N ASN A 291 8.26 27.97 6.95
CA ASN A 291 8.96 28.30 8.19
C ASN A 291 8.11 27.99 9.42
N VAL A 292 6.83 28.33 9.39
CA VAL A 292 5.98 28.12 10.56
C VAL A 292 5.73 26.63 10.77
N TRP A 293 5.59 25.86 9.68
CA TRP A 293 5.44 24.42 9.83
C TRP A 293 6.69 23.79 10.43
N GLY A 294 7.87 24.21 9.95
CA GLY A 294 9.11 23.75 10.57
C GLY A 294 9.20 24.11 12.03
N ALA A 295 8.75 25.32 12.38
CA ALA A 295 8.76 25.75 13.78
C ALA A 295 7.83 24.90 14.63
N LEU A 296 6.64 24.59 14.11
CA LEU A 296 5.71 23.74 14.84
C LEU A 296 6.29 22.34 15.04
N GLN A 297 7.07 21.86 14.08
CA GLN A 297 7.69 20.56 14.26
C GLN A 297 8.87 20.60 15.22
N ALA A 298 9.60 21.72 15.26
CA ALA A 298 10.82 21.81 16.06
C ALA A 298 10.57 22.17 17.52
N ALA A 299 9.78 23.22 17.78
CA ALA A 299 9.57 23.72 19.13
C ALA A 299 8.50 22.95 19.90
N ARG A 300 8.13 21.75 19.44
CA ARG A 300 7.14 20.94 20.14
C ARG A 300 7.59 20.61 21.56
N GLN A 301 8.89 20.39 21.74
CA GLN A 301 9.41 19.99 23.05
C GLN A 301 9.56 21.15 24.02
N LEU A 302 9.41 22.39 23.55
CA LEU A 302 9.52 23.53 24.44
C LEU A 302 8.33 23.59 25.41
N LYS A 303 8.52 24.32 26.49
CA LYS A 303 7.51 24.48 27.53
C LYS A 303 7.05 25.94 27.59
N LYS A 304 6.02 26.17 28.39
CA LYS A 304 5.46 27.52 28.52
C LYS A 304 6.52 28.50 29.01
N GLY A 305 6.40 29.75 28.57
CA GLY A 305 7.34 30.79 28.92
C GLY A 305 8.43 30.95 27.88
N GLN A 306 8.91 29.83 27.35
CA GLN A 306 9.90 29.89 26.29
C GLN A 306 9.28 30.45 25.02
N LYS A 307 10.09 31.15 24.24
CA LYS A 307 9.62 31.85 23.05
C LYS A 307 10.32 31.28 21.82
N CYS A 308 9.53 30.88 20.83
CA CYS A 308 10.05 30.39 19.56
C CYS A 308 9.74 31.44 18.50
N VAL A 309 10.79 32.05 17.97
CA VAL A 309 10.64 33.15 17.00
C VAL A 309 10.71 32.58 15.59
N VAL A 310 9.72 32.93 14.76
CA VAL A 310 9.65 32.48 13.38
C VAL A 310 9.60 33.70 12.48
N LEU A 311 10.34 33.64 11.38
CA LEU A 311 10.34 34.72 10.40
C LEU A 311 9.23 34.51 9.38
N LEU A 312 8.57 35.60 9.02
CA LEU A 312 7.56 35.62 7.96
C LEU A 312 8.10 36.45 6.81
N PRO A 313 8.80 35.85 5.84
CA PRO A 313 9.53 36.65 4.85
C PRO A 313 8.64 37.40 3.87
N ASP A 314 7.60 36.77 3.34
CA ASP A 314 6.88 37.33 2.20
C ASP A 314 5.42 37.62 2.54
N SER A 315 4.84 38.51 1.74
CA SER A 315 3.43 38.85 1.81
C SER A 315 2.63 38.03 0.80
N SER A 316 1.30 38.01 1.00
CA SER A 316 0.43 37.36 0.03
C SER A 316 0.40 38.10 -1.29
N ARG A 317 0.82 39.37 -1.31
CA ARG A 317 0.77 40.18 -2.51
C ARG A 317 1.49 39.53 -3.68
N ASN A 318 2.63 38.88 -3.41
CA ASN A 318 3.39 38.26 -4.48
C ASN A 318 2.82 36.91 -4.90
N TYR A 319 1.97 36.29 -4.08
CA TYR A 319 1.36 35.02 -4.44
C TYR A 319 -0.16 35.13 -4.39
N MET A 320 -0.69 36.30 -4.78
CA MET A 320 -2.12 36.53 -4.72
C MET A 320 -2.87 35.63 -5.68
N SER A 321 -2.36 35.49 -6.90
CA SER A 321 -3.00 34.61 -7.87
C SER A 321 -2.60 33.16 -7.71
N LYS A 322 -1.46 32.87 -7.06
CA LYS A 322 -0.99 31.49 -7.06
C LYS A 322 -1.68 30.64 -6.01
N PHE A 323 -1.51 30.94 -4.73
CA PHE A 323 -2.00 30.00 -3.73
C PHE A 323 -3.09 30.55 -2.83
N ILE A 324 -3.33 31.87 -2.85
CA ILE A 324 -4.52 32.40 -2.19
C ILE A 324 -5.78 31.90 -2.91
N SER A 325 -5.73 31.85 -4.23
CA SER A 325 -6.84 31.30 -5.00
C SER A 325 -6.91 29.78 -4.80
N ASP A 326 -8.02 29.31 -4.25
CA ASP A 326 -8.19 27.88 -4.00
C ASP A 326 -8.18 27.07 -5.29
N GLU A 327 -8.48 27.71 -6.43
CA GLU A 327 -8.47 27.01 -7.71
C GLU A 327 -7.11 26.41 -8.01
N TRP A 328 -6.05 27.19 -7.84
CA TRP A 328 -4.71 26.73 -8.17
C TRP A 328 -4.20 25.69 -7.18
N MET A 329 -4.60 25.80 -5.90
CA MET A 329 -4.23 24.77 -4.94
C MET A 329 -4.97 23.47 -5.21
N ALA A 330 -6.20 23.55 -5.70
CA ALA A 330 -6.90 22.34 -6.12
C ALA A 330 -6.28 21.75 -7.39
N GLU A 331 -5.80 22.61 -8.29
CA GLU A 331 -5.13 22.14 -9.50
C GLU A 331 -3.85 21.39 -9.17
N HIS A 332 -3.18 21.76 -8.08
CA HIS A 332 -1.98 21.07 -7.64
C HIS A 332 -2.25 20.10 -6.50
N GLY A 333 -3.52 19.93 -6.12
CA GLY A 333 -3.91 18.94 -5.13
C GLY A 333 -3.28 19.11 -3.77
N PHE A 334 -3.46 20.30 -3.18
CA PHE A 334 -2.97 20.57 -1.84
C PHE A 334 -4.14 20.71 -0.88
N ALA A 335 -3.99 20.11 0.30
CA ALA A 335 -5.02 20.17 1.32
C ALA A 335 -5.33 21.63 1.65
N PRO A 336 -6.56 22.10 1.43
CA PRO A 336 -6.84 23.54 1.56
C PRO A 336 -6.52 24.08 2.93
N GLU A 337 -7.14 23.52 3.96
CA GLU A 337 -6.93 23.87 5.36
C GLU A 337 -7.82 22.93 6.17
N ASP A 338 -7.58 22.90 7.48
CA ASP A 338 -8.50 22.18 8.36
C ASP A 338 -9.87 22.85 8.36
N GLY A 339 -9.93 24.11 8.77
CA GLY A 339 -11.14 24.91 8.63
C GLY A 339 -11.04 25.94 7.52
N ALA A 340 -11.69 25.67 6.40
CA ALA A 340 -11.66 26.56 5.24
C ALA A 340 -13.05 26.62 4.63
N LYS A 341 -13.28 27.67 3.83
CA LYS A 341 -14.58 27.82 3.18
C LYS A 341 -14.84 26.68 2.20
N VAL A 342 -13.81 26.20 1.52
CA VAL A 342 -13.98 25.12 0.55
C VAL A 342 -14.46 23.86 1.24
N LYS A 343 -13.79 23.46 2.31
CA LYS A 343 -14.20 22.27 3.06
C LYS A 343 -15.57 22.47 3.69
N GLU A 344 -15.88 23.68 4.15
CA GLU A 344 -17.19 23.96 4.72
C GLU A 344 -18.29 23.76 3.68
N ARG A 345 -18.10 24.28 2.47
CA ARG A 345 -19.08 24.10 1.42
C ARG A 345 -19.19 22.65 0.99
N GLU A 346 -18.05 21.95 0.90
CA GLU A 346 -18.09 20.53 0.55
C GLU A 346 -18.81 19.71 1.60
N LYS A 347 -18.71 20.11 2.87
CA LYS A 347 -19.41 19.41 3.94
C LYS A 347 -20.91 19.68 3.90
N GLN A 348 -21.30 20.94 3.74
CA GLN A 348 -22.72 21.27 3.78
C GLN A 348 -23.45 20.79 2.53
N PHE A 349 -22.86 20.99 1.36
CA PHE A 349 -23.53 20.66 0.10
C PHE A 349 -23.26 19.22 -0.32
N GLY A 350 -21.99 18.81 -0.27
CA GLY A 350 -21.65 17.52 -0.83
C GLY A 350 -21.82 17.56 -2.34
N GLY A 351 -22.40 16.50 -2.87
CA GLY A 351 -22.66 16.45 -4.29
C GLY A 351 -24.05 16.88 -4.68
N ALA A 352 -24.73 17.60 -3.78
CA ALA A 352 -26.07 18.06 -4.07
C ALA A 352 -26.04 19.00 -5.27
N ARG A 353 -26.83 18.68 -6.28
CA ARG A 353 -26.89 19.47 -7.50
C ARG A 353 -28.12 20.36 -7.49
N ILE A 354 -28.12 21.33 -8.41
CA ILE A 354 -29.21 22.30 -8.45
C ILE A 354 -30.52 21.67 -8.91
N ARG A 355 -30.46 20.52 -9.59
CA ARG A 355 -31.69 19.79 -9.86
C ARG A 355 -32.41 19.43 -8.58
N ASP A 356 -31.66 18.95 -7.58
CA ASP A 356 -32.26 18.59 -6.30
C ASP A 356 -32.87 19.81 -5.61
N LEU A 357 -32.18 20.95 -5.67
CA LEU A 357 -32.70 22.16 -5.03
C LEU A 357 -33.95 22.66 -5.73
N LEU A 358 -33.92 22.73 -7.06
CA LEU A 358 -35.09 23.18 -7.80
C LEU A 358 -36.27 22.24 -7.63
N SER A 359 -36.01 20.94 -7.44
CA SER A 359 -37.10 19.99 -7.26
C SER A 359 -37.70 20.11 -5.86
N GLU A 360 -36.85 20.20 -4.83
CA GLU A 360 -37.36 20.30 -3.47
C GLU A 360 -38.00 21.65 -3.19
N THR A 361 -37.53 22.71 -3.85
CA THR A 361 -38.11 24.03 -3.65
C THR A 361 -39.46 24.13 -4.34
N GLY A 362 -39.53 23.71 -5.60
CA GLY A 362 -40.75 23.76 -6.37
C GLY A 362 -40.78 24.90 -7.35
N ALA A 363 -40.51 24.60 -8.63
CA ALA A 363 -40.56 25.58 -9.69
C ALA A 363 -41.08 24.90 -10.94
N THR A 364 -41.48 25.71 -11.92
CA THR A 364 -41.97 25.19 -13.19
C THR A 364 -41.24 25.81 -14.38
N SER A 365 -40.05 26.38 -14.15
CA SER A 365 -39.21 26.97 -15.20
C SER A 365 -39.93 28.06 -15.98
N ASP A 366 -40.93 28.70 -15.38
CA ASP A 366 -41.70 29.75 -16.06
C ASP A 366 -41.08 31.12 -15.83
N VAL A 367 -39.79 31.25 -16.13
CA VAL A 367 -39.09 32.52 -15.98
C VAL A 367 -39.29 33.32 -17.27
N PRO A 368 -39.86 34.52 -17.21
CA PRO A 368 -40.14 35.27 -18.43
C PRO A 368 -38.86 35.71 -19.13
N PHE A 369 -38.96 35.91 -20.44
CA PHE A 369 -37.84 36.32 -21.27
C PHE A 369 -38.25 37.48 -22.16
N VAL A 370 -37.27 38.30 -22.54
CA VAL A 370 -37.47 39.44 -23.41
C VAL A 370 -36.25 39.61 -24.30
N THR A 371 -36.45 40.20 -25.47
CA THR A 371 -35.38 40.32 -26.46
C THR A 371 -34.40 41.47 -26.16
N ALA A 372 -34.45 42.03 -24.94
CA ALA A 372 -33.49 42.98 -24.40
C ALA A 372 -33.57 44.36 -25.02
N ARG A 373 -34.49 44.61 -25.95
CA ARG A 373 -34.67 45.97 -26.47
C ARG A 373 -36.13 46.39 -26.42
N LEU A 374 -36.98 45.69 -25.67
CA LEU A 374 -38.32 46.18 -25.40
C LEU A 374 -38.24 47.50 -24.64
N SER A 375 -39.20 48.39 -24.92
CA SER A 375 -39.33 49.58 -24.10
C SER A 375 -39.73 49.20 -22.69
N VAL A 376 -39.28 49.99 -21.71
CA VAL A 376 -39.55 49.66 -20.32
C VAL A 376 -41.05 49.70 -20.03
N GLU A 377 -41.81 50.49 -20.78
CA GLU A 377 -43.25 50.51 -20.61
C GLU A 377 -43.86 49.14 -20.96
N ASP A 378 -43.42 48.56 -22.08
CA ASP A 378 -43.91 47.24 -22.46
C ASP A 378 -43.52 46.18 -21.44
N VAL A 379 -42.28 46.25 -20.93
CA VAL A 379 -41.83 45.23 -20.02
C VAL A 379 -42.52 45.37 -18.66
N ILE A 380 -42.85 46.59 -18.23
CA ILE A 380 -43.57 46.72 -16.97
C ILE A 380 -45.04 46.32 -17.15
N LYS A 381 -45.62 46.56 -18.32
CA LYS A 381 -46.97 46.07 -18.58
C LYS A 381 -47.00 44.54 -18.52
N MET A 382 -46.03 43.89 -19.15
CA MET A 382 -45.96 42.43 -19.11
C MET A 382 -45.70 41.92 -17.70
N MET A 383 -44.85 42.63 -16.94
CA MET A 383 -44.53 42.21 -15.58
C MET A 383 -45.74 42.34 -14.67
N HIS A 384 -46.55 43.38 -14.85
CA HIS A 384 -47.76 43.52 -14.04
C HIS A 384 -48.85 42.56 -14.48
N GLU A 385 -48.91 42.23 -15.77
CA GLU A 385 -49.92 41.28 -16.24
C GLU A 385 -49.57 39.85 -15.86
N THR A 386 -48.28 39.56 -15.68
CA THR A 386 -47.86 38.21 -15.33
C THR A 386 -47.67 38.00 -13.84
N LYS A 387 -47.64 39.09 -13.06
CA LYS A 387 -47.54 39.13 -11.60
C LYS A 387 -46.14 38.78 -11.11
N VAL A 388 -45.21 38.40 -11.99
CA VAL A 388 -43.84 38.09 -11.56
C VAL A 388 -43.14 39.38 -11.16
N LYS A 389 -42.07 39.23 -10.37
CA LYS A 389 -41.24 40.35 -9.94
C LYS A 389 -39.97 40.47 -10.77
N GLU A 390 -39.27 39.37 -10.99
CA GLU A 390 -38.03 39.35 -11.75
C GLU A 390 -38.29 38.95 -13.20
N VAL A 391 -37.35 39.30 -14.08
CA VAL A 391 -37.40 38.91 -15.48
C VAL A 391 -35.97 38.73 -15.96
N ILE A 392 -35.80 37.91 -17.00
CA ILE A 392 -34.48 37.67 -17.60
C ILE A 392 -34.49 38.24 -19.01
N VAL A 393 -33.52 39.12 -19.28
CA VAL A 393 -33.36 39.74 -20.58
C VAL A 393 -32.26 39.01 -21.34
N THR A 394 -32.50 38.77 -22.64
CA THR A 394 -31.58 38.02 -23.49
C THR A 394 -31.60 38.63 -24.89
N GLU A 395 -30.55 38.36 -25.66
CA GLU A 395 -30.42 38.83 -27.02
C GLU A 395 -30.64 37.69 -28.01
N ASP A 396 -30.53 38.02 -29.30
CA ASP A 396 -30.60 37.04 -30.38
C ASP A 396 -29.22 36.59 -30.86
N SER A 397 -28.16 37.30 -30.51
CA SER A 397 -26.81 36.92 -30.89
C SER A 397 -25.86 37.01 -29.70
N LYS A 404 -25.37 33.30 -24.88
CA LYS A 404 -25.89 34.55 -25.44
C LYS A 404 -27.00 35.10 -24.56
N LEU A 405 -26.60 35.64 -23.40
CA LEU A 405 -27.53 36.16 -22.40
C LEU A 405 -27.11 37.57 -22.00
N VAL A 406 -28.10 38.38 -21.66
CA VAL A 406 -27.87 39.77 -21.26
C VAL A 406 -27.87 39.92 -19.75
N GLY A 407 -28.90 39.42 -19.07
CA GLY A 407 -28.87 39.44 -17.61
C GLY A 407 -30.26 39.35 -17.02
N VAL A 408 -30.36 39.86 -15.79
CA VAL A 408 -31.59 39.85 -15.02
C VAL A 408 -32.05 41.28 -14.81
N LEU A 409 -33.32 41.45 -14.48
CA LEU A 409 -33.88 42.78 -14.32
C LEU A 409 -35.09 42.69 -13.39
N SER A 410 -35.14 43.57 -12.40
CA SER A 410 -36.18 43.57 -11.39
C SER A 410 -36.96 44.88 -11.41
N GLU A 411 -38.22 44.81 -10.97
CA GLU A 411 -39.08 45.98 -10.96
C GLU A 411 -38.60 47.07 -10.01
N ASP A 412 -37.94 46.67 -8.92
CA ASP A 412 -37.41 47.65 -7.97
C ASP A 412 -36.40 48.58 -8.63
N HIS A 413 -35.43 47.99 -9.34
CA HIS A 413 -34.48 48.81 -10.07
C HIS A 413 -35.16 49.62 -11.15
N ILE A 414 -36.21 49.07 -11.78
CA ILE A 414 -36.98 49.82 -12.77
C ILE A 414 -37.49 51.12 -12.15
N ALA A 415 -38.25 51.01 -11.06
CA ALA A 415 -38.84 52.18 -10.43
C ALA A 415 -37.77 53.16 -9.97
N HIS A 416 -36.76 52.67 -9.25
CA HIS A 416 -35.77 53.58 -8.67
C HIS A 416 -34.91 54.25 -9.75
N SER A 417 -34.63 53.57 -10.87
CA SER A 417 -33.89 54.21 -11.94
C SER A 417 -34.75 55.18 -12.71
N LEU A 418 -36.05 54.90 -12.87
CA LEU A 418 -36.95 55.87 -13.46
C LEU A 418 -37.02 57.14 -12.61
N GLN A 419 -36.99 56.99 -11.29
CA GLN A 419 -36.96 58.16 -10.41
C GLN A 419 -35.60 58.83 -10.42
N SER A 420 -34.53 58.06 -10.61
CA SER A 420 -33.18 58.60 -10.57
C SER A 420 -32.76 59.28 -11.87
N GLY A 421 -33.59 59.22 -12.91
CA GLY A 421 -33.24 59.85 -14.17
C GLY A 421 -32.26 59.09 -15.02
N ARG A 422 -32.23 57.76 -14.90
CA ARG A 422 -31.38 56.93 -15.74
C ARG A 422 -32.16 56.00 -16.65
N CYS A 423 -33.48 55.92 -16.51
CA CYS A 423 -34.31 54.99 -17.28
C CYS A 423 -35.44 55.78 -17.94
N ALA A 424 -35.30 56.03 -19.24
CA ALA A 424 -36.36 56.67 -20.00
C ALA A 424 -37.46 55.68 -20.32
N MET A 425 -38.68 56.21 -20.53
CA MET A 425 -39.82 55.33 -20.80
C MET A 425 -39.65 54.61 -22.13
N GLN A 426 -39.07 55.27 -23.12
CA GLN A 426 -38.84 54.68 -24.44
C GLN A 426 -37.50 53.97 -24.54
N SER A 427 -36.71 53.93 -23.47
CA SER A 427 -35.40 53.32 -23.51
C SER A 427 -35.51 51.79 -23.53
N PRO A 428 -34.53 51.10 -24.14
CA PRO A 428 -34.56 49.64 -24.12
C PRO A 428 -34.17 49.08 -22.76
N VAL A 429 -34.72 47.92 -22.44
CA VAL A 429 -34.50 47.29 -21.14
C VAL A 429 -33.04 46.88 -20.94
N LYS A 430 -32.25 46.81 -22.02
CA LYS A 430 -30.84 46.42 -21.88
C LYS A 430 -30.05 47.44 -21.08
N ASP A 431 -30.48 48.71 -21.10
CA ASP A 431 -29.71 49.76 -20.43
C ASP A 431 -29.76 49.65 -18.92
N ILE A 432 -30.83 49.07 -18.37
CA ILE A 432 -31.03 49.03 -16.93
C ILE A 432 -30.96 47.63 -16.36
N ALA A 433 -30.75 46.61 -17.19
CA ALA A 433 -30.64 45.26 -16.67
C ALA A 433 -29.30 45.05 -15.99
N PHE A 434 -29.23 44.00 -15.17
CA PHE A 434 -28.00 43.64 -14.49
C PHE A 434 -27.13 42.81 -15.41
N LYS A 435 -25.95 43.32 -15.76
CA LYS A 435 -25.15 42.75 -16.83
C LYS A 435 -24.10 41.77 -16.35
N LYS A 436 -23.86 41.68 -15.04
CA LYS A 436 -22.95 40.69 -14.48
C LYS A 436 -23.73 39.43 -14.15
N LEU A 437 -23.37 38.32 -14.79
CA LEU A 437 -24.11 37.06 -14.62
C LEU A 437 -23.15 35.88 -14.68
N ALA A 438 -23.63 34.76 -14.14
CA ALA A 438 -22.90 33.50 -14.14
C ALA A 438 -23.82 32.40 -14.64
N LYS A 439 -23.41 31.75 -15.73
CA LYS A 439 -24.19 30.68 -16.34
C LYS A 439 -23.86 29.35 -15.68
N ALA A 440 -24.89 28.55 -15.44
CA ALA A 440 -24.75 27.22 -14.85
C ALA A 440 -25.69 26.26 -15.57
N LEU A 441 -25.56 24.98 -15.24
CA LEU A 441 -26.38 23.95 -15.84
C LEU A 441 -26.74 22.92 -14.78
N PRO A 442 -27.90 22.28 -14.91
CA PRO A 442 -28.45 21.47 -13.80
C PRO A 442 -27.51 20.42 -13.23
N SER A 443 -26.55 19.92 -14.00
CA SER A 443 -25.64 18.91 -13.48
C SER A 443 -24.62 19.47 -12.50
N ALA A 444 -24.47 20.80 -12.43
CA ALA A 444 -23.47 21.40 -11.56
C ALA A 444 -23.83 21.21 -10.09
N TYR A 445 -22.81 20.98 -9.28
CA TYR A 445 -23.00 20.79 -7.85
C TYR A 445 -23.30 22.13 -7.16
N LEU A 446 -23.75 22.05 -5.91
CA LEU A 446 -24.01 23.26 -5.15
C LEU A 446 -22.73 23.94 -4.69
N ARG A 447 -21.66 23.17 -4.47
CA ARG A 447 -20.39 23.77 -4.09
C ARG A 447 -19.87 24.67 -5.20
N ASP A 448 -20.04 24.25 -6.45
CA ASP A 448 -19.55 25.04 -7.57
C ASP A 448 -20.35 26.32 -7.75
N VAL A 449 -21.68 26.26 -7.55
CA VAL A 449 -22.46 27.48 -7.63
C VAL A 449 -22.18 28.38 -6.44
N ALA A 450 -21.80 27.80 -5.30
CA ALA A 450 -21.38 28.61 -4.15
C ALA A 450 -20.06 29.32 -4.44
N LYS A 451 -19.13 28.63 -5.10
CA LYS A 451 -17.88 29.28 -5.50
C LYS A 451 -18.13 30.36 -6.54
N ALA A 452 -19.08 30.13 -7.45
CA ALA A 452 -19.40 31.12 -8.47
C ALA A 452 -20.10 32.33 -7.87
N LEU A 453 -20.89 32.13 -6.81
CA LEU A 453 -21.54 33.25 -6.14
C LEU A 453 -20.54 34.14 -5.42
N ASP A 454 -19.34 33.64 -5.12
CA ASP A 454 -18.29 34.48 -4.55
C ASP A 454 -17.89 35.59 -5.50
N PHE A 455 -18.13 35.43 -6.81
CA PHE A 455 -17.71 36.41 -7.80
C PHE A 455 -18.87 36.99 -8.62
N SER A 456 -20.05 36.36 -8.61
CA SER A 456 -21.19 36.86 -9.36
C SER A 456 -22.41 36.94 -8.44
N PRO A 457 -23.21 38.00 -8.57
CA PRO A 457 -24.37 38.14 -7.67
C PRO A 457 -25.47 37.13 -7.93
N TYR A 458 -25.80 36.89 -9.19
CA TYR A 458 -26.81 35.90 -9.56
C TYR A 458 -26.15 34.73 -10.27
N VAL A 459 -26.83 33.58 -10.23
CA VAL A 459 -26.43 32.40 -10.99
C VAL A 459 -27.67 31.91 -11.72
N CYS A 460 -27.64 31.97 -13.05
CA CYS A 460 -28.77 31.54 -13.87
C CYS A 460 -28.45 30.18 -14.49
N VAL A 461 -29.46 29.32 -14.52
CA VAL A 461 -29.29 27.96 -15.02
C VAL A 461 -29.73 27.91 -16.47
N MET A 462 -29.33 26.86 -17.16
CA MET A 462 -29.80 26.61 -18.52
C MET A 462 -29.59 25.15 -18.87
N ASP A 463 -30.45 24.63 -19.75
CA ASP A 463 -30.33 23.24 -20.18
C ASP A 463 -29.29 23.10 -21.29
N GLU A 464 -29.30 24.01 -22.26
CA GLU A 464 -28.31 24.06 -23.34
C GLU A 464 -28.24 22.73 -24.09
N LYS A 465 -29.41 22.25 -24.51
CA LYS A 465 -29.48 21.00 -25.26
C LYS A 465 -29.41 21.25 -26.76
N CYS A 493 -33.94 23.94 -26.76
CA CYS A 493 -34.18 25.36 -26.57
C CYS A 493 -33.43 25.90 -25.37
N PRO A 494 -33.05 27.18 -25.40
CA PRO A 494 -32.45 27.80 -24.21
C PRO A 494 -33.53 28.10 -23.19
N HIS A 495 -33.90 27.05 -22.44
CA HIS A 495 -35.02 27.09 -21.50
C HIS A 495 -34.44 27.06 -20.09
N PHE A 496 -34.18 28.24 -19.55
CA PHE A 496 -33.66 28.36 -18.19
C PHE A 496 -34.78 28.16 -17.18
N LEU A 497 -34.42 27.59 -16.03
CA LEU A 497 -35.40 27.22 -15.03
C LEU A 497 -35.54 28.22 -13.90
N GLY A 498 -34.53 29.06 -13.67
CA GLY A 498 -34.63 30.06 -12.62
C GLY A 498 -33.28 30.68 -12.34
N VAL A 499 -33.29 31.59 -11.37
CA VAL A 499 -32.09 32.28 -10.93
C VAL A 499 -31.78 31.84 -9.50
N ILE A 500 -30.50 31.82 -9.16
CA ILE A 500 -30.03 31.37 -7.87
C ILE A 500 -29.16 32.45 -7.25
N THR A 501 -29.43 32.79 -6.00
CA THR A 501 -28.63 33.72 -5.21
C THR A 501 -28.21 33.04 -3.92
N ARG A 502 -27.37 33.74 -3.14
CA ARG A 502 -26.84 33.16 -1.91
C ARG A 502 -27.94 32.90 -0.89
N ILE A 503 -28.95 33.77 -0.83
CA ILE A 503 -30.02 33.57 0.14
C ILE A 503 -30.84 32.33 -0.21
N ASP A 504 -30.90 31.97 -1.48
CA ASP A 504 -31.57 30.72 -1.86
C ASP A 504 -30.83 29.52 -1.27
N LEU A 505 -29.51 29.48 -1.42
CA LEU A 505 -28.73 28.41 -0.80
C LEU A 505 -28.82 28.46 0.73
N LEU A 506 -28.91 29.64 1.30
CA LEU A 506 -29.06 29.75 2.76
C LEU A 506 -30.38 29.16 3.22
N HIS A 507 -31.46 29.42 2.48
CA HIS A 507 -32.75 28.82 2.84
C HIS A 507 -32.73 27.30 2.65
N TRP A 508 -32.10 26.85 1.56
CA TRP A 508 -31.93 25.41 1.34
C TRP A 508 -31.18 24.76 2.51
N LEU A 509 -30.11 25.40 2.98
CA LEU A 509 -29.38 24.89 4.13
C LEU A 509 -30.19 25.01 5.41
N ALA A 510 -31.10 25.98 5.48
CA ALA A 510 -32.02 26.06 6.61
C ALA A 510 -32.99 24.89 6.62
N THR A 511 -33.30 24.35 5.45
CA THR A 511 -34.09 23.11 5.40
C THR A 511 -33.27 21.89 5.82
N LYS A 512 -31.94 21.98 5.79
CA LYS A 512 -31.07 20.89 6.18
C LYS A 512 -30.52 21.12 7.59
N GLN A 513 -29.62 20.23 8.01
CA GLN A 513 -28.97 20.34 9.31
C GLN A 513 -27.77 19.40 9.41
N ALA B 6 -1.26 -13.28 31.06
CA ALA B 6 -1.25 -14.66 31.54
C ALA B 6 -1.67 -15.62 30.43
N ASP B 7 -2.40 -16.67 30.80
CA ASP B 7 -2.91 -17.65 29.85
C ASP B 7 -4.31 -18.06 30.30
N GLY B 8 -5.33 -17.37 29.78
CA GLY B 8 -6.70 -17.75 30.00
C GLY B 8 -7.42 -18.44 28.85
N PRO B 9 -7.26 -17.92 27.60
CA PRO B 9 -8.06 -18.48 26.49
C PRO B 9 -7.45 -19.70 25.81
N TYR B 10 -6.12 -19.82 25.84
CA TYR B 10 -5.43 -20.91 25.17
C TYR B 10 -4.67 -21.79 26.15
N SER B 11 -4.85 -21.58 27.45
CA SER B 11 -4.16 -22.36 28.48
C SER B 11 -4.58 -23.82 28.50
N GLY B 12 -5.57 -24.21 27.72
CA GLY B 12 -5.96 -25.60 27.64
C GLY B 12 -5.79 -26.18 26.26
N ILE B 13 -6.32 -27.37 26.02
CA ILE B 13 -6.34 -27.97 24.70
C ILE B 13 -7.70 -27.69 24.08
N LEU B 14 -7.72 -27.52 22.77
CA LEU B 14 -8.92 -27.13 22.04
C LEU B 14 -9.55 -28.34 21.37
N ASP B 15 -10.88 -28.38 21.36
CA ASP B 15 -11.58 -29.52 20.78
C ASP B 15 -11.51 -29.52 19.27
N SER B 16 -11.52 -28.35 18.64
CA SER B 16 -11.41 -28.25 17.20
C SER B 16 -10.91 -26.86 16.84
N VAL B 17 -10.62 -26.67 15.56
CA VAL B 17 -10.09 -25.40 15.09
C VAL B 17 -11.11 -24.27 15.26
N LEU B 18 -12.40 -24.61 15.28
CA LEU B 18 -13.44 -23.58 15.40
C LEU B 18 -13.30 -22.79 16.69
N ASP B 19 -12.80 -23.42 17.76
CA ASP B 19 -12.63 -22.72 19.02
C ASP B 19 -11.40 -21.82 19.06
N ALA B 20 -10.59 -21.82 18.00
CA ALA B 20 -9.43 -20.93 17.91
C ALA B 20 -9.74 -19.67 17.12
N ILE B 21 -11.01 -19.41 16.82
CA ILE B 21 -11.41 -18.24 16.05
C ILE B 21 -11.55 -17.06 16.99
N GLY B 22 -11.05 -15.91 16.55
CA GLY B 22 -11.10 -14.70 17.36
C GLY B 22 -9.89 -14.59 18.25
N ASN B 23 -10.07 -13.84 19.34
CA ASN B 23 -9.02 -13.62 20.33
C ASN B 23 -7.76 -13.02 19.71
N THR B 24 -7.95 -12.21 18.68
CA THR B 24 -6.84 -11.65 17.92
C THR B 24 -6.28 -10.42 18.63
N PRO B 25 -4.97 -10.25 18.66
CA PRO B 25 -4.38 -9.14 19.42
C PRO B 25 -4.52 -7.81 18.69
N MET B 26 -4.29 -6.74 19.46
CA MET B 26 -4.29 -5.38 18.97
C MET B 26 -2.87 -4.83 19.07
N VAL B 27 -2.32 -4.36 17.95
CA VAL B 27 -0.96 -3.86 17.92
C VAL B 27 -0.98 -2.37 17.60
N ARG B 28 -0.10 -1.61 18.25
CA ARG B 28 0.01 -0.18 18.01
C ARG B 28 0.96 0.05 16.84
N MET B 29 0.49 0.73 15.81
CA MET B 29 1.29 1.02 14.63
C MET B 29 2.03 2.34 14.84
N LYS B 30 2.96 2.32 15.80
CA LYS B 30 3.74 3.51 16.11
C LYS B 30 4.67 3.87 14.96
N ARG B 31 5.35 2.87 14.39
CA ARG B 31 6.28 3.13 13.29
C ARG B 31 5.54 3.63 12.05
N LEU B 32 4.37 3.05 11.75
CA LEU B 32 3.59 3.51 10.61
C LEU B 32 3.09 4.93 10.82
N ALA B 33 2.66 5.25 12.04
CA ALA B 33 2.25 6.62 12.35
C ALA B 33 3.40 7.60 12.17
N LYS B 34 4.59 7.24 12.67
CA LYS B 34 5.76 8.10 12.46
C LYS B 34 6.09 8.26 10.99
N VAL B 35 5.87 7.22 10.19
CA VAL B 35 6.14 7.30 8.75
C VAL B 35 5.17 8.28 8.10
N TYR B 36 3.88 8.16 8.41
CA TYR B 36 2.88 9.02 7.80
C TYR B 36 2.62 10.30 8.58
N GLY B 37 3.29 10.50 9.72
CA GLY B 37 3.15 11.73 10.46
C GLY B 37 1.81 11.87 11.16
N LEU B 38 1.44 10.89 11.98
CA LEU B 38 0.18 10.91 12.70
C LEU B 38 0.47 10.99 14.20
N GLU B 39 -0.17 11.94 14.87
CA GLU B 39 0.13 12.20 16.28
C GLU B 39 -0.52 11.17 17.18
N CYS B 40 -1.78 10.82 16.92
CA CYS B 40 -2.50 9.91 17.79
C CYS B 40 -1.95 8.49 17.66
N ASP B 41 -2.48 7.60 18.49
CA ASP B 41 -2.09 6.21 18.48
C ASP B 41 -2.96 5.46 17.47
N LEU B 42 -2.32 4.93 16.42
CA LEU B 42 -3.02 4.14 15.42
C LEU B 42 -2.98 2.68 15.85
N LEU B 43 -4.11 2.19 16.35
CA LEU B 43 -4.22 0.80 16.78
C LEU B 43 -4.79 -0.04 15.65
N ALA B 44 -4.31 -1.27 15.54
CA ALA B 44 -4.76 -2.19 14.49
C ALA B 44 -5.21 -3.48 15.15
N LYS B 45 -6.44 -3.88 14.86
CA LYS B 45 -6.98 -5.16 15.29
C LYS B 45 -6.62 -6.21 14.25
N CYS B 46 -5.65 -7.06 14.59
CA CYS B 46 -5.08 -8.01 13.63
C CYS B 46 -6.00 -9.22 13.49
N GLU B 47 -7.10 -9.00 12.77
CA GLU B 47 -8.07 -10.08 12.54
C GLU B 47 -7.49 -11.21 11.71
N PHE B 48 -6.41 -10.98 10.97
CA PHE B 48 -5.85 -12.02 10.11
C PHE B 48 -5.14 -13.12 10.88
N MET B 49 -4.97 -12.98 12.20
CA MET B 49 -4.32 -14.01 12.99
C MET B 49 -5.28 -15.09 13.49
N SER B 50 -6.53 -15.07 13.03
CA SER B 50 -7.46 -16.13 13.36
C SER B 50 -7.01 -17.44 12.70
N ALA B 51 -7.74 -18.52 13.00
CA ALA B 51 -7.39 -19.83 12.48
C ALA B 51 -7.37 -19.83 10.95
N GLY B 52 -8.42 -19.31 10.33
CA GLY B 52 -8.52 -19.26 8.89
C GLY B 52 -8.00 -17.98 8.26
N GLY B 53 -7.41 -17.08 9.04
CA GLY B 53 -6.74 -15.93 8.47
C GLY B 53 -7.66 -14.84 7.96
N SER B 54 -8.81 -14.64 8.60
CA SER B 54 -9.74 -13.60 8.19
C SER B 54 -10.74 -13.35 9.30
N VAL B 55 -11.39 -12.19 9.24
CA VAL B 55 -12.42 -11.87 10.22
C VAL B 55 -13.68 -12.69 9.96
N LYS B 56 -13.92 -13.08 8.71
CA LYS B 56 -15.17 -13.76 8.35
C LYS B 56 -15.29 -15.16 8.95
N ASP B 57 -14.20 -15.71 9.50
CA ASP B 57 -14.31 -16.97 10.23
C ASP B 57 -15.33 -16.89 11.34
N ARG B 58 -15.33 -15.75 12.05
CA ARG B 58 -16.30 -15.52 13.12
C ARG B 58 -17.72 -15.68 12.62
N ILE B 59 -18.06 -14.98 11.53
CA ILE B 59 -19.44 -15.02 11.06
C ILE B 59 -19.77 -16.39 10.50
N GLY B 60 -18.80 -17.07 9.90
CA GLY B 60 -19.06 -18.43 9.43
C GLY B 60 -19.45 -19.36 10.56
N LYS B 61 -18.55 -19.45 11.55
CA LYS B 61 -18.84 -20.25 12.74
C LYS B 61 -20.17 -19.86 13.37
N ALA B 62 -20.46 -18.55 13.42
CA ALA B 62 -21.64 -18.07 14.13
C ALA B 62 -22.92 -18.42 13.38
N MET B 63 -22.92 -18.28 12.06
CA MET B 63 -24.09 -18.68 11.28
C MET B 63 -24.32 -20.18 11.36
N VAL B 64 -23.24 -20.97 11.40
CA VAL B 64 -23.41 -22.40 11.62
C VAL B 64 -24.03 -22.65 12.99
N GLU B 65 -23.56 -21.95 14.02
CA GLU B 65 -24.11 -22.12 15.36
C GLU B 65 -25.59 -21.75 15.41
N LYS B 66 -25.96 -20.67 14.72
CA LYS B 66 -27.37 -20.27 14.68
C LYS B 66 -28.22 -21.29 13.94
N ALA B 67 -27.71 -21.81 12.82
CA ALA B 67 -28.45 -22.84 12.09
C ALA B 67 -28.59 -24.11 12.90
N GLU B 68 -27.65 -24.37 13.81
CA GLU B 68 -27.72 -25.58 14.63
C GLU B 68 -28.62 -25.39 15.85
N ARG B 69 -28.59 -24.21 16.48
CA ARG B 69 -29.44 -23.96 17.62
C ARG B 69 -30.91 -23.82 17.22
N GLU B 70 -31.18 -23.47 15.96
CA GLU B 70 -32.53 -23.45 15.42
C GLU B 70 -32.94 -24.79 14.83
N GLY B 71 -32.08 -25.80 14.92
CA GLY B 71 -32.38 -27.13 14.41
C GLY B 71 -32.57 -27.23 12.90
N ARG B 72 -32.27 -26.13 12.21
CA ARG B 72 -32.40 -26.09 10.75
C ARG B 72 -31.25 -26.80 10.02
N LEU B 73 -30.31 -27.39 10.75
CA LEU B 73 -29.13 -27.98 10.13
C LEU B 73 -28.87 -29.35 10.74
N LYS B 74 -28.77 -30.37 9.90
CA LYS B 74 -28.47 -31.72 10.30
C LYS B 74 -27.23 -32.23 9.57
N ALA B 75 -26.58 -33.23 10.17
CA ALA B 75 -25.33 -33.75 9.60
C ALA B 75 -25.56 -34.32 8.20
N GLY B 76 -24.55 -34.16 7.35
CA GLY B 76 -24.62 -34.59 5.97
C GLY B 76 -25.21 -33.58 5.02
N ASP B 77 -25.78 -32.48 5.52
CA ASP B 77 -26.40 -31.48 4.68
C ASP B 77 -25.35 -30.76 3.83
N THR B 78 -25.84 -29.99 2.87
CA THR B 78 -25.02 -29.18 1.97
C THR B 78 -25.17 -27.71 2.32
N LEU B 79 -24.06 -26.99 2.37
CA LEU B 79 -24.05 -25.56 2.62
C LEU B 79 -23.60 -24.83 1.36
N ILE B 80 -24.36 -23.80 0.97
CA ILE B 80 -24.02 -22.95 -0.15
C ILE B 80 -23.91 -21.53 0.35
N GLU B 81 -22.91 -20.80 -0.13
CA GLU B 81 -22.74 -19.43 0.35
C GLU B 81 -22.02 -18.60 -0.70
N PRO B 82 -22.60 -17.49 -1.15
CA PRO B 82 -21.86 -16.55 -2.00
C PRO B 82 -20.87 -15.76 -1.16
N THR B 83 -19.64 -15.64 -1.64
CA THR B 83 -18.59 -15.03 -0.84
C THR B 83 -17.50 -14.50 -1.75
N SER B 84 -16.72 -13.56 -1.22
CA SER B 84 -15.48 -13.15 -1.87
C SER B 84 -14.32 -14.08 -1.56
N GLY B 85 -14.52 -15.07 -0.69
CA GLY B 85 -13.51 -16.06 -0.42
C GLY B 85 -13.28 -16.35 1.05
N ASN B 86 -13.42 -15.34 1.90
CA ASN B 86 -13.11 -15.53 3.32
C ASN B 86 -14.26 -16.20 4.07
N THR B 87 -15.51 -15.77 3.81
CA THR B 87 -16.65 -16.46 4.39
C THR B 87 -16.73 -17.89 3.89
N GLY B 88 -16.40 -18.10 2.62
CA GLY B 88 -16.31 -19.47 2.11
C GLY B 88 -15.31 -20.31 2.86
N ILE B 89 -14.14 -19.73 3.18
CA ILE B 89 -13.13 -20.46 3.94
C ILE B 89 -13.62 -20.78 5.35
N GLY B 90 -14.21 -19.78 6.03
CA GLY B 90 -14.70 -20.02 7.37
C GLY B 90 -15.78 -21.10 7.42
N LEU B 91 -16.75 -21.01 6.52
CA LEU B 91 -17.78 -22.03 6.45
C LEU B 91 -17.24 -23.37 6.02
N ALA B 92 -16.20 -23.39 5.17
CA ALA B 92 -15.58 -24.65 4.81
C ALA B 92 -14.90 -25.30 6.01
N LEU B 93 -14.25 -24.49 6.85
CA LEU B 93 -13.71 -25.00 8.10
C LEU B 93 -14.82 -25.59 8.98
N ALA B 94 -15.90 -24.82 9.17
CA ALA B 94 -17.00 -25.28 10.01
C ALA B 94 -17.61 -26.57 9.46
N ALA B 95 -17.65 -26.72 8.14
CA ALA B 95 -18.22 -27.93 7.55
C ALA B 95 -17.27 -29.12 7.69
N ALA B 96 -15.99 -28.91 7.35
CA ALA B 96 -15.01 -29.99 7.48
C ALA B 96 -14.89 -30.46 8.92
N VAL B 97 -15.16 -29.59 9.88
CA VAL B 97 -15.15 -30.00 11.28
C VAL B 97 -16.45 -30.71 11.64
N ARG B 98 -17.58 -30.04 11.45
CA ARG B 98 -18.87 -30.54 11.90
C ARG B 98 -19.58 -31.43 10.88
N GLY B 99 -18.91 -31.78 9.78
CA GLY B 99 -19.45 -32.76 8.85
C GLY B 99 -20.54 -32.31 7.91
N TYR B 100 -20.36 -31.16 7.28
CA TYR B 100 -21.28 -30.67 6.25
C TYR B 100 -20.56 -30.59 4.91
N ARG B 101 -21.34 -30.61 3.83
CA ARG B 101 -20.80 -30.45 2.49
C ARG B 101 -20.87 -28.99 2.08
N MET B 102 -19.81 -28.51 1.42
CA MET B 102 -19.66 -27.10 1.07
C MET B 102 -19.67 -26.93 -0.45
N ILE B 103 -20.43 -25.94 -0.91
CA ILE B 103 -20.39 -25.49 -2.30
C ILE B 103 -20.33 -23.96 -2.27
N VAL B 104 -19.31 -23.40 -2.90
CA VAL B 104 -19.01 -21.98 -2.80
C VAL B 104 -19.22 -21.34 -4.17
N THR B 105 -19.83 -20.16 -4.18
CA THR B 105 -19.99 -19.36 -5.39
C THR B 105 -19.26 -18.04 -5.21
N MET B 106 -18.29 -17.78 -6.08
CA MET B 106 -17.44 -16.59 -5.94
C MET B 106 -17.11 -16.01 -7.30
N PRO B 107 -17.01 -14.68 -7.40
CA PRO B 107 -16.69 -14.04 -8.68
C PRO B 107 -15.30 -14.40 -9.18
N ALA B 108 -15.13 -14.31 -10.49
CA ALA B 108 -13.85 -14.62 -11.12
C ALA B 108 -12.76 -13.63 -10.75
N LYS B 109 -13.13 -12.46 -10.22
CA LYS B 109 -12.12 -11.47 -9.83
C LYS B 109 -11.27 -11.96 -8.66
N MET B 110 -11.84 -12.77 -7.77
CA MET B 110 -11.14 -13.16 -6.56
C MET B 110 -9.91 -14.00 -6.88
N SER B 111 -8.95 -13.98 -5.97
CA SER B 111 -7.66 -14.61 -6.19
C SER B 111 -7.79 -16.11 -6.36
N ALA B 112 -6.75 -16.72 -6.93
CA ALA B 112 -6.72 -18.17 -7.11
C ALA B 112 -6.34 -18.92 -5.85
N GLU B 113 -5.65 -18.26 -4.92
CA GLU B 113 -5.28 -18.93 -3.67
C GLU B 113 -6.51 -19.28 -2.84
N LYS B 114 -7.52 -18.39 -2.82
CA LYS B 114 -8.76 -18.70 -2.13
C LYS B 114 -9.43 -19.94 -2.74
N SER B 115 -9.45 -20.03 -4.07
CA SER B 115 -10.03 -21.19 -4.73
C SER B 115 -9.26 -22.46 -4.39
N ASN B 116 -7.92 -22.40 -4.45
CA ASN B 116 -7.12 -23.56 -4.12
C ASN B 116 -7.34 -24.00 -2.67
N ILE B 117 -7.48 -23.04 -1.76
CA ILE B 117 -7.63 -23.37 -0.35
C ILE B 117 -8.99 -24.00 -0.08
N MET B 118 -10.05 -23.44 -0.68
CA MET B 118 -11.36 -24.07 -0.49
C MET B 118 -11.47 -25.39 -1.25
N LYS B 119 -10.64 -25.60 -2.27
CA LYS B 119 -10.56 -26.92 -2.88
C LYS B 119 -9.88 -27.92 -1.94
N CYS B 120 -8.82 -27.49 -1.27
CA CYS B 120 -8.16 -28.35 -0.29
C CYS B 120 -9.09 -28.73 0.84
N LEU B 121 -10.04 -27.85 1.18
CA LEU B 121 -11.03 -28.14 2.21
C LEU B 121 -12.20 -28.97 1.70
N GLY B 122 -12.07 -29.57 0.52
CA GLY B 122 -13.11 -30.44 0.00
C GLY B 122 -14.40 -29.75 -0.37
N ALA B 123 -14.33 -28.49 -0.80
CA ALA B 123 -15.52 -27.72 -1.15
C ALA B 123 -15.62 -27.60 -2.67
N GLU B 124 -16.82 -27.83 -3.19
CA GLU B 124 -17.06 -27.60 -4.61
C GLU B 124 -17.12 -26.11 -4.88
N ILE B 125 -16.52 -25.68 -5.98
CA ILE B 125 -16.38 -24.26 -6.30
C ILE B 125 -17.01 -23.99 -7.65
N VAL B 126 -18.00 -23.10 -7.69
CA VAL B 126 -18.55 -22.59 -8.94
C VAL B 126 -18.25 -21.09 -8.98
N ARG B 127 -17.69 -20.64 -10.09
CA ARG B 127 -17.35 -19.23 -10.23
C ARG B 127 -18.35 -18.53 -11.15
N THR B 128 -18.50 -17.24 -10.94
CA THR B 128 -19.41 -16.38 -11.69
C THR B 128 -18.66 -15.24 -12.34
N PRO B 129 -19.17 -14.68 -13.43
CA PRO B 129 -18.50 -13.53 -14.06
C PRO B 129 -18.42 -12.35 -13.11
N THR B 130 -17.32 -11.58 -13.25
CA THR B 130 -17.08 -10.47 -12.35
C THR B 130 -18.02 -9.31 -12.62
N GLU B 131 -18.27 -8.99 -13.90
CA GLU B 131 -19.03 -7.80 -14.26
C GLU B 131 -20.53 -7.97 -14.07
N ALA B 132 -21.00 -9.17 -13.70
CA ALA B 132 -22.43 -9.39 -13.54
C ALA B 132 -22.97 -8.56 -12.37
N ALA B 133 -24.13 -7.95 -12.59
CA ALA B 133 -24.80 -7.20 -11.54
C ALA B 133 -25.48 -8.15 -10.57
N TRP B 134 -25.91 -7.60 -9.42
CA TRP B 134 -26.57 -8.41 -8.41
C TRP B 134 -27.91 -8.97 -8.89
N ASN B 135 -28.58 -8.26 -9.81
CA ASN B 135 -29.86 -8.72 -10.31
C ASN B 135 -29.72 -9.91 -11.26
N ASP B 136 -28.54 -10.08 -11.87
CA ASP B 136 -28.35 -11.16 -12.84
C ASP B 136 -28.46 -12.52 -12.17
N GLU B 137 -29.06 -13.47 -12.88
CA GLU B 137 -29.09 -14.85 -12.40
C GLU B 137 -27.74 -15.54 -12.55
N ASN B 138 -26.79 -14.91 -13.25
CA ASN B 138 -25.42 -15.39 -13.28
C ASN B 138 -24.56 -14.73 -12.22
N SER B 139 -25.14 -13.90 -11.36
CA SER B 139 -24.44 -13.42 -10.19
C SER B 139 -24.27 -14.56 -9.20
N HIS B 140 -23.29 -14.42 -8.31
CA HIS B 140 -23.03 -15.47 -7.34
C HIS B 140 -24.23 -15.73 -6.45
N MET B 141 -25.02 -14.70 -6.15
CA MET B 141 -26.18 -14.88 -5.28
C MET B 141 -27.31 -15.59 -6.02
N GLY B 142 -27.58 -15.19 -7.27
CA GLY B 142 -28.58 -15.87 -8.05
C GLY B 142 -28.22 -17.31 -8.34
N VAL B 143 -26.94 -17.57 -8.64
CA VAL B 143 -26.48 -18.93 -8.88
C VAL B 143 -26.61 -19.76 -7.60
N ALA B 144 -26.30 -19.16 -6.45
CA ALA B 144 -26.48 -19.85 -5.18
C ALA B 144 -27.94 -20.21 -4.95
N ALA B 145 -28.86 -19.28 -5.26
CA ALA B 145 -30.28 -19.58 -5.14
C ALA B 145 -30.70 -20.71 -6.07
N LYS B 146 -30.19 -20.70 -7.30
CA LYS B 146 -30.51 -21.79 -8.24
C LYS B 146 -30.01 -23.13 -7.70
N LEU B 147 -28.79 -23.16 -7.16
CA LEU B 147 -28.26 -24.38 -6.57
C LEU B 147 -29.12 -24.85 -5.40
N GLN B 148 -29.55 -23.92 -4.56
CA GLN B 148 -30.45 -24.27 -3.47
C GLN B 148 -31.73 -24.90 -3.99
N ARG B 149 -32.26 -24.37 -5.11
CA ARG B 149 -33.48 -24.93 -5.66
C ARG B 149 -33.27 -26.30 -6.28
N GLU B 150 -32.09 -26.55 -6.86
CA GLU B 150 -31.85 -27.81 -7.57
C GLU B 150 -31.13 -28.86 -6.74
N LEU B 151 -30.68 -28.55 -5.53
CA LEU B 151 -29.96 -29.50 -4.70
C LEU B 151 -30.78 -29.88 -3.48
N GLU B 152 -30.59 -31.12 -3.01
CA GLU B 152 -31.31 -31.64 -1.87
C GLU B 152 -30.54 -31.35 -0.59
N ASN B 153 -31.26 -31.08 0.49
CA ASN B 153 -30.70 -30.79 1.81
C ASN B 153 -29.77 -29.59 1.79
N ALA B 154 -29.91 -28.72 0.81
CA ALA B 154 -29.05 -27.55 0.70
C ALA B 154 -29.58 -26.40 1.55
N HIS B 155 -28.66 -25.59 2.05
CA HIS B 155 -28.99 -24.42 2.85
C HIS B 155 -28.13 -23.26 2.42
N ILE B 156 -28.70 -22.07 2.37
CA ILE B 156 -27.96 -20.84 2.14
C ILE B 156 -28.04 -20.02 3.43
N LEU B 157 -26.89 -19.65 3.96
CA LEU B 157 -26.85 -18.82 5.16
C LEU B 157 -26.87 -17.33 4.83
N ASP B 158 -26.44 -16.94 3.61
CA ASP B 158 -26.66 -15.60 3.06
C ASP B 158 -26.03 -14.52 3.96
N GLN B 159 -24.70 -14.55 4.05
CA GLN B 159 -23.97 -13.62 4.90
C GLN B 159 -24.35 -12.17 4.65
N TYR B 160 -24.99 -11.86 3.52
CA TYR B 160 -25.43 -10.50 3.26
C TYR B 160 -26.69 -10.12 4.05
N ASN B 161 -27.51 -11.10 4.43
CA ASN B 161 -28.77 -10.80 5.12
C ASN B 161 -28.97 -11.54 6.44
N ASN B 162 -28.11 -12.48 6.81
CA ASN B 162 -28.27 -13.19 8.07
C ASN B 162 -27.83 -12.27 9.22
N THR B 163 -28.66 -12.24 10.28
CA THR B 163 -28.39 -11.34 11.39
C THR B 163 -27.20 -11.78 12.24
N ALA B 164 -26.78 -13.05 12.12
CA ALA B 164 -25.63 -13.51 12.91
C ALA B 164 -24.38 -12.71 12.56
N ASN B 165 -24.20 -12.39 11.27
CA ASN B 165 -23.01 -11.65 10.83
C ASN B 165 -22.84 -10.32 11.56
N PRO B 166 -23.82 -9.40 11.58
CA PRO B 166 -23.62 -8.16 12.36
C PRO B 166 -23.76 -8.39 13.86
N MET B 167 -24.64 -9.30 14.27
CA MET B 167 -24.90 -9.51 15.69
C MET B 167 -23.66 -10.00 16.41
N VAL B 168 -22.79 -10.75 15.73
CA VAL B 168 -21.60 -11.29 16.37
C VAL B 168 -20.54 -10.21 16.53
N HIS B 169 -20.32 -9.39 15.51
CA HIS B 169 -19.45 -8.24 15.66
C HIS B 169 -19.97 -7.29 16.74
N TYR B 170 -21.29 -7.26 16.94
CA TYR B 170 -21.85 -6.50 18.06
C TYR B 170 -21.62 -7.20 19.39
N ASP B 171 -21.50 -8.53 19.39
CA ASP B 171 -21.46 -9.30 20.63
C ASP B 171 -20.04 -9.50 21.17
N VAL B 172 -19.12 -10.03 20.35
CA VAL B 172 -17.83 -10.49 20.84
C VAL B 172 -16.68 -9.59 20.37
N THR B 173 -16.62 -9.28 19.07
CA THR B 173 -15.48 -8.56 18.52
C THR B 173 -15.39 -7.15 19.12
N ALA B 174 -16.51 -6.43 19.11
CA ALA B 174 -16.52 -5.10 19.71
C ALA B 174 -16.19 -5.15 21.19
N GLU B 175 -16.66 -6.18 21.90
CA GLU B 175 -16.31 -6.33 23.30
C GLU B 175 -14.82 -6.58 23.47
N GLU B 176 -14.21 -7.34 22.56
CA GLU B 176 -12.76 -7.53 22.59
C GLU B 176 -12.04 -6.19 22.43
N ILE B 177 -12.44 -5.40 21.43
CA ILE B 177 -11.82 -4.10 21.20
C ILE B 177 -11.98 -3.22 22.43
N ILE B 178 -13.16 -3.21 23.04
CA ILE B 178 -13.41 -2.38 24.21
C ILE B 178 -12.53 -2.83 25.38
N THR B 179 -12.46 -4.14 25.62
CA THR B 179 -11.70 -4.64 26.76
C THR B 179 -10.22 -4.38 26.61
N GLN B 180 -9.68 -4.43 25.38
CA GLN B 180 -8.25 -4.15 25.25
C GLN B 180 -7.95 -2.66 25.17
N CYS B 181 -8.88 -1.86 24.64
CA CYS B 181 -8.73 -0.40 24.65
C CYS B 181 -9.20 0.23 25.96
N ASP B 182 -9.69 -0.57 26.91
CA ASP B 182 -10.17 -0.08 28.20
C ASP B 182 -11.26 0.98 28.04
N GLY B 183 -12.06 0.87 26.99
CA GLY B 183 -13.17 1.75 26.74
C GLY B 183 -12.82 3.04 26.01
N ASP B 184 -11.59 3.53 26.16
CA ASP B 184 -11.18 4.79 25.54
C ASP B 184 -10.84 4.53 24.07
N ILE B 185 -11.82 4.79 23.19
CA ILE B 185 -11.63 4.73 21.74
C ILE B 185 -12.19 6.01 21.15
N ASP B 186 -11.38 6.71 20.36
CA ASP B 186 -11.79 7.99 19.78
C ASP B 186 -12.28 7.88 18.35
N MET B 187 -11.63 7.07 17.52
CA MET B 187 -12.06 6.87 16.14
C MET B 187 -11.91 5.41 15.77
N VAL B 188 -12.83 4.92 14.95
CA VAL B 188 -12.80 3.55 14.45
C VAL B 188 -13.00 3.60 12.94
N VAL B 189 -12.00 3.16 12.19
CA VAL B 189 -12.04 3.11 10.73
C VAL B 189 -12.09 1.64 10.33
N ILE B 190 -13.04 1.30 9.46
CA ILE B 190 -13.34 -0.10 9.19
C ILE B 190 -13.93 -0.21 7.79
N GLY B 191 -13.47 -1.20 7.04
CA GLY B 191 -13.90 -1.36 5.67
C GLY B 191 -15.35 -1.79 5.58
N ALA B 192 -15.98 -1.46 4.46
CA ALA B 192 -17.39 -1.74 4.22
C ALA B 192 -17.50 -2.79 3.11
N GLY B 193 -17.69 -4.05 3.49
CA GLY B 193 -17.97 -5.10 2.55
C GLY B 193 -19.43 -5.47 2.59
N THR B 194 -19.76 -6.58 3.26
CA THR B 194 -21.16 -6.85 3.56
C THR B 194 -21.75 -5.82 4.52
N GLY B 195 -20.90 -5.05 5.21
CA GLY B 195 -21.35 -4.06 6.16
C GLY B 195 -21.71 -4.59 7.54
N GLY B 196 -21.70 -5.90 7.75
CA GLY B 196 -22.04 -6.43 9.06
C GLY B 196 -21.05 -6.04 10.14
N THR B 197 -19.75 -6.10 9.83
CA THR B 197 -18.74 -5.83 10.85
C THR B 197 -18.80 -4.37 11.31
N ILE B 198 -18.91 -3.43 10.36
CA ILE B 198 -18.97 -2.02 10.74
C ILE B 198 -20.25 -1.75 11.52
N THR B 199 -21.39 -2.27 11.03
CA THR B 199 -22.64 -2.11 11.74
C THR B 199 -22.52 -2.56 13.19
N GLY B 200 -22.14 -3.82 13.40
CA GLY B 200 -22.07 -4.35 14.75
C GLY B 200 -21.08 -3.62 15.64
N ILE B 201 -19.84 -3.47 15.17
CA ILE B 201 -18.80 -2.87 16.00
C ILE B 201 -19.14 -1.42 16.32
N GLY B 202 -19.48 -0.63 15.30
CA GLY B 202 -19.83 0.76 15.53
C GLY B 202 -21.03 0.92 16.44
N ARG B 203 -22.04 0.06 16.29
CA ARG B 203 -23.21 0.13 17.16
C ARG B 203 -22.82 -0.12 18.61
N LYS B 204 -22.07 -1.19 18.86
CA LYS B 204 -21.67 -1.53 20.23
C LYS B 204 -20.79 -0.43 20.81
N ILE B 205 -19.87 0.12 20.02
CA ILE B 205 -18.95 1.13 20.52
C ILE B 205 -19.70 2.42 20.85
N LYS B 206 -20.53 2.90 19.93
CA LYS B 206 -21.32 4.09 20.20
C LYS B 206 -22.26 3.89 21.38
N GLU B 207 -22.71 2.65 21.62
CA GLU B 207 -23.46 2.37 22.83
C GLU B 207 -22.59 2.55 24.07
N ARG B 208 -21.36 2.02 24.04
CA ARG B 208 -20.47 2.13 25.19
C ARG B 208 -19.51 3.31 25.11
N CYS B 209 -19.51 4.06 24.00
CA CYS B 209 -18.71 5.28 23.90
C CYS B 209 -19.31 6.14 22.78
N PRO B 210 -20.35 6.92 23.07
CA PRO B 210 -21.03 7.66 21.99
C PRO B 210 -20.19 8.73 21.33
N LYS B 211 -19.17 9.28 22.01
CA LYS B 211 -18.34 10.32 21.41
C LYS B 211 -17.39 9.78 20.35
N CYS B 212 -17.26 8.46 20.23
CA CYS B 212 -16.35 7.89 19.24
C CYS B 212 -16.91 8.05 17.84
N LYS B 213 -16.09 8.58 16.93
CA LYS B 213 -16.46 8.63 15.53
C LYS B 213 -16.23 7.28 14.87
N VAL B 214 -17.06 6.99 13.86
CA VAL B 214 -16.96 5.75 13.10
C VAL B 214 -16.83 6.12 11.63
N VAL B 215 -15.78 5.61 10.99
CA VAL B 215 -15.47 5.94 9.60
C VAL B 215 -15.57 4.67 8.76
N GLY B 216 -16.27 4.74 7.65
CA GLY B 216 -16.39 3.63 6.72
C GLY B 216 -15.53 3.86 5.49
N VAL B 217 -14.95 2.78 4.97
CA VAL B 217 -14.09 2.83 3.80
C VAL B 217 -14.78 2.06 2.68
N ASP B 218 -14.85 2.68 1.50
CA ASP B 218 -15.49 2.09 0.33
C ASP B 218 -14.56 2.25 -0.87
N PRO B 219 -14.31 1.22 -1.65
CA PRO B 219 -13.45 1.36 -2.82
C PRO B 219 -14.11 2.20 -3.90
N LYS B 220 -13.28 2.96 -4.62
CA LYS B 220 -13.77 3.73 -5.76
C LYS B 220 -14.33 2.78 -6.80
N GLY B 221 -15.64 2.82 -7.00
CA GLY B 221 -16.31 1.85 -7.84
C GLY B 221 -17.61 1.36 -7.24
N SER B 222 -17.67 1.36 -5.90
CA SER B 222 -18.87 0.92 -5.19
C SER B 222 -19.78 2.10 -4.91
N ILE B 223 -21.02 1.79 -4.50
CA ILE B 223 -22.03 2.81 -4.28
C ILE B 223 -22.53 2.80 -2.84
N LEU B 224 -21.68 2.36 -1.91
CA LEU B 224 -22.06 2.28 -0.50
C LEU B 224 -21.76 3.55 0.28
N ALA B 225 -21.00 4.48 -0.28
CA ALA B 225 -20.66 5.69 0.44
C ALA B 225 -21.83 6.66 0.46
N VAL B 226 -21.81 7.55 1.45
CA VAL B 226 -22.85 8.56 1.63
C VAL B 226 -22.18 9.93 1.70
N PRO B 227 -22.59 10.90 0.87
CA PRO B 227 -23.64 10.78 -0.14
C PRO B 227 -23.13 10.22 -1.47
N ASP B 228 -23.99 10.22 -2.50
CA ASP B 228 -23.61 9.68 -3.80
C ASP B 228 -22.53 10.51 -4.49
N SER B 229 -22.16 11.67 -3.93
CA SER B 229 -21.04 12.44 -4.46
C SER B 229 -19.71 11.71 -4.36
N LEU B 230 -19.60 10.73 -3.47
CA LEU B 230 -18.35 10.01 -3.31
C LEU B 230 -18.21 8.86 -4.30
N ASN B 231 -19.30 8.45 -4.94
CA ASN B 231 -19.27 7.32 -5.86
C ASN B 231 -18.99 7.73 -7.29
N ASP B 232 -19.10 9.02 -7.63
CA ASP B 232 -18.99 9.45 -9.01
C ASP B 232 -17.57 9.39 -9.56
N GLU B 233 -16.57 9.08 -8.73
CA GLU B 233 -15.19 8.99 -9.21
C GLU B 233 -15.08 7.97 -10.34
N LYS B 234 -15.38 6.70 -10.04
CA LYS B 234 -15.44 5.63 -11.03
C LYS B 234 -16.74 4.87 -10.73
N ARG B 235 -17.85 5.30 -11.33
CA ARG B 235 -19.12 4.67 -11.02
C ARG B 235 -19.19 3.27 -11.62
N LEU B 236 -19.29 2.26 -10.74
CA LEU B 236 -19.47 0.87 -11.13
C LEU B 236 -18.33 0.36 -11.99
N GLN B 237 -17.13 0.91 -11.79
CA GLN B 237 -15.92 0.42 -12.46
C GLN B 237 -15.28 -0.67 -11.62
N SER B 238 -15.02 -1.82 -12.25
CA SER B 238 -14.38 -2.93 -11.56
C SER B 238 -13.03 -2.52 -10.99
N TYR B 239 -12.71 -3.05 -9.81
CA TYR B 239 -11.47 -2.75 -9.11
C TYR B 239 -10.80 -4.04 -8.66
N GLU B 240 -9.51 -3.93 -8.35
CA GLU B 240 -8.72 -5.11 -8.02
C GLU B 240 -8.86 -5.52 -6.56
N VAL B 241 -9.12 -4.57 -5.66
CA VAL B 241 -9.27 -4.88 -4.24
C VAL B 241 -10.42 -5.85 -4.03
N GLU B 242 -10.18 -6.85 -3.18
CA GLU B 242 -11.12 -7.94 -2.93
C GLU B 242 -11.67 -7.82 -1.50
N GLY B 243 -12.98 -7.98 -1.37
CA GLY B 243 -13.60 -8.04 -0.06
C GLY B 243 -14.57 -6.91 0.26
N ILE B 244 -14.28 -5.71 -0.21
CA ILE B 244 -15.07 -4.53 0.13
C ILE B 244 -15.78 -4.02 -1.11
N GLY B 245 -16.90 -3.33 -0.88
CA GLY B 245 -17.63 -2.68 -1.95
C GLY B 245 -18.58 -3.59 -2.72
N TYR B 246 -19.79 -3.08 -2.98
CA TYR B 246 -20.78 -3.82 -3.76
C TYR B 246 -21.60 -2.82 -4.58
N ASP B 247 -22.35 -3.35 -5.54
CA ASP B 247 -23.25 -2.56 -6.36
C ASP B 247 -24.66 -2.48 -5.78
N PHE B 248 -24.81 -2.70 -4.48
CA PHE B 248 -26.10 -2.63 -3.81
C PHE B 248 -25.85 -2.66 -2.30
N VAL B 249 -26.84 -2.19 -1.55
CA VAL B 249 -26.74 -2.11 -0.09
C VAL B 249 -27.19 -3.45 0.47
N PRO B 250 -26.32 -4.18 1.19
CA PRO B 250 -26.74 -5.45 1.79
C PRO B 250 -27.79 -5.25 2.87
N GLY B 251 -28.47 -6.34 3.20
CA GLY B 251 -29.55 -6.27 4.18
C GLY B 251 -29.07 -5.93 5.58
N VAL B 252 -27.87 -6.40 5.94
CA VAL B 252 -27.37 -6.19 7.30
C VAL B 252 -26.72 -4.83 7.49
N LEU B 253 -26.43 -4.10 6.42
CA LEU B 253 -25.75 -2.82 6.53
C LEU B 253 -26.74 -1.73 6.94
N ASP B 254 -26.50 -1.12 8.10
CA ASP B 254 -27.27 0.02 8.58
C ASP B 254 -26.36 1.24 8.44
N ARG B 255 -26.42 1.88 7.27
CA ARG B 255 -25.54 3.00 6.96
C ARG B 255 -25.75 4.20 7.88
N LYS B 256 -26.78 4.19 8.72
CA LYS B 256 -27.01 5.29 9.64
C LYS B 256 -26.07 5.26 10.85
N VAL B 257 -25.49 4.10 11.17
CA VAL B 257 -24.64 4.01 12.35
C VAL B 257 -23.26 4.61 12.11
N VAL B 258 -22.87 4.81 10.85
CA VAL B 258 -21.55 5.34 10.52
C VAL B 258 -21.68 6.83 10.23
N ASP B 259 -20.70 7.60 10.71
CA ASP B 259 -20.74 9.05 10.60
C ASP B 259 -20.13 9.53 9.27
N GLU B 260 -18.87 9.19 9.05
CA GLU B 260 -18.13 9.63 7.87
C GLU B 260 -17.88 8.47 6.92
N TRP B 261 -17.55 8.81 5.68
CA TRP B 261 -17.19 7.85 4.65
C TRP B 261 -15.95 8.34 3.91
N VAL B 262 -15.04 7.41 3.62
CA VAL B 262 -13.82 7.71 2.88
C VAL B 262 -13.73 6.77 1.69
N LYS B 263 -13.56 7.33 0.49
CA LYS B 263 -13.34 6.54 -0.72
C LYS B 263 -11.85 6.33 -0.93
N VAL B 264 -11.49 5.09 -1.27
CA VAL B 264 -10.10 4.69 -1.48
C VAL B 264 -9.99 3.92 -2.78
N GLY B 265 -8.97 4.26 -3.57
CA GLY B 265 -8.70 3.54 -4.81
C GLY B 265 -7.78 2.35 -4.60
N ASP B 266 -7.56 1.61 -5.69
CA ASP B 266 -6.74 0.40 -5.62
C ASP B 266 -5.28 0.73 -5.33
N ALA B 267 -4.72 1.70 -6.05
CA ALA B 267 -3.30 2.00 -5.93
C ALA B 267 -2.92 2.36 -4.49
N GLU B 268 -3.69 3.27 -3.87
CA GLU B 268 -3.40 3.65 -2.50
C GLU B 268 -3.54 2.47 -1.56
N SER B 269 -4.59 1.66 -1.75
CA SER B 269 -4.80 0.48 -0.92
C SER B 269 -3.59 -0.44 -0.94
N PHE B 270 -3.11 -0.77 -2.15
CA PHE B 270 -2.02 -1.72 -2.28
C PHE B 270 -0.70 -1.14 -1.77
N THR B 271 -0.41 0.13 -2.11
CA THR B 271 0.85 0.71 -1.64
C THR B 271 0.85 0.85 -0.12
N THR B 272 -0.31 1.15 0.48
CA THR B 272 -0.38 1.24 1.93
C THR B 272 -0.31 -0.13 2.59
N ALA B 273 -0.86 -1.17 1.95
CA ALA B 273 -0.70 -2.52 2.47
C ALA B 273 0.77 -2.93 2.49
N ARG B 274 1.49 -2.63 1.39
CA ARG B 274 2.92 -2.94 1.36
C ARG B 274 3.68 -2.12 2.38
N ALA B 275 3.27 -0.87 2.60
CA ALA B 275 3.91 -0.06 3.64
C ALA B 275 3.68 -0.66 5.03
N ILE B 276 2.47 -1.16 5.27
CA ILE B 276 2.16 -1.85 6.53
C ILE B 276 3.10 -3.04 6.71
N ILE B 277 3.18 -3.90 5.71
CA ILE B 277 4.06 -5.07 5.77
C ILE B 277 5.49 -4.65 6.06
N ARG B 278 5.96 -3.61 5.35
CA ARG B 278 7.36 -3.22 5.44
C ARG B 278 7.70 -2.61 6.80
N ASN B 279 6.82 -1.77 7.34
CA ASN B 279 7.16 -0.98 8.52
C ASN B 279 6.69 -1.61 9.83
N GLU B 280 5.55 -2.30 9.84
CA GLU B 280 5.06 -2.93 11.05
C GLU B 280 5.35 -4.42 11.11
N GLY B 281 5.31 -5.12 9.98
CA GLY B 281 5.53 -6.55 9.97
C GLY B 281 4.26 -7.36 10.16
N LEU B 282 3.17 -6.88 9.58
CA LEU B 282 1.88 -7.55 9.62
C LEU B 282 1.59 -8.10 8.23
N PHE B 283 1.62 -9.42 8.08
CA PHE B 283 1.36 -10.02 6.78
C PHE B 283 -0.14 -9.89 6.49
N VAL B 284 -0.49 -8.84 5.75
CA VAL B 284 -1.85 -8.34 5.71
C VAL B 284 -2.29 -8.22 4.25
N GLY B 285 -3.60 -8.06 4.06
CA GLY B 285 -4.19 -8.02 2.75
C GLY B 285 -4.39 -6.61 2.21
N GLY B 286 -4.95 -6.55 1.00
CA GLY B 286 -5.11 -5.26 0.33
C GLY B 286 -6.22 -4.42 0.93
N SER B 287 -7.38 -5.03 1.20
CA SER B 287 -8.48 -4.30 1.83
C SER B 287 -8.03 -3.66 3.14
N SER B 288 -7.11 -4.30 3.86
CA SER B 288 -6.57 -3.69 5.07
C SER B 288 -5.72 -2.48 4.75
N GLY B 289 -4.98 -2.51 3.64
CA GLY B 289 -4.30 -1.32 3.17
C GLY B 289 -5.26 -0.19 2.89
N ALA B 290 -6.40 -0.50 2.25
CA ALA B 290 -7.44 0.50 2.04
C ALA B 290 -7.95 1.07 3.36
N ASN B 291 -8.23 0.19 4.32
CA ASN B 291 -8.72 0.64 5.63
C ASN B 291 -7.71 1.55 6.31
N VAL B 292 -6.42 1.20 6.25
CA VAL B 292 -5.40 1.98 6.94
C VAL B 292 -5.21 3.33 6.25
N TRP B 293 -5.28 3.37 4.92
CA TRP B 293 -5.17 4.65 4.23
C TRP B 293 -6.36 5.55 4.56
N GLY B 294 -7.57 4.97 4.55
CA GLY B 294 -8.74 5.75 4.96
C GLY B 294 -8.62 6.26 6.38
N ALA B 295 -8.07 5.44 7.28
CA ALA B 295 -7.86 5.87 8.65
C ALA B 295 -6.86 7.02 8.73
N LEU B 296 -5.78 6.94 7.98
CA LEU B 296 -4.80 8.02 7.97
C LEU B 296 -5.40 9.31 7.43
N GLN B 297 -6.33 9.21 6.48
CA GLN B 297 -6.98 10.42 5.98
C GLN B 297 -8.04 10.95 6.96
N ALA B 298 -8.67 10.06 7.72
CA ALA B 298 -9.77 10.50 8.60
C ALA B 298 -9.26 11.01 9.95
N ALA B 299 -8.39 10.26 10.60
CA ALA B 299 -7.89 10.60 11.94
C ALA B 299 -6.76 11.60 11.92
N ARG B 300 -6.54 12.29 10.80
CA ARG B 300 -5.49 13.30 10.73
C ARG B 300 -5.68 14.39 11.77
N GLN B 301 -6.94 14.75 12.04
CA GLN B 301 -7.24 15.85 12.95
C GLN B 301 -7.14 15.47 14.42
N LEU B 302 -7.03 14.18 14.73
CA LEU B 302 -6.90 13.79 16.13
C LEU B 302 -5.54 14.22 16.67
N LYS B 303 -5.46 14.31 18.00
CA LYS B 303 -4.25 14.72 18.69
C LYS B 303 -3.70 13.56 19.52
N LYS B 304 -2.52 13.79 20.08
CA LYS B 304 -1.83 12.77 20.86
C LYS B 304 -2.69 12.27 22.00
N GLY B 305 -2.55 10.99 22.32
CA GLY B 305 -3.34 10.33 23.35
C GLY B 305 -4.58 9.64 22.81
N GLN B 306 -5.24 10.27 21.84
CA GLN B 306 -6.41 9.67 21.21
C GLN B 306 -6.02 8.44 20.40
N LYS B 307 -6.96 7.50 20.29
CA LYS B 307 -6.72 6.21 19.65
C LYS B 307 -7.64 6.05 18.45
N CYS B 308 -7.05 5.73 17.30
CA CYS B 308 -7.80 5.44 16.07
C CYS B 308 -7.66 3.96 15.78
N VAL B 309 -8.78 3.23 15.86
CA VAL B 309 -8.79 1.78 15.70
C VAL B 309 -9.10 1.42 14.25
N VAL B 310 -8.26 0.57 13.65
CA VAL B 310 -8.43 0.12 12.28
C VAL B 310 -8.51 -1.40 12.27
N LEU B 311 -9.42 -1.94 11.46
CA LEU B 311 -9.54 -3.37 11.27
C LEU B 311 -8.64 -3.84 10.13
N LEU B 312 -8.00 -4.99 10.33
CA LEU B 312 -7.19 -5.64 9.30
C LEU B 312 -7.87 -6.95 8.92
N PRO B 313 -8.73 -6.96 7.89
CA PRO B 313 -9.56 -8.15 7.66
C PRO B 313 -8.80 -9.38 7.18
N ASP B 314 -7.87 -9.22 6.24
CA ASP B 314 -7.30 -10.37 5.53
C ASP B 314 -5.79 -10.47 5.74
N SER B 315 -5.29 -11.67 5.52
CA SER B 315 -3.86 -11.97 5.54
C SER B 315 -3.27 -11.90 4.13
N SER B 316 -1.94 -11.83 4.08
CA SER B 316 -1.25 -11.91 2.79
C SER B 316 -1.41 -13.26 2.13
N ARG B 317 -1.76 -14.29 2.90
CA ARG B 317 -1.87 -15.65 2.38
C ARG B 317 -2.80 -15.72 1.17
N ASN B 318 -3.89 -14.97 1.20
CA ASN B 318 -4.85 -15.02 0.11
C ASN B 318 -4.43 -14.21 -1.11
N TYR B 319 -3.48 -13.29 -0.95
CA TYR B 319 -2.99 -12.46 -2.05
C TYR B 319 -1.49 -12.64 -2.23
N MET B 320 -1.01 -13.86 -2.00
CA MET B 320 0.42 -14.12 -2.04
C MET B 320 0.99 -13.93 -3.44
N SER B 321 0.30 -14.46 -4.45
CA SER B 321 0.77 -14.31 -5.81
C SER B 321 0.35 -13.00 -6.45
N LYS B 322 -0.68 -12.33 -5.92
CA LYS B 322 -1.23 -11.18 -6.64
C LYS B 322 -0.41 -9.91 -6.40
N PHE B 323 -0.36 -9.42 -5.15
CA PHE B 323 0.28 -8.13 -4.95
C PHE B 323 1.50 -8.19 -4.05
N ILE B 324 1.73 -9.31 -3.34
CA ILE B 324 3.00 -9.48 -2.67
C ILE B 324 4.11 -9.58 -3.70
N SER B 325 3.86 -10.30 -4.80
CA SER B 325 4.80 -10.35 -5.91
C SER B 325 4.76 -9.02 -6.66
N ASP B 326 5.89 -8.32 -6.68
CA ASP B 326 5.96 -7.02 -7.33
C ASP B 326 5.71 -7.09 -8.83
N GLU B 327 5.86 -8.27 -9.43
CA GLU B 327 5.64 -8.43 -10.87
C GLU B 327 4.21 -8.04 -11.26
N TRP B 328 3.22 -8.55 -10.51
CA TRP B 328 1.84 -8.28 -10.86
C TRP B 328 1.45 -6.83 -10.55
N MET B 329 2.03 -6.24 -9.51
CA MET B 329 1.75 -4.83 -9.25
C MET B 329 2.37 -3.93 -10.31
N ALA B 330 3.53 -4.32 -10.84
CA ALA B 330 4.10 -3.60 -11.97
C ALA B 330 3.27 -3.79 -13.24
N GLU B 331 2.69 -4.99 -13.41
CA GLU B 331 1.83 -5.22 -14.56
C GLU B 331 0.59 -4.33 -14.54
N HIS B 332 0.13 -3.96 -13.35
CA HIS B 332 -0.97 -3.01 -13.22
C HIS B 332 -0.51 -1.61 -12.88
N GLY B 333 0.80 -1.38 -12.80
CA GLY B 333 1.34 -0.05 -12.61
C GLY B 333 0.91 0.63 -11.32
N PHE B 334 1.19 0.00 -10.18
CA PHE B 334 0.89 0.56 -8.87
C PHE B 334 2.19 0.96 -8.19
N ALA B 335 2.18 2.13 -7.57
CA ALA B 335 3.37 2.64 -6.87
C ALA B 335 3.82 1.64 -5.81
N PRO B 336 5.02 1.07 -5.93
CA PRO B 336 5.42 -0.03 -5.04
C PRO B 336 5.41 0.31 -3.56
N GLU B 337 6.18 1.33 -3.17
CA GLU B 337 6.23 1.80 -1.78
C GLU B 337 7.19 2.99 -1.74
N ASP B 338 7.15 3.70 -0.62
CA ASP B 338 8.16 4.73 -0.37
C ASP B 338 9.54 4.09 -0.20
N GLY B 339 9.68 3.25 0.82
CA GLY B 339 10.88 2.44 0.95
C GLY B 339 10.64 0.99 0.55
N ALA B 340 11.08 0.61 -0.64
CA ALA B 340 10.89 -0.74 -1.14
C ALA B 340 12.16 -1.19 -1.85
N LYS B 341 12.29 -2.52 -1.99
CA LYS B 341 13.44 -3.06 -2.69
C LYS B 341 13.45 -2.65 -4.15
N VAL B 342 12.28 -2.55 -4.78
CA VAL B 342 12.21 -2.20 -6.19
C VAL B 342 12.74 -0.78 -6.42
N LYS B 343 12.27 0.18 -5.63
CA LYS B 343 12.74 1.55 -5.78
C LYS B 343 14.22 1.67 -5.43
N GLU B 344 14.68 0.92 -4.43
CA GLU B 344 16.10 0.96 -4.08
C GLU B 344 16.97 0.45 -5.23
N ARG B 345 16.58 -0.66 -5.85
CA ARG B 345 17.33 -1.19 -6.98
C ARG B 345 17.29 -0.24 -8.17
N GLU B 346 16.12 0.36 -8.44
CA GLU B 346 16.04 1.33 -9.54
C GLU B 346 16.88 2.56 -9.25
N LYS B 347 17.02 2.92 -7.97
CA LYS B 347 17.83 4.08 -7.59
C LYS B 347 19.31 3.79 -7.78
N GLN B 348 19.77 2.62 -7.32
CA GLN B 348 21.19 2.32 -7.40
C GLN B 348 21.62 2.01 -8.83
N PHE B 349 20.83 1.24 -9.57
CA PHE B 349 21.24 0.79 -10.89
C PHE B 349 20.84 1.76 -11.99
N GLY B 350 19.59 2.23 -11.99
CA GLY B 350 19.12 3.05 -13.10
C GLY B 350 19.02 2.26 -14.38
N GLY B 351 19.49 2.86 -15.47
CA GLY B 351 19.48 2.19 -16.76
C GLY B 351 20.78 1.46 -17.06
N ALA B 352 21.58 1.23 -16.03
CA ALA B 352 22.84 0.52 -16.19
C ALA B 352 22.59 -0.92 -16.60
N ARG B 353 23.23 -1.33 -17.70
CA ARG B 353 23.12 -2.69 -18.22
C ARG B 353 24.36 -3.50 -17.84
N ILE B 354 24.26 -4.82 -18.01
CA ILE B 354 25.36 -5.70 -17.62
C ILE B 354 26.58 -5.52 -18.51
N ARG B 355 26.41 -4.96 -19.71
CA ARG B 355 27.56 -4.61 -20.54
C ARG B 355 28.49 -3.65 -19.80
N ASP B 356 27.92 -2.64 -19.13
CA ASP B 356 28.73 -1.70 -18.38
C ASP B 356 29.50 -2.40 -17.27
N LEU B 357 28.87 -3.35 -16.58
CA LEU B 357 29.54 -4.06 -15.50
C LEU B 357 30.69 -4.91 -16.04
N LEU B 358 30.44 -5.67 -17.10
CA LEU B 358 31.51 -6.50 -17.68
C LEU B 358 32.64 -5.66 -18.25
N SER B 359 32.33 -4.46 -18.76
CA SER B 359 33.38 -3.60 -19.32
C SER B 359 34.22 -2.98 -18.22
N GLU B 360 33.57 -2.45 -17.17
CA GLU B 360 34.32 -1.82 -16.09
C GLU B 360 35.09 -2.85 -15.27
N THR B 361 34.57 -4.09 -15.20
CA THR B 361 35.28 -5.13 -14.46
C THR B 361 36.48 -5.63 -15.25
N GLY B 362 36.29 -5.95 -16.52
CA GLY B 362 37.38 -6.46 -17.34
C GLY B 362 37.30 -7.96 -17.51
N ALA B 363 36.84 -8.40 -18.68
CA ALA B 363 36.74 -9.83 -18.97
C ALA B 363 37.13 -10.07 -20.42
N THR B 364 37.38 -11.33 -20.75
CA THR B 364 37.74 -11.71 -22.12
C THR B 364 36.82 -12.82 -22.64
N SER B 365 35.67 -13.03 -22.00
CA SER B 365 34.66 -14.00 -22.43
C SER B 365 35.24 -15.41 -22.58
N ASP B 366 36.36 -15.70 -21.93
CA ASP B 366 36.98 -17.02 -22.00
C ASP B 366 36.48 -17.93 -20.87
N VAL B 367 35.17 -18.05 -20.77
CA VAL B 367 34.55 -18.89 -19.75
C VAL B 367 34.51 -20.32 -20.30
N PRO B 368 35.13 -21.27 -19.61
CA PRO B 368 35.22 -22.64 -20.15
C PRO B 368 33.86 -23.30 -20.25
N PHE B 369 33.76 -24.23 -21.19
CA PHE B 369 32.54 -24.99 -21.45
C PHE B 369 32.90 -26.46 -21.58
N VAL B 370 31.92 -27.32 -21.26
CA VAL B 370 32.08 -28.76 -21.35
C VAL B 370 30.76 -29.37 -21.80
N THR B 371 30.84 -30.55 -22.43
CA THR B 371 29.67 -31.18 -23.01
C THR B 371 28.80 -31.91 -22.00
N ALA B 372 29.01 -31.67 -20.70
CA ALA B 372 28.17 -32.11 -19.59
C ALA B 372 28.24 -33.61 -19.34
N ARG B 373 29.06 -34.36 -20.10
CA ARG B 373 29.27 -35.76 -19.79
C ARG B 373 30.75 -36.12 -19.75
N LEU B 374 31.63 -35.11 -19.68
CA LEU B 374 33.03 -35.41 -19.37
C LEU B 374 33.12 -36.05 -17.99
N SER B 375 34.05 -36.99 -17.86
CA SER B 375 34.36 -37.51 -16.55
C SER B 375 34.94 -36.40 -15.69
N VAL B 376 34.67 -36.46 -14.39
CA VAL B 376 35.14 -35.40 -13.51
C VAL B 376 36.66 -35.33 -13.50
N GLU B 377 37.33 -36.45 -13.79
CA GLU B 377 38.78 -36.44 -13.91
C GLU B 377 39.24 -35.57 -15.08
N ASP B 378 38.60 -35.72 -16.23
CA ASP B 378 38.94 -34.89 -17.38
C ASP B 378 38.65 -33.41 -17.10
N VAL B 379 37.53 -33.12 -16.45
CA VAL B 379 37.18 -31.72 -16.21
C VAL B 379 38.10 -31.09 -15.18
N ILE B 380 38.56 -31.87 -14.18
CA ILE B 380 39.51 -31.29 -13.24
C ILE B 380 40.90 -31.16 -13.86
N LYS B 381 41.27 -32.07 -14.76
CA LYS B 381 42.51 -31.89 -15.51
C LYS B 381 42.47 -30.61 -16.34
N MET B 382 41.35 -30.37 -17.04
CA MET B 382 41.22 -29.15 -17.82
C MET B 382 41.20 -27.92 -16.91
N MET B 383 40.54 -28.02 -15.75
CA MET B 383 40.44 -26.89 -14.83
C MET B 383 41.80 -26.55 -14.25
N HIS B 384 42.61 -27.56 -13.93
CA HIS B 384 43.95 -27.32 -13.40
C HIS B 384 44.92 -26.87 -14.49
N GLU B 385 44.74 -27.35 -15.73
CA GLU B 385 45.61 -26.93 -16.81
C GLU B 385 45.30 -25.51 -17.27
N THR B 386 44.06 -25.07 -17.11
CA THR B 386 43.67 -23.70 -17.47
C THR B 386 43.72 -22.75 -16.29
N LYS B 387 43.83 -23.25 -15.06
CA LYS B 387 43.96 -22.49 -13.82
C LYS B 387 42.65 -21.84 -13.40
N VAL B 388 41.58 -21.97 -14.18
CA VAL B 388 40.30 -21.40 -13.79
C VAL B 388 39.73 -22.17 -12.61
N LYS B 389 38.82 -21.52 -11.89
CA LYS B 389 38.11 -22.12 -10.76
C LYS B 389 36.71 -22.60 -11.12
N GLU B 390 35.93 -21.74 -11.78
CA GLU B 390 34.57 -22.07 -12.18
C GLU B 390 34.54 -22.54 -13.63
N VAL B 391 33.50 -23.29 -13.96
CA VAL B 391 33.26 -23.75 -15.32
C VAL B 391 31.75 -23.83 -15.53
N ILE B 392 31.33 -23.71 -16.79
CA ILE B 392 29.93 -23.81 -17.15
C ILE B 392 29.75 -25.08 -17.96
N VAL B 393 28.83 -25.93 -17.51
CA VAL B 393 28.52 -27.19 -18.17
C VAL B 393 27.27 -27.00 -19.00
N THR B 394 27.28 -27.55 -20.21
CA THR B 394 26.20 -27.40 -21.18
C THR B 394 26.03 -28.68 -21.97
N GLU B 395 24.85 -28.85 -22.55
CA GLU B 395 24.53 -30.01 -23.37
C GLU B 395 24.53 -29.63 -24.84
N ASP B 396 24.23 -30.63 -25.68
CA ASP B 396 24.07 -30.44 -27.11
C ASP B 396 22.62 -30.26 -27.54
N SER B 397 21.66 -30.58 -26.66
CA SER B 397 20.25 -30.40 -26.96
C SER B 397 19.53 -29.71 -25.80
N LYS B 404 19.68 -23.92 -23.97
CA LYS B 404 20.08 -25.30 -23.75
C LYS B 404 21.35 -25.36 -22.92
N LEU B 405 21.21 -25.07 -21.63
CA LEU B 405 22.32 -24.98 -20.70
C LEU B 405 22.04 -25.84 -19.48
N VAL B 406 23.10 -26.39 -18.90
CA VAL B 406 22.98 -27.26 -17.74
C VAL B 406 23.26 -26.53 -16.42
N GLY B 407 24.38 -25.81 -16.33
CA GLY B 407 24.60 -25.01 -15.15
C GLY B 407 26.08 -24.69 -14.94
N VAL B 408 26.41 -24.45 -13.69
CA VAL B 408 27.75 -24.05 -13.29
C VAL B 408 28.34 -25.17 -12.42
N LEU B 409 29.66 -25.16 -12.32
CA LEU B 409 30.35 -26.20 -11.57
C LEU B 409 31.71 -25.65 -11.12
N SER B 410 32.02 -25.83 -9.83
CA SER B 410 33.23 -25.30 -9.25
C SER B 410 34.09 -26.42 -8.68
N GLU B 411 35.41 -26.16 -8.61
CA GLU B 411 36.33 -27.18 -8.10
C GLU B 411 36.07 -27.49 -6.63
N ASP B 412 35.58 -26.52 -5.87
CA ASP B 412 35.26 -26.74 -4.47
C ASP B 412 34.18 -27.81 -4.32
N HIS B 413 33.09 -27.67 -5.07
CA HIS B 413 32.04 -28.69 -5.06
C HIS B 413 32.57 -30.01 -5.57
N ILE B 414 33.48 -29.99 -6.55
CA ILE B 414 34.11 -31.22 -7.03
C ILE B 414 34.77 -31.96 -5.87
N ALA B 415 35.67 -31.26 -5.16
CA ALA B 415 36.40 -31.90 -4.07
C ALA B 415 35.45 -32.39 -2.99
N HIS B 416 34.51 -31.54 -2.57
CA HIS B 416 33.62 -31.91 -1.47
C HIS B 416 32.69 -33.06 -1.84
N SER B 417 32.28 -33.14 -3.11
CA SER B 417 31.46 -34.26 -3.55
C SER B 417 32.29 -35.53 -3.68
N LEU B 418 33.56 -35.42 -4.08
CA LEU B 418 34.43 -36.59 -4.07
C LEU B 418 34.62 -37.12 -2.66
N GLN B 419 34.74 -36.22 -1.68
CA GLN B 419 34.87 -36.64 -0.30
C GLN B 419 33.55 -37.13 0.30
N SER B 420 32.42 -36.58 -0.15
CA SER B 420 31.13 -36.97 0.41
C SER B 420 30.58 -38.26 -0.16
N GLY B 421 31.24 -38.84 -1.17
CA GLY B 421 30.76 -40.08 -1.75
C GLY B 421 29.60 -39.92 -2.70
N ARG B 422 29.46 -38.77 -3.34
CA ARG B 422 28.44 -38.54 -4.35
C ARG B 422 28.99 -38.31 -5.74
N CYS B 423 30.30 -38.19 -5.89
CA CYS B 423 30.93 -37.89 -7.18
C CYS B 423 32.00 -38.94 -7.46
N ALA B 424 31.68 -39.89 -8.32
CA ALA B 424 32.66 -40.87 -8.75
C ALA B 424 33.62 -40.24 -9.75
N MET B 425 34.83 -40.80 -9.83
CA MET B 425 35.84 -40.25 -10.73
C MET B 425 35.41 -40.40 -12.19
N GLN B 426 34.72 -41.49 -12.52
CA GLN B 426 34.25 -41.74 -13.87
C GLN B 426 32.87 -41.17 -14.15
N SER B 427 32.26 -40.49 -13.17
CA SER B 427 30.91 -39.98 -13.36
C SER B 427 30.94 -38.75 -14.26
N PRO B 428 29.84 -38.49 -14.98
CA PRO B 428 29.77 -37.28 -15.80
C PRO B 428 29.61 -36.05 -14.93
N VAL B 429 30.11 -34.92 -15.44
CA VAL B 429 30.07 -33.67 -14.68
C VAL B 429 28.63 -33.21 -14.44
N LYS B 430 27.67 -33.75 -15.18
CA LYS B 430 26.28 -33.35 -14.99
C LYS B 430 25.75 -33.75 -13.62
N ASP B 431 26.30 -34.80 -13.01
CA ASP B 431 25.79 -35.28 -11.73
C ASP B 431 26.07 -34.30 -10.61
N ILE B 432 27.14 -33.51 -10.72
CA ILE B 432 27.58 -32.64 -9.64
C ILE B 432 27.46 -31.16 -9.98
N ALA B 433 26.99 -30.83 -11.18
CA ALA B 433 26.87 -29.43 -11.53
C ALA B 433 25.69 -28.79 -10.81
N PHE B 434 25.71 -27.46 -10.74
CA PHE B 434 24.62 -26.70 -10.16
C PHE B 434 23.54 -26.49 -11.22
N LYS B 435 22.35 -27.03 -10.97
CA LYS B 435 21.33 -27.15 -12.01
C LYS B 435 20.33 -25.99 -12.00
N LYS B 436 20.35 -25.14 -10.99
CA LYS B 436 19.50 -23.96 -10.96
C LYS B 436 20.27 -22.79 -11.55
N LEU B 437 19.75 -22.23 -12.65
CA LEU B 437 20.42 -21.13 -13.34
C LEU B 437 19.40 -20.15 -13.89
N ALA B 438 19.88 -18.94 -14.18
CA ALA B 438 19.06 -17.87 -14.74
C ALA B 438 19.79 -17.29 -15.95
N LYS B 439 19.14 -17.35 -17.11
CA LYS B 439 19.73 -16.85 -18.35
C LYS B 439 19.43 -15.36 -18.51
N ALA B 440 20.44 -14.62 -18.97
CA ALA B 440 20.31 -13.21 -19.24
C ALA B 440 21.06 -12.88 -20.53
N LEU B 441 20.91 -11.63 -20.98
CA LEU B 441 21.53 -11.18 -22.21
C LEU B 441 22.04 -9.75 -22.01
N PRO B 442 23.10 -9.36 -22.71
CA PRO B 442 23.80 -8.10 -22.38
C PRO B 442 22.91 -6.86 -22.31
N SER B 443 21.79 -6.83 -23.04
CA SER B 443 20.93 -5.64 -23.01
C SER B 443 20.14 -5.53 -21.72
N ALA B 444 20.06 -6.59 -20.92
CA ALA B 444 19.25 -6.55 -19.71
C ALA B 444 19.83 -5.58 -18.69
N TYR B 445 18.95 -4.89 -17.98
CA TYR B 445 19.38 -3.95 -16.97
C TYR B 445 19.86 -4.69 -15.72
N LEU B 446 20.53 -3.95 -14.83
CA LEU B 446 21.00 -4.53 -13.59
C LEU B 446 19.85 -4.75 -12.61
N ARG B 447 18.79 -3.96 -12.70
CA ARG B 447 17.62 -4.18 -11.85
C ARG B 447 16.99 -5.53 -12.14
N ASP B 448 16.95 -5.94 -13.41
CA ASP B 448 16.34 -7.22 -13.75
C ASP B 448 17.20 -8.39 -13.29
N VAL B 449 18.52 -8.28 -13.39
CA VAL B 449 19.37 -9.36 -12.89
C VAL B 449 19.36 -9.39 -11.36
N ALA B 450 19.15 -8.23 -10.72
CA ALA B 450 18.99 -8.21 -9.26
C ALA B 450 17.69 -8.88 -8.85
N LYS B 451 16.62 -8.65 -9.62
CA LYS B 451 15.35 -9.33 -9.35
C LYS B 451 15.46 -10.83 -9.60
N ALA B 452 16.23 -11.23 -10.62
CA ALA B 452 16.41 -12.64 -10.90
C ALA B 452 17.29 -13.32 -9.85
N LEU B 453 18.23 -12.58 -9.26
CA LEU B 453 19.06 -13.15 -8.20
C LEU B 453 18.29 -13.42 -6.93
N ASP B 454 17.13 -12.78 -6.74
CA ASP B 454 16.28 -13.12 -5.60
C ASP B 454 15.77 -14.56 -5.68
N PHE B 455 15.77 -15.15 -6.87
CA PHE B 455 15.26 -16.50 -7.08
C PHE B 455 16.30 -17.47 -7.61
N SER B 456 17.43 -16.98 -8.13
CA SER B 456 18.49 -17.84 -8.64
C SER B 456 19.83 -17.43 -8.05
N PRO B 457 20.67 -18.40 -7.66
CA PRO B 457 21.96 -18.03 -7.08
C PRO B 457 22.92 -17.43 -8.09
N TYR B 458 23.01 -18.01 -9.29
CA TYR B 458 23.85 -17.49 -10.35
C TYR B 458 22.99 -16.95 -11.49
N VAL B 459 23.57 -16.03 -12.26
CA VAL B 459 22.96 -15.50 -13.47
C VAL B 459 24.02 -15.53 -14.57
N CYS B 460 23.79 -16.31 -15.60
CA CYS B 460 24.73 -16.43 -16.71
C CYS B 460 24.22 -15.63 -17.90
N VAL B 461 25.15 -14.95 -18.58
CA VAL B 461 24.82 -14.10 -19.71
C VAL B 461 25.01 -14.90 -20.99
N MET B 462 24.42 -14.41 -22.08
CA MET B 462 24.66 -15.01 -23.38
C MET B 462 24.32 -14.00 -24.46
N ASP B 463 25.01 -14.11 -25.59
CA ASP B 463 24.77 -13.19 -26.72
C ASP B 463 23.58 -13.64 -27.55
N GLU B 464 23.50 -14.95 -27.83
CA GLU B 464 22.36 -15.54 -28.54
C GLU B 464 22.12 -14.85 -29.88
N LYS B 465 23.18 -14.74 -30.66
CA LYS B 465 23.10 -14.11 -31.98
C LYS B 465 22.82 -15.14 -33.06
N CYS B 493 27.33 -17.68 -32.38
CA CYS B 493 27.68 -18.77 -31.48
C CYS B 493 27.23 -18.46 -30.05
N PRO B 494 26.91 -19.50 -29.27
CA PRO B 494 26.57 -19.30 -27.85
C PRO B 494 27.81 -19.04 -27.00
N HIS B 495 28.27 -17.79 -27.03
CA HIS B 495 29.51 -17.38 -26.37
C HIS B 495 29.15 -16.53 -25.16
N PHE B 496 29.01 -17.19 -24.01
CA PHE B 496 28.70 -16.47 -22.78
C PHE B 496 29.95 -15.79 -22.23
N LEU B 497 29.75 -14.64 -21.60
CA LEU B 497 30.86 -13.81 -21.14
C LEU B 497 31.21 -14.02 -19.68
N GLY B 498 30.29 -14.54 -18.87
CA GLY B 498 30.58 -14.80 -17.48
C GLY B 498 29.31 -15.06 -16.70
N VAL B 499 29.51 -15.30 -15.40
CA VAL B 499 28.42 -15.54 -14.48
C VAL B 499 28.37 -14.37 -13.50
N ILE B 500 27.16 -14.06 -13.04
CA ILE B 500 26.93 -12.91 -12.15
C ILE B 500 26.23 -13.41 -10.90
N THR B 501 26.75 -13.01 -9.74
CA THR B 501 26.15 -13.30 -8.45
C THR B 501 25.90 -11.99 -7.71
N ARG B 502 25.25 -12.09 -6.55
CA ARG B 502 24.89 -10.90 -5.81
C ARG B 502 26.13 -10.15 -5.30
N ILE B 503 27.19 -10.87 -4.93
CA ILE B 503 28.38 -10.19 -4.44
C ILE B 503 29.05 -9.39 -5.55
N ASP B 504 28.90 -9.83 -6.81
CA ASP B 504 29.41 -9.04 -7.92
C ASP B 504 28.68 -7.69 -8.01
N LEU B 505 27.36 -7.71 -7.91
CA LEU B 505 26.60 -6.46 -7.90
C LEU B 505 26.94 -5.60 -6.68
N LEU B 506 27.21 -6.24 -5.54
CA LEU B 506 27.59 -5.49 -4.35
C LEU B 506 28.94 -4.80 -4.54
N HIS B 507 29.90 -5.50 -5.16
CA HIS B 507 31.20 -4.88 -5.43
C HIS B 507 31.07 -3.76 -6.45
N TRP B 508 30.25 -3.98 -7.49
CA TRP B 508 29.98 -2.93 -8.45
C TRP B 508 29.41 -1.68 -7.79
N LEU B 509 28.46 -1.86 -6.86
CA LEU B 509 27.92 -0.72 -6.14
C LEU B 509 28.96 -0.11 -5.18
N ALA B 510 29.91 -0.94 -4.71
CA ALA B 510 31.00 -0.41 -3.90
C ALA B 510 31.93 0.47 -4.72
N THR B 511 32.06 0.20 -6.02
CA THR B 511 32.81 1.13 -6.87
C THR B 511 32.05 2.42 -7.11
N LYS B 512 30.75 2.43 -6.86
CA LYS B 512 29.91 3.62 -7.01
C LYS B 512 29.68 4.25 -5.64
N GLN B 513 28.85 5.28 -5.60
CA GLN B 513 28.50 5.97 -4.35
C GLN B 513 27.30 6.87 -4.52
N ALA C 6 -10.33 -17.10 29.51
CA ALA C 6 -10.46 -15.67 29.75
C ALA C 6 -9.63 -14.87 28.75
N ASP C 7 -9.04 -13.76 29.22
CA ASP C 7 -8.18 -12.91 28.40
C ASP C 7 -7.03 -12.44 29.28
N GLY C 8 -5.93 -13.19 29.26
CA GLY C 8 -4.72 -12.76 29.92
C GLY C 8 -3.60 -12.23 29.05
N PRO C 9 -3.29 -12.93 27.92
CA PRO C 9 -2.11 -12.51 27.13
C PRO C 9 -2.37 -11.41 26.11
N TYR C 10 -3.60 -11.30 25.62
CA TYR C 10 -3.94 -10.33 24.58
C TYR C 10 -4.96 -9.31 25.05
N SER C 11 -5.29 -9.29 26.35
CA SER C 11 -6.27 -8.36 26.87
C SER C 11 -5.84 -6.90 26.78
N GLY C 12 -4.61 -6.63 26.37
CA GLY C 12 -4.17 -5.27 26.16
C GLY C 12 -3.77 -4.98 24.74
N ILE C 13 -3.16 -3.81 24.50
CA ILE C 13 -2.61 -3.47 23.20
C ILE C 13 -1.11 -3.74 23.23
N LEU C 14 -0.57 -4.10 22.07
CA LEU C 14 0.81 -4.51 21.95
C LEU C 14 1.66 -3.37 21.37
N ASP C 15 2.89 -3.25 21.87
CA ASP C 15 3.77 -2.17 21.40
C ASP C 15 4.23 -2.42 19.98
N SER C 16 4.42 -3.68 19.61
CA SER C 16 4.81 -4.05 18.26
C SER C 16 4.41 -5.49 18.02
N VAL C 17 4.57 -5.94 16.78
CA VAL C 17 4.19 -7.30 16.41
C VAL C 17 5.03 -8.35 17.12
N LEU C 18 6.24 -7.98 17.56
CA LEU C 18 7.12 -8.93 18.22
C LEU C 18 6.50 -9.54 19.47
N ASP C 19 5.63 -8.80 20.15
CA ASP C 19 4.99 -9.29 21.36
C ASP C 19 3.83 -10.23 21.07
N ALA C 20 3.49 -10.46 19.81
CA ALA C 20 2.44 -11.38 19.42
C ALA C 20 2.97 -12.75 19.05
N ILE C 21 4.25 -13.02 19.30
CA ILE C 21 4.85 -14.31 18.97
C ILE C 21 4.58 -15.29 20.09
N GLY C 22 4.25 -16.52 19.73
CA GLY C 22 3.95 -17.55 20.71
C GLY C 22 2.48 -17.57 21.10
N ASN C 23 2.23 -18.11 22.30
CA ASN C 23 0.88 -18.22 22.85
C ASN C 23 -0.04 -19.00 21.92
N THR C 24 0.53 -19.98 21.22
CA THR C 24 -0.24 -20.71 20.22
C THR C 24 -1.06 -21.81 20.87
N PRO C 25 -2.29 -22.03 20.44
CA PRO C 25 -3.17 -23.00 21.08
C PRO C 25 -2.82 -24.43 20.71
N MET C 26 -3.36 -25.35 21.50
CA MET C 26 -3.23 -26.78 21.25
C MET C 26 -4.62 -27.33 20.90
N VAL C 27 -4.72 -27.98 19.74
CA VAL C 27 -6.00 -28.50 19.26
C VAL C 27 -5.93 -30.02 19.20
N ARG C 28 -7.02 -30.67 19.56
CA ARG C 28 -7.08 -32.13 19.52
C ARG C 28 -7.53 -32.58 18.13
N MET C 29 -6.70 -33.41 17.48
CA MET C 29 -7.00 -33.91 16.14
C MET C 29 -7.83 -35.21 16.25
N LYS C 30 -9.05 -35.03 16.75
CA LYS C 30 -9.96 -36.17 16.89
C LYS C 30 -10.38 -36.72 15.54
N ARG C 31 -10.71 -35.84 14.59
CA ARG C 31 -11.16 -36.30 13.28
C ARG C 31 -10.04 -37.01 12.51
N LEU C 32 -8.83 -36.45 12.55
CA LEU C 32 -7.70 -37.08 11.85
C LEU C 32 -7.35 -38.42 12.47
N ALA C 33 -7.37 -38.50 13.81
CA ALA C 33 -7.13 -39.77 14.48
C ALA C 33 -8.18 -40.80 14.09
N LYS C 34 -9.46 -40.40 14.07
CA LYS C 34 -10.51 -41.30 13.63
C LYS C 34 -10.31 -41.74 12.18
N VAL C 35 -9.75 -40.86 11.35
CA VAL C 35 -9.48 -41.21 9.95
C VAL C 35 -8.40 -42.28 9.86
N TYR C 36 -7.30 -42.10 10.60
CA TYR C 36 -6.18 -43.03 10.52
C TYR C 36 -6.27 -44.18 11.51
N GLY C 37 -7.30 -44.24 12.34
CA GLY C 37 -7.46 -45.34 13.27
C GLY C 37 -6.44 -45.32 14.39
N LEU C 38 -6.35 -44.18 15.09
CA LEU C 38 -5.44 -44.01 16.21
C LEU C 38 -6.26 -43.80 17.47
N GLU C 39 -5.96 -44.60 18.50
CA GLU C 39 -6.80 -44.60 19.70
C GLU C 39 -6.51 -43.42 20.61
N CYS C 40 -5.24 -43.08 20.83
CA CYS C 40 -4.89 -42.04 21.78
C CYS C 40 -5.30 -40.66 21.24
N ASP C 41 -5.11 -39.64 22.07
CA ASP C 41 -5.43 -38.26 21.70
C ASP C 41 -4.24 -37.65 20.99
N LEU C 42 -4.41 -37.33 19.71
CA LEU C 42 -3.36 -36.69 18.93
C LEU C 42 -3.56 -35.17 19.04
N LEU C 43 -2.71 -34.53 19.84
CA LEU C 43 -2.75 -33.09 20.05
C LEU C 43 -1.76 -32.41 19.11
N ALA C 44 -2.12 -31.22 18.65
CA ALA C 44 -1.29 -30.45 17.73
C ALA C 44 -1.05 -29.07 18.31
N LYS C 45 0.22 -28.69 18.44
CA LYS C 45 0.61 -27.36 18.85
C LYS C 45 0.70 -26.49 17.61
N CYS C 46 -0.28 -25.60 17.43
CA CYS C 46 -0.42 -24.83 16.20
C CYS C 46 0.56 -23.66 16.20
N GLU C 47 1.84 -23.99 15.96
CA GLU C 47 2.88 -22.96 15.91
C GLU C 47 2.72 -22.03 14.71
N PHE C 48 2.01 -22.46 13.68
CA PHE C 48 1.85 -21.65 12.47
C PHE C 48 0.94 -20.45 12.67
N MET C 49 0.26 -20.34 13.80
CA MET C 49 -0.63 -19.22 14.07
C MET C 49 0.08 -18.05 14.73
N SER C 50 1.41 -18.09 14.82
CA SER C 50 2.16 -16.94 15.31
C SER C 50 2.04 -15.79 14.31
N ALA C 51 2.59 -14.64 14.68
CA ALA C 51 2.51 -13.46 13.84
C ALA C 51 3.10 -13.72 12.46
N GLY C 52 4.31 -14.27 12.42
CA GLY C 52 4.99 -14.55 11.17
C GLY C 52 4.78 -15.93 10.58
N GLY C 53 3.92 -16.75 11.18
CA GLY C 53 3.55 -18.01 10.57
C GLY C 53 4.58 -19.11 10.61
N SER C 54 5.39 -19.17 11.67
CA SER C 54 6.38 -20.24 11.81
C SER C 54 6.87 -20.28 13.25
N VAL C 55 7.43 -21.43 13.63
CA VAL C 55 7.98 -21.57 14.98
C VAL C 55 9.27 -20.80 15.13
N LYS C 56 10.05 -20.65 14.04
CA LYS C 56 11.34 -19.99 14.10
C LYS C 56 11.24 -18.50 14.43
N ASP C 57 10.03 -17.92 14.39
CA ASP C 57 9.86 -16.55 14.86
C ASP C 57 10.33 -16.38 16.29
N ARG C 58 10.01 -17.35 17.16
CA ARG C 58 10.44 -17.31 18.55
C ARG C 58 11.95 -17.17 18.67
N ILE C 59 12.68 -18.06 17.97
CA ILE C 59 14.13 -18.03 18.06
C ILE C 59 14.71 -16.79 17.40
N GLY C 60 14.06 -16.26 16.36
CA GLY C 60 14.53 -15.01 15.78
C GLY C 60 14.47 -13.87 16.78
N LYS C 61 13.27 -13.66 17.32
CA LYS C 61 13.09 -12.65 18.36
C LYS C 61 14.06 -12.85 19.52
N ALA C 62 14.26 -14.10 19.93
CA ALA C 62 15.07 -14.37 21.10
C ALA C 62 16.55 -14.13 20.85
N MET C 63 17.05 -14.50 19.66
CA MET C 63 18.43 -14.22 19.33
C MET C 63 18.68 -12.73 19.24
N VAL C 64 17.71 -11.98 18.71
CA VAL C 64 17.84 -10.52 18.74
C VAL C 64 17.89 -10.00 20.17
N GLU C 65 17.02 -10.54 21.03
CA GLU C 65 17.02 -10.12 22.44
C GLU C 65 18.33 -10.44 23.13
N LYS C 66 18.92 -11.60 22.83
CA LYS C 66 20.21 -11.95 23.40
C LYS C 66 21.30 -11.03 22.89
N ALA C 67 21.26 -10.68 21.60
CA ALA C 67 22.24 -9.75 21.05
C ALA C 67 22.10 -8.37 21.65
N GLU C 68 20.89 -8.01 22.09
CA GLU C 68 20.68 -6.70 22.71
C GLU C 68 21.02 -6.68 24.20
N ARG C 69 20.71 -7.76 24.92
CA ARG C 69 21.04 -7.82 26.35
C ARG C 69 22.53 -7.94 26.58
N GLU C 70 23.28 -8.47 25.61
CA GLU C 70 24.73 -8.50 25.67
C GLU C 70 25.37 -7.25 25.07
N GLY C 71 24.55 -6.29 24.62
CA GLY C 71 25.05 -5.06 24.04
C GLY C 71 25.79 -5.21 22.74
N ARG C 72 25.80 -6.38 22.13
CA ARG C 72 26.50 -6.62 20.87
C ARG C 72 25.75 -6.07 19.67
N LEU C 73 24.62 -5.39 19.87
CA LEU C 73 23.77 -4.97 18.77
C LEU C 73 23.35 -3.52 18.98
N LYS C 74 23.60 -2.69 17.96
CA LYS C 74 23.20 -1.30 17.96
C LYS C 74 22.34 -1.02 16.75
N ALA C 75 21.51 0.02 16.84
CA ALA C 75 20.60 0.38 15.77
C ALA C 75 21.36 0.72 14.49
N GLY C 76 20.76 0.36 13.35
CA GLY C 76 21.37 0.57 12.06
C GLY C 76 22.30 -0.53 11.58
N ASP C 77 22.61 -1.50 12.43
CA ASP C 77 23.51 -2.59 12.05
C ASP C 77 22.85 -3.46 10.97
N THR C 78 23.67 -4.34 10.40
CA THR C 78 23.22 -5.30 9.39
C THR C 78 23.22 -6.70 9.99
N LEU C 79 22.16 -7.45 9.74
CA LEU C 79 22.02 -8.82 10.20
C LEU C 79 22.05 -9.78 9.01
N ILE C 80 22.85 -10.83 9.13
CA ILE C 80 22.94 -11.89 8.14
C ILE C 80 22.59 -13.20 8.81
N GLU C 81 21.83 -14.04 8.11
CA GLU C 81 21.41 -15.31 8.68
C GLU C 81 21.12 -16.37 7.62
N PRO C 82 21.77 -17.54 7.71
CA PRO C 82 21.38 -18.66 6.85
C PRO C 82 20.11 -19.33 7.37
N THR C 83 19.19 -19.60 6.45
CA THR C 83 17.89 -20.12 6.84
C THR C 83 17.25 -20.83 5.66
N SER C 84 16.29 -21.70 5.99
CA SER C 84 15.41 -22.27 5.00
C SER C 84 14.25 -21.33 4.65
N GLY C 85 14.14 -20.19 5.33
CA GLY C 85 13.14 -19.20 5.00
C GLY C 85 12.36 -18.66 6.18
N ASN C 86 12.12 -19.50 7.19
CA ASN C 86 11.30 -19.07 8.32
C ASN C 86 12.11 -18.26 9.32
N THR C 87 13.33 -18.69 9.63
CA THR C 87 14.20 -17.89 10.48
C THR C 87 14.51 -16.55 9.82
N GLY C 88 14.71 -16.55 8.50
CA GLY C 88 14.86 -15.30 7.78
C GLY C 88 13.67 -14.39 7.93
N ILE C 89 12.46 -14.95 7.87
CA ILE C 89 11.25 -14.14 8.04
C ILE C 89 11.18 -13.55 9.44
N GLY C 90 11.45 -14.37 10.46
CA GLY C 90 11.40 -13.88 11.83
C GLY C 90 12.41 -12.76 12.08
N LEU C 91 13.65 -12.97 11.65
CA LEU C 91 14.66 -11.93 11.83
C LEU C 91 14.36 -10.70 10.98
N ALA C 92 13.73 -10.88 9.81
CA ALA C 92 13.33 -9.73 9.01
C ALA C 92 12.27 -8.90 9.74
N LEU C 93 11.32 -9.58 10.40
CA LEU C 93 10.35 -8.87 11.24
C LEU C 93 11.07 -8.10 12.35
N ALA C 94 11.97 -8.77 13.07
CA ALA C 94 12.68 -8.12 14.17
C ALA C 94 13.48 -6.91 13.68
N ALA C 95 14.06 -7.01 12.49
CA ALA C 95 14.86 -5.91 11.97
C ALA C 95 13.98 -4.75 11.53
N ALA C 96 12.94 -5.04 10.74
CA ALA C 96 12.03 -3.98 10.32
C ALA C 96 11.38 -3.28 11.51
N VAL C 97 11.21 -3.98 12.62
CA VAL C 97 10.63 -3.36 13.81
C VAL C 97 11.69 -2.53 14.56
N ARG C 98 12.77 -3.16 14.99
CA ARG C 98 13.75 -2.51 15.84
C ARG C 98 14.83 -1.77 15.05
N GLY C 99 14.68 -1.65 13.74
CA GLY C 99 15.57 -0.82 12.93
C GLY C 99 16.92 -1.41 12.60
N TYR C 100 16.94 -2.66 12.16
CA TYR C 100 18.15 -3.32 11.70
C TYR C 100 18.02 -3.67 10.22
N ARG C 101 19.15 -3.86 9.55
CA ARG C 101 19.16 -4.30 8.17
C ARG C 101 19.28 -5.81 8.10
N MET C 102 18.51 -6.42 7.19
CA MET C 102 18.46 -7.87 7.06
C MET C 102 19.00 -8.29 5.71
N ILE C 103 19.85 -9.31 5.72
CA ILE C 103 20.33 -9.98 4.52
C ILE C 103 20.20 -11.49 4.77
N VAL C 104 19.48 -12.17 3.90
CA VAL C 104 19.11 -13.57 4.10
C VAL C 104 19.82 -14.42 3.06
N THR C 105 20.34 -15.55 3.50
CA THR C 105 20.91 -16.54 2.60
C THR C 105 20.11 -17.83 2.74
N MET C 106 19.54 -18.29 1.62
CA MET C 106 18.68 -19.45 1.63
C MET C 106 18.92 -20.27 0.38
N PRO C 107 18.87 -21.60 0.47
CA PRO C 107 19.12 -22.43 -0.71
C PRO C 107 18.02 -22.24 -1.75
N ALA C 108 18.38 -22.51 -3.02
CA ALA C 108 17.43 -22.34 -4.12
C ALA C 108 16.25 -23.30 -4.03
N LYS C 109 16.34 -24.34 -3.20
CA LYS C 109 15.23 -25.28 -3.07
C LYS C 109 14.01 -24.63 -2.45
N MET C 110 14.21 -23.66 -1.56
CA MET C 110 13.10 -23.08 -0.80
C MET C 110 12.13 -22.36 -1.73
N SER C 111 10.87 -22.27 -1.27
CA SER C 111 9.81 -21.74 -2.10
C SER C 111 10.05 -20.27 -2.44
N ALA C 112 9.34 -19.79 -3.46
CA ALA C 112 9.46 -18.41 -3.87
C ALA C 112 8.64 -17.47 -3.01
N GLU C 113 7.61 -17.97 -2.32
CA GLU C 113 6.81 -17.11 -1.45
C GLU C 113 7.63 -16.59 -0.28
N LYS C 114 8.51 -17.41 0.29
CA LYS C 114 9.40 -16.93 1.35
C LYS C 114 10.28 -15.80 0.83
N SER C 115 10.79 -15.93 -0.39
CA SER C 115 11.60 -14.88 -1.00
C SER C 115 10.78 -13.61 -1.18
N ASN C 116 9.56 -13.73 -1.71
CA ASN C 116 8.71 -12.56 -1.90
C ASN C 116 8.41 -11.87 -0.57
N ILE C 117 8.19 -12.65 0.48
CA ILE C 117 7.82 -12.08 1.77
C ILE C 117 9.01 -11.37 2.42
N MET C 118 10.19 -11.99 2.39
CA MET C 118 11.36 -11.31 2.94
C MET C 118 11.80 -10.14 2.06
N LYS C 119 11.44 -10.14 0.78
CA LYS C 119 11.64 -8.95 -0.03
C LYS C 119 10.69 -7.83 0.38
N CYS C 120 9.43 -8.18 0.67
CA CYS C 120 8.46 -7.21 1.16
C CYS C 120 8.89 -6.60 2.49
N LEU C 121 9.62 -7.37 3.31
CA LEU C 121 10.11 -6.88 4.59
C LEU C 121 11.42 -6.10 4.46
N GLY C 122 11.79 -5.70 3.24
CA GLY C 122 12.99 -4.89 3.04
C GLY C 122 14.29 -5.60 3.32
N ALA C 123 14.34 -6.92 3.10
CA ALA C 123 15.54 -7.71 3.33
C ALA C 123 16.17 -8.09 1.99
N GLU C 124 17.50 -7.94 1.91
CA GLU C 124 18.22 -8.42 0.74
C GLU C 124 18.32 -9.93 0.78
N ILE C 125 18.15 -10.57 -0.38
CA ILE C 125 18.08 -12.01 -0.48
C ILE C 125 19.17 -12.49 -1.42
N VAL C 126 20.07 -13.33 -0.91
CA VAL C 126 21.07 -14.02 -1.71
C VAL C 126 20.79 -15.51 -1.58
N ARG C 127 20.68 -16.18 -2.73
CA ARG C 127 20.37 -17.60 -2.76
C ARG C 127 21.61 -18.42 -3.06
N THR C 128 21.58 -19.66 -2.62
CA THR C 128 22.68 -20.60 -2.79
C THR C 128 22.18 -21.84 -3.53
N PRO C 129 23.06 -22.53 -4.26
CA PRO C 129 22.63 -23.76 -4.92
C PRO C 129 22.15 -24.79 -3.91
N THR C 130 21.17 -25.58 -4.32
CA THR C 130 20.57 -26.56 -3.42
C THR C 130 21.52 -27.71 -3.13
N GLU C 131 22.24 -28.16 -4.14
CA GLU C 131 23.09 -29.33 -4.05
C GLU C 131 24.41 -29.07 -3.34
N ALA C 132 24.71 -27.82 -3.01
CA ALA C 132 25.97 -27.50 -2.34
C ALA C 132 26.01 -28.13 -0.96
N ALA C 133 27.15 -28.73 -0.63
CA ALA C 133 27.34 -29.30 0.70
C ALA C 133 27.62 -28.20 1.70
N TRP C 134 27.56 -28.55 2.99
CA TRP C 134 27.79 -27.56 4.03
C TRP C 134 29.24 -27.06 4.01
N ASN C 135 30.16 -27.91 3.53
CA ASN C 135 31.56 -27.52 3.44
C ASN C 135 31.81 -26.52 2.32
N ASP C 136 30.94 -26.49 1.31
CA ASP C 136 31.14 -25.61 0.18
C ASP C 136 31.03 -24.15 0.63
N GLU C 137 31.86 -23.30 0.03
CA GLU C 137 31.74 -21.86 0.27
C GLU C 137 30.54 -21.26 -0.44
N ASN C 138 29.87 -22.01 -1.30
CA ASN C 138 28.62 -21.61 -1.89
C ASN C 138 27.42 -22.10 -1.10
N SER C 139 27.65 -22.72 0.05
CA SER C 139 26.56 -23.02 0.97
C SER C 139 26.06 -21.73 1.61
N HIS C 140 24.82 -21.78 2.10
CA HIS C 140 24.24 -20.58 2.72
C HIS C 140 25.08 -20.12 3.91
N MET C 141 25.68 -21.06 4.64
CA MET C 141 26.47 -20.70 5.81
C MET C 141 27.79 -20.08 5.42
N GLY C 142 28.48 -20.66 4.44
CA GLY C 142 29.73 -20.07 3.97
C GLY C 142 29.53 -18.71 3.32
N VAL C 143 28.47 -18.57 2.52
CA VAL C 143 28.17 -17.28 1.91
C VAL C 143 27.82 -16.24 2.97
N ALA C 144 27.07 -16.66 4.00
CA ALA C 144 26.79 -15.74 5.10
C ALA C 144 28.07 -15.29 5.80
N ALA C 145 29.00 -16.22 6.03
CA ALA C 145 30.28 -15.86 6.61
C ALA C 145 31.03 -14.88 5.73
N LYS C 146 31.01 -15.10 4.40
CA LYS C 146 31.68 -14.19 3.48
C LYS C 146 31.08 -12.79 3.55
N LEU C 147 29.74 -12.71 3.58
CA LEU C 147 29.09 -11.40 3.71
C LEU C 147 29.48 -10.71 5.01
N GLN C 148 29.51 -11.46 6.12
CA GLN C 148 29.98 -10.90 7.39
C GLN C 148 31.39 -10.35 7.26
N ARG C 149 32.26 -11.05 6.53
CA ARG C 149 33.63 -10.61 6.37
C ARG C 149 33.74 -9.37 5.49
N GLU C 150 32.87 -9.23 4.49
CA GLU C 150 32.96 -8.13 3.53
C GLU C 150 32.06 -6.94 3.85
N LEU C 151 31.17 -7.06 4.84
CA LEU C 151 30.27 -5.98 5.19
C LEU C 151 30.63 -5.42 6.56
N GLU C 152 30.37 -4.13 6.73
CA GLU C 152 30.67 -3.42 7.96
C GLU C 152 29.49 -3.49 8.92
N ASN C 153 29.80 -3.60 10.21
CA ASN C 153 28.80 -3.65 11.28
C ASN C 153 27.84 -4.82 11.12
N ALA C 154 28.25 -5.86 10.40
CA ALA C 154 27.40 -7.02 10.17
C ALA C 154 27.54 -8.03 11.30
N HIS C 155 26.47 -8.78 11.55
CA HIS C 155 26.46 -9.80 12.58
C HIS C 155 25.78 -11.05 12.04
N ILE C 156 26.30 -12.20 12.43
CA ILE C 156 25.67 -13.49 12.15
C ILE C 156 25.19 -14.07 13.47
N LEU C 157 23.90 -14.39 13.53
CA LEU C 157 23.36 -15.02 14.73
C LEU C 157 23.45 -16.53 14.68
N ASP C 158 23.55 -17.13 13.48
CA ASP C 158 23.92 -18.53 13.30
C ASP C 158 22.96 -19.46 14.04
N GLN C 159 21.71 -19.47 13.58
CA GLN C 159 20.66 -20.27 14.20
C GLN C 159 21.05 -21.72 14.41
N TYR C 160 22.07 -22.20 13.71
CA TYR C 160 22.55 -23.56 13.90
C TYR C 160 23.40 -23.73 15.16
N ASN C 161 24.01 -22.66 15.68
CA ASN C 161 24.89 -22.77 16.84
C ASN C 161 24.56 -21.83 18.00
N ASN C 162 23.60 -20.92 17.85
CA ASN C 162 23.25 -20.01 18.94
C ASN C 162 22.43 -20.75 19.99
N THR C 163 22.78 -20.54 21.26
CA THR C 163 22.11 -21.25 22.34
C THR C 163 20.70 -20.72 22.59
N ALA C 164 20.38 -19.51 22.10
CA ALA C 164 19.03 -18.98 22.26
C ALA C 164 18.00 -19.88 21.59
N ASN C 165 18.34 -20.43 20.42
CA ASN C 165 17.42 -21.29 19.68
C ASN C 165 16.92 -22.46 20.52
N PRO C 166 17.77 -23.32 21.11
CA PRO C 166 17.24 -24.38 21.97
C PRO C 166 16.76 -23.88 23.32
N MET C 167 17.44 -22.87 23.88
CA MET C 167 17.09 -22.41 25.21
C MET C 167 15.68 -21.84 25.28
N VAL C 168 15.17 -21.28 24.18
CA VAL C 168 13.84 -20.69 24.22
C VAL C 168 12.76 -21.77 24.16
N HIS C 169 12.94 -22.77 23.30
CA HIS C 169 12.02 -23.91 23.33
C HIS C 169 12.08 -24.63 24.67
N TYR C 170 13.23 -24.58 25.34
CA TYR C 170 13.31 -25.13 26.69
C TYR C 170 12.63 -24.22 27.72
N ASP C 171 12.56 -22.92 27.45
CA ASP C 171 12.09 -21.94 28.43
C ASP C 171 10.58 -21.72 28.39
N VAL C 172 10.05 -21.37 27.23
CA VAL C 172 8.68 -20.88 27.10
C VAL C 172 7.78 -21.88 26.38
N THR C 173 8.21 -22.37 25.22
CA THR C 173 7.34 -23.21 24.39
C THR C 173 6.98 -24.51 25.10
N ALA C 174 7.99 -25.20 25.63
CA ALA C 174 7.73 -26.43 26.37
C ALA C 174 6.87 -26.14 27.60
N GLU C 175 7.07 -24.99 28.24
CA GLU C 175 6.23 -24.62 29.38
C GLU C 175 4.79 -24.39 28.93
N GLU C 176 4.59 -23.78 27.75
CA GLU C 176 3.23 -23.65 27.21
C GLU C 176 2.60 -25.02 27.01
N ILE C 177 3.33 -25.94 26.37
CA ILE C 177 2.81 -27.28 26.11
C ILE C 177 2.45 -27.96 27.43
N ILE C 178 3.31 -27.82 28.44
CA ILE C 178 3.05 -28.45 29.74
C ILE C 178 1.81 -27.85 30.38
N THR C 179 1.69 -26.52 30.34
CA THR C 179 0.54 -25.87 30.98
C THR C 179 -0.77 -26.23 30.30
N GLN C 180 -0.77 -26.43 28.97
CA GLN C 180 -2.03 -26.78 28.33
C GLN C 180 -2.34 -28.27 28.39
N CYS C 181 -1.33 -29.12 28.43
CA CYS C 181 -1.55 -30.54 28.67
C CYS C 181 -1.63 -30.88 30.15
N ASP C 182 -1.50 -29.90 31.03
CA ASP C 182 -1.55 -30.09 32.49
C ASP C 182 -0.51 -31.08 32.97
N GLY C 183 0.64 -31.12 32.31
CA GLY C 183 1.75 -31.98 32.70
C GLY C 183 1.68 -33.40 32.16
N ASP C 184 0.47 -33.90 31.93
CA ASP C 184 0.30 -35.27 31.44
C ASP C 184 0.56 -35.28 29.94
N ILE C 185 1.79 -35.62 29.56
CA ILE C 185 2.18 -35.80 28.17
C ILE C 185 2.90 -37.12 28.05
N ASP C 186 2.43 -38.00 27.17
CA ASP C 186 3.01 -39.33 27.02
C ASP C 186 4.01 -39.43 25.88
N MET C 187 3.73 -38.80 24.74
CA MET C 187 4.66 -38.81 23.62
C MET C 187 4.70 -37.44 22.97
N VAL C 188 5.88 -37.05 22.48
CA VAL C 188 6.08 -35.79 21.77
C VAL C 188 6.85 -36.09 20.50
N VAL C 189 6.23 -35.85 19.35
CA VAL C 189 6.83 -36.06 18.04
C VAL C 189 7.09 -34.70 17.41
N ILE C 190 8.31 -34.50 16.94
CA ILE C 190 8.74 -33.16 16.53
C ILE C 190 9.84 -33.30 15.47
N GLY C 191 9.73 -32.48 14.43
CA GLY C 191 10.68 -32.55 13.33
C GLY C 191 12.06 -32.07 13.73
N ALA C 192 13.07 -32.58 13.02
CA ALA C 192 14.48 -32.28 13.30
C ALA C 192 15.05 -31.46 12.14
N GLY C 193 15.08 -30.14 12.33
CA GLY C 193 15.73 -29.24 11.38
C GLY C 193 17.05 -28.78 11.94
N THR C 194 17.10 -27.56 12.49
CA THR C 194 18.26 -27.16 13.27
C THR C 194 18.45 -28.03 14.50
N GLY C 195 17.41 -28.76 14.91
CA GLY C 195 17.48 -29.59 16.10
C GLY C 195 17.30 -28.85 17.39
N GLY C 196 17.29 -27.51 17.37
CA GLY C 196 17.10 -26.76 18.59
C GLY C 196 15.72 -26.98 19.20
N THR C 197 14.70 -27.03 18.34
CA THR C 197 13.33 -27.15 18.83
C THR C 197 13.12 -28.48 19.56
N ILE C 198 13.56 -29.58 18.94
CA ILE C 198 13.38 -30.89 19.56
C ILE C 198 14.23 -31.01 20.81
N THR C 199 15.49 -30.58 20.74
CA THR C 199 16.36 -30.60 21.91
C THR C 199 15.71 -29.88 23.09
N GLY C 200 15.35 -28.61 22.89
CA GLY C 200 14.80 -27.82 23.99
C GLY C 200 13.51 -28.40 24.54
N ILE C 201 12.54 -28.68 23.65
CA ILE C 201 11.24 -29.14 24.11
C ILE C 201 11.36 -30.49 24.82
N GLY C 202 12.06 -31.45 24.19
CA GLY C 202 12.23 -32.74 24.82
C GLY C 202 12.98 -32.68 26.13
N ARG C 203 14.00 -31.82 26.22
CA ARG C 203 14.74 -31.69 27.47
C ARG C 203 13.84 -31.18 28.58
N LYS C 204 13.09 -30.11 28.32
CA LYS C 204 12.22 -29.56 29.36
C LYS C 204 11.15 -30.57 29.76
N ILE C 205 10.56 -31.27 28.78
CA ILE C 205 9.48 -32.20 29.09
C ILE C 205 10.00 -33.39 29.88
N LYS C 206 11.08 -34.02 29.41
CA LYS C 206 11.67 -35.13 30.15
C LYS C 206 12.14 -34.71 31.53
N GLU C 207 12.54 -33.44 31.70
CA GLU C 207 12.82 -32.94 33.04
C GLU C 207 11.54 -32.93 33.88
N ARG C 208 10.44 -32.46 33.31
CA ARG C 208 9.17 -32.40 34.04
C ARG C 208 8.31 -33.64 33.84
N CYS C 209 8.71 -34.57 32.97
CA CYS C 209 8.01 -35.84 32.79
C CYS C 209 8.94 -36.86 32.15
N PRO C 210 9.80 -37.54 32.93
CA PRO C 210 10.78 -38.44 32.31
C PRO C 210 10.19 -39.64 31.60
N LYS C 211 8.96 -40.05 31.93
CA LYS C 211 8.35 -41.19 31.26
C LYS C 211 7.88 -40.85 29.85
N CYS C 212 7.90 -39.58 29.45
CA CYS C 212 7.46 -39.20 28.12
C CYS C 212 8.50 -39.61 27.09
N LYS C 213 8.05 -40.31 26.04
CA LYS C 213 8.90 -40.59 24.90
C LYS C 213 8.97 -39.38 23.98
N VAL C 214 10.12 -39.21 23.34
CA VAL C 214 10.35 -38.12 22.40
C VAL C 214 10.80 -38.73 21.08
N VAL C 215 10.08 -38.43 20.01
CA VAL C 215 10.35 -38.98 18.69
C VAL C 215 10.73 -37.84 17.76
N GLY C 216 11.82 -38.02 17.02
CA GLY C 216 12.27 -37.04 16.05
C GLY C 216 11.97 -37.51 14.64
N VAL C 217 11.64 -36.56 13.77
CA VAL C 217 11.29 -36.82 12.38
C VAL C 217 12.40 -36.26 11.50
N ASP C 218 12.89 -37.09 10.58
CA ASP C 218 13.96 -36.71 9.66
C ASP C 218 13.55 -37.12 8.25
N PRO C 219 13.64 -36.24 7.26
CA PRO C 219 13.31 -36.63 5.90
C PRO C 219 14.34 -37.57 5.31
N LYS C 220 13.87 -38.47 4.45
CA LYS C 220 14.75 -39.38 3.74
C LYS C 220 15.67 -38.57 2.83
N GLY C 221 16.96 -38.59 3.13
CA GLY C 221 17.92 -37.73 2.44
C GLY C 221 18.91 -37.12 3.41
N SER C 222 18.48 -36.94 4.66
CA SER C 222 19.31 -36.37 5.69
C SER C 222 20.06 -37.46 6.45
N ILE C 223 21.04 -37.04 7.25
CA ILE C 223 21.90 -37.95 7.98
C ILE C 223 21.79 -37.68 9.47
N LEU C 224 20.65 -37.14 9.89
CA LEU C 224 20.43 -36.80 11.30
C LEU C 224 19.84 -37.94 12.12
N ALA C 225 19.32 -38.99 11.48
CA ALA C 225 18.70 -40.07 12.23
C ALA C 225 19.75 -40.98 12.85
N VAL C 226 19.34 -41.70 13.89
CA VAL C 226 20.20 -42.62 14.62
C VAL C 226 19.52 -43.99 14.70
N PRO C 227 20.21 -45.08 14.30
CA PRO C 227 21.57 -45.09 13.74
C PRO C 227 21.59 -44.84 12.25
N ASP C 228 22.76 -44.95 11.62
CA ASP C 228 22.87 -44.72 10.18
C ASP C 228 22.15 -45.76 9.34
N SER C 229 21.67 -46.84 9.94
CA SER C 229 20.86 -47.79 9.19
C SER C 229 19.56 -47.16 8.69
N LEU C 230 19.13 -46.07 9.31
CA LEU C 230 17.91 -45.39 8.91
C LEU C 230 18.14 -44.37 7.79
N ASN C 231 19.39 -43.98 7.53
CA ASN C 231 19.69 -42.98 6.53
C ASN C 231 19.95 -43.57 5.14
N ASP C 232 20.17 -44.88 5.05
CA ASP C 232 20.60 -45.49 3.79
C ASP C 232 19.50 -45.53 2.73
N GLU C 233 18.26 -45.12 3.03
CA GLU C 233 17.20 -45.15 2.04
C GLU C 233 17.58 -44.34 0.81
N LYS C 234 17.76 -43.03 0.98
CA LYS C 234 18.26 -42.15 -0.07
C LYS C 234 19.32 -41.26 0.56
N ARG C 235 20.57 -41.72 0.56
CA ARG C 235 21.64 -40.99 1.22
C ARG C 235 21.98 -39.73 0.44
N LEU C 236 21.79 -38.57 1.06
CA LEU C 236 22.16 -37.28 0.49
C LEU C 236 21.44 -36.99 -0.82
N GLN C 237 20.24 -37.54 -0.98
CA GLN C 237 19.39 -37.23 -2.12
C GLN C 237 18.54 -36.01 -1.78
N SER C 238 18.58 -35.01 -2.66
CA SER C 238 17.79 -33.80 -2.45
C SER C 238 16.31 -34.16 -2.34
N TYR C 239 15.60 -33.45 -1.46
CA TYR C 239 14.19 -33.71 -1.22
C TYR C 239 13.41 -32.40 -1.29
N GLU C 240 12.08 -32.54 -1.45
CA GLU C 240 11.23 -31.37 -1.64
C GLU C 240 10.82 -30.72 -0.33
N VAL C 241 10.71 -31.49 0.76
CA VAL C 241 10.34 -30.92 2.04
C VAL C 241 11.37 -29.86 2.44
N GLU C 242 10.88 -28.73 2.92
CA GLU C 242 11.72 -27.59 3.25
C GLU C 242 11.71 -27.36 4.75
N GLY C 243 12.89 -27.18 5.32
CA GLY C 243 13.00 -26.83 6.72
C GLY C 243 13.70 -27.86 7.57
N ILE C 244 13.47 -29.14 7.27
CA ILE C 244 14.00 -30.22 8.08
C ILE C 244 15.05 -30.99 7.28
N GLY C 245 15.96 -31.62 8.01
CA GLY C 245 16.97 -32.45 7.41
C GLY C 245 18.16 -31.63 6.93
N TYR C 246 19.37 -32.08 7.25
CA TYR C 246 20.58 -31.42 6.81
C TYR C 246 21.64 -32.48 6.55
N ASP C 247 22.72 -32.07 5.88
CA ASP C 247 23.84 -32.96 5.63
C ASP C 247 24.90 -32.89 6.73
N PHE C 248 24.53 -32.44 7.93
CA PHE C 248 25.44 -32.36 9.06
C PHE C 248 24.62 -32.09 10.31
N VAL C 249 25.22 -32.38 11.46
CA VAL C 249 24.56 -32.20 12.75
C VAL C 249 24.80 -30.76 13.21
N PRO C 250 23.76 -29.96 13.41
CA PRO C 250 23.95 -28.59 13.90
C PRO C 250 24.52 -28.59 15.31
N GLY C 251 25.05 -27.43 15.71
CA GLY C 251 25.67 -27.31 17.02
C GLY C 251 24.70 -27.43 18.18
N VAL C 252 23.45 -27.00 17.99
CA VAL C 252 22.48 -27.00 19.09
C VAL C 252 21.78 -28.33 19.28
N LEU C 253 21.90 -29.26 18.33
CA LEU C 253 21.19 -30.53 18.40
C LEU C 253 21.91 -31.48 19.35
N ASP C 254 21.21 -31.90 20.40
CA ASP C 254 21.69 -32.92 21.33
C ASP C 254 20.88 -34.18 21.05
N ARG C 255 21.39 -35.01 20.13
CA ARG C 255 20.68 -36.20 19.69
C ARG C 255 20.47 -37.21 20.81
N LYS C 256 21.08 -37.00 21.98
CA LYS C 256 20.90 -37.91 23.11
C LYS C 256 19.57 -37.72 23.81
N VAL C 257 18.93 -36.56 23.66
CA VAL C 257 17.68 -36.29 24.36
C VAL C 257 16.49 -36.96 23.69
N VAL C 258 16.62 -37.38 22.43
CA VAL C 258 15.55 -38.01 21.69
C VAL C 258 15.74 -39.52 21.73
N ASP C 259 14.64 -40.26 21.90
CA ASP C 259 14.71 -41.71 22.05
C ASP C 259 14.65 -42.42 20.69
N GLU C 260 13.60 -42.16 19.93
CA GLU C 260 13.38 -42.81 18.64
C GLU C 260 13.57 -41.84 17.48
N TRP C 261 13.76 -42.41 16.30
CA TRP C 261 13.87 -41.66 15.06
C TRP C 261 12.99 -42.29 14.01
N VAL C 262 12.28 -41.46 13.25
CA VAL C 262 11.41 -41.92 12.18
C VAL C 262 11.80 -41.17 10.91
N LYS C 263 12.06 -41.93 9.84
CA LYS C 263 12.32 -41.34 8.53
C LYS C 263 11.01 -41.21 7.77
N VAL C 264 10.83 -40.06 7.12
CA VAL C 264 9.60 -39.76 6.37
C VAL C 264 9.99 -39.25 4.99
N GLY C 265 9.33 -39.75 3.96
CA GLY C 265 9.56 -39.29 2.61
C GLY C 265 8.68 -38.11 2.23
N ASP C 266 8.94 -37.57 1.04
CA ASP C 266 8.20 -36.40 0.58
C ASP C 266 6.74 -36.71 0.32
N ALA C 267 6.47 -37.82 -0.36
CA ALA C 267 5.09 -38.15 -0.76
C ALA C 267 4.19 -38.25 0.47
N GLU C 268 4.62 -38.99 1.48
CA GLU C 268 3.82 -39.14 2.69
C GLU C 268 3.64 -37.80 3.39
N SER C 269 4.71 -37.01 3.47
CA SER C 269 4.62 -35.69 4.11
C SER C 269 3.55 -34.84 3.46
N PHE C 270 3.59 -34.73 2.12
CA PHE C 270 2.66 -33.85 1.43
C PHE C 270 1.22 -34.38 1.48
N THR C 271 1.04 -35.69 1.27
CA THR C 271 -0.31 -36.22 1.31
C THR C 271 -0.92 -36.11 2.71
N THR C 272 -0.10 -36.28 3.75
CA THR C 272 -0.61 -36.12 5.10
C THR C 272 -0.88 -34.65 5.44
N ALA C 273 -0.08 -33.73 4.90
CA ALA C 273 -0.39 -32.32 5.08
C ALA C 273 -1.73 -31.96 4.45
N ARG C 274 -1.98 -32.45 3.24
CA ARG C 274 -3.27 -32.22 2.60
C ARG C 274 -4.40 -32.85 3.40
N ALA C 275 -4.15 -34.03 3.98
CA ALA C 275 -5.17 -34.66 4.83
C ALA C 275 -5.45 -33.83 6.07
N ILE C 276 -4.41 -33.24 6.66
CA ILE C 276 -4.60 -32.34 7.80
C ILE C 276 -5.48 -31.17 7.40
N ILE C 277 -5.14 -30.51 6.30
CA ILE C 277 -5.95 -29.39 5.82
C ILE C 277 -7.40 -29.82 5.64
N ARG C 278 -7.60 -30.98 5.04
CA ARG C 278 -8.95 -31.42 4.68
C ARG C 278 -9.78 -31.79 5.91
N ASN C 279 -9.17 -32.48 6.87
CA ASN C 279 -9.93 -33.07 7.98
C ASN C 279 -9.96 -32.21 9.23
N GLU C 280 -8.89 -31.48 9.55
CA GLU C 280 -8.91 -30.63 10.74
C GLU C 280 -9.18 -29.18 10.43
N GLY C 281 -8.69 -28.68 9.30
CA GLY C 281 -8.85 -27.28 8.97
C GLY C 281 -7.70 -26.45 9.52
N LEU C 282 -6.51 -27.04 9.49
CA LEU C 282 -5.29 -26.36 9.90
C LEU C 282 -4.48 -26.09 8.64
N PHE C 283 -4.41 -24.82 8.26
CA PHE C 283 -3.67 -24.42 7.05
C PHE C 283 -2.18 -24.53 7.35
N VAL C 284 -1.59 -25.68 6.99
CA VAL C 284 -0.31 -26.10 7.51
C VAL C 284 0.63 -26.43 6.36
N GLY C 285 1.92 -26.56 6.69
CA GLY C 285 2.96 -26.79 5.71
C GLY C 285 3.33 -28.26 5.57
N GLY C 286 4.29 -28.51 4.68
CA GLY C 286 4.66 -29.88 4.36
C GLY C 286 5.45 -30.57 5.47
N SER C 287 6.43 -29.86 6.04
CA SER C 287 7.21 -30.42 7.14
C SER C 287 6.32 -30.84 8.30
N SER C 288 5.22 -30.12 8.53
CA SER C 288 4.28 -30.54 9.55
C SER C 288 3.54 -31.81 9.15
N GLY C 289 3.27 -31.99 7.85
CA GLY C 289 2.76 -33.26 7.38
C GLY C 289 3.71 -34.40 7.66
N ALA C 290 5.01 -34.17 7.43
CA ALA C 290 6.02 -35.17 7.77
C ALA C 290 5.98 -35.50 9.27
N ASN C 291 5.93 -34.46 10.11
CA ASN C 291 5.88 -34.67 11.54
C ASN C 291 4.66 -35.48 11.95
N VAL C 292 3.50 -35.16 11.37
CA VAL C 292 2.27 -35.85 11.74
C VAL C 292 2.28 -37.29 11.26
N TRP C 293 2.85 -37.55 10.08
CA TRP C 293 2.98 -38.93 9.62
C TRP C 293 3.91 -39.73 10.52
N GLY C 294 5.04 -39.14 10.90
CA GLY C 294 5.93 -39.79 11.86
C GLY C 294 5.25 -40.07 13.19
N ALA C 295 4.44 -39.11 13.66
CA ALA C 295 3.70 -39.32 14.90
C ALA C 295 2.70 -40.46 14.77
N LEU C 296 2.00 -40.52 13.64
CA LEU C 296 1.06 -41.61 13.41
C LEU C 296 1.77 -42.96 13.36
N GLN C 297 3.00 -42.98 12.85
CA GLN C 297 3.76 -44.24 12.82
C GLN C 297 4.28 -44.61 14.21
N ALA C 298 4.62 -43.62 15.03
CA ALA C 298 5.25 -43.91 16.32
C ALA C 298 4.22 -44.22 17.40
N ALA C 299 3.20 -43.37 17.52
CA ALA C 299 2.21 -43.49 18.59
C ALA C 299 1.11 -44.49 18.26
N ARG C 300 1.31 -45.35 17.26
CA ARG C 300 0.31 -46.36 16.92
C ARG C 300 0.04 -47.28 18.12
N GLN C 301 1.08 -47.56 18.90
CA GLN C 301 0.99 -48.50 20.01
C GLN C 301 0.32 -47.90 21.24
N LEU C 302 0.12 -46.59 21.29
CA LEU C 302 -0.51 -45.97 22.43
C LEU C 302 -1.98 -46.35 22.53
N LYS C 303 -2.54 -46.18 23.72
CA LYS C 303 -3.92 -46.50 24.02
C LYS C 303 -4.69 -45.23 24.34
N LYS C 304 -6.01 -45.38 24.47
CA LYS C 304 -6.89 -44.24 24.73
C LYS C 304 -6.49 -43.55 26.04
N GLY C 305 -6.68 -42.23 26.07
CA GLY C 305 -6.32 -41.41 27.22
C GLY C 305 -4.94 -40.78 27.16
N GLN C 306 -3.95 -41.52 26.66
CA GLN C 306 -2.61 -40.97 26.49
C GLN C 306 -2.60 -39.89 25.42
N LYS C 307 -1.68 -38.93 25.56
CA LYS C 307 -1.63 -37.76 24.70
C LYS C 307 -0.33 -37.76 23.92
N CYS C 308 -0.43 -37.65 22.59
CA CYS C 308 0.72 -37.52 21.70
C CYS C 308 0.71 -36.11 21.11
N VAL C 309 1.71 -35.31 21.47
CA VAL C 309 1.79 -33.92 21.05
C VAL C 309 2.68 -33.83 19.81
N VAL C 310 2.17 -33.18 18.76
CA VAL C 310 2.88 -32.99 17.51
C VAL C 310 3.01 -31.51 17.23
N LEU C 311 4.19 -31.10 16.76
CA LEU C 311 4.43 -29.72 16.38
C LEU C 311 4.06 -29.49 14.92
N LEU C 312 3.42 -28.35 14.66
CA LEU C 312 3.12 -27.91 13.30
C LEU C 312 3.93 -26.65 13.04
N PRO C 313 5.13 -26.77 12.47
CA PRO C 313 6.02 -25.60 12.42
C PRO C 313 5.55 -24.49 11.49
N ASP C 314 5.06 -24.80 10.30
CA ASP C 314 4.82 -23.78 9.29
C ASP C 314 3.36 -23.72 8.87
N SER C 315 2.99 -22.59 8.28
CA SER C 315 1.69 -22.36 7.69
C SER C 315 1.72 -22.69 6.20
N SER C 316 0.52 -22.82 5.62
CA SER C 316 0.42 -23.01 4.17
C SER C 316 0.86 -21.78 3.40
N ARG C 317 0.92 -20.62 4.06
CA ARG C 317 1.27 -19.37 3.38
C ARG C 317 2.59 -19.47 2.63
N ASN C 318 3.57 -20.17 3.21
CA ASN C 318 4.89 -20.29 2.59
C ASN C 318 4.92 -21.32 1.47
N TYR C 319 3.94 -22.22 1.39
CA TYR C 319 3.88 -23.23 0.35
C TYR C 319 2.58 -23.13 -0.43
N MET C 320 2.07 -21.91 -0.61
CA MET C 320 0.77 -21.71 -1.25
C MET C 320 0.80 -22.14 -2.71
N SER C 321 1.84 -21.75 -3.44
CA SER C 321 1.95 -22.14 -4.83
C SER C 321 2.56 -23.52 -5.02
N LYS C 322 3.27 -24.04 -4.03
CA LYS C 322 4.00 -25.28 -4.28
C LYS C 322 3.10 -26.51 -4.18
N PHE C 323 2.56 -26.79 -3.00
CA PHE C 323 1.86 -28.06 -2.83
C PHE C 323 0.38 -27.95 -2.54
N ILE C 324 -0.12 -26.76 -2.20
CA ILE C 324 -1.56 -26.56 -2.15
C ILE C 324 -2.15 -26.69 -3.55
N SER C 325 -1.45 -26.17 -4.55
CA SER C 325 -1.88 -26.33 -5.95
C SER C 325 -1.66 -27.77 -6.39
N ASP C 326 -2.75 -28.44 -6.75
CA ASP C 326 -2.67 -29.85 -7.16
C ASP C 326 -1.84 -30.03 -8.43
N GLU C 327 -1.67 -28.97 -9.23
CA GLU C 327 -0.87 -29.06 -10.44
C GLU C 327 0.56 -29.48 -10.13
N TRP C 328 1.18 -28.82 -9.16
CA TRP C 328 2.59 -29.09 -8.86
C TRP C 328 2.76 -30.45 -8.19
N MET C 329 1.80 -30.89 -7.38
CA MET C 329 1.89 -32.23 -6.81
C MET C 329 1.66 -33.31 -7.86
N ALA C 330 0.81 -33.04 -8.86
CA ALA C 330 0.66 -33.97 -9.97
C ALA C 330 1.92 -34.02 -10.83
N GLU C 331 2.58 -32.88 -11.01
CA GLU C 331 3.83 -32.85 -11.77
C GLU C 331 4.92 -33.68 -11.11
N HIS C 332 4.88 -33.79 -9.78
CA HIS C 332 5.83 -34.62 -9.04
C HIS C 332 5.25 -35.97 -8.66
N GLY C 333 4.02 -36.26 -9.08
CA GLY C 333 3.42 -37.56 -8.87
C GLY C 333 3.27 -37.96 -7.41
N PHE C 334 2.58 -37.15 -6.63
CA PHE C 334 2.30 -37.44 -5.23
C PHE C 334 0.81 -37.75 -5.08
N ALA C 335 0.51 -38.79 -4.31
CA ALA C 335 -0.87 -39.19 -4.06
C ALA C 335 -1.63 -38.03 -3.44
N PRO C 336 -2.67 -37.50 -4.11
CA PRO C 336 -3.31 -36.27 -3.63
C PRO C 336 -3.87 -36.40 -2.21
N GLU C 337 -4.76 -37.36 -1.99
CA GLU C 337 -5.34 -37.63 -0.69
C GLU C 337 -6.26 -38.84 -0.85
N ASP C 338 -6.68 -39.41 0.29
CA ASP C 338 -7.70 -40.43 0.27
C ASP C 338 -9.03 -39.85 -0.20
N GLY C 339 -9.57 -38.88 0.54
CA GLY C 339 -10.70 -38.11 0.08
C GLY C 339 -10.28 -36.74 -0.39
N ALA C 340 -10.23 -36.54 -1.70
CA ALA C 340 -9.81 -35.26 -2.27
C ALA C 340 -10.70 -34.93 -3.45
N LYS C 341 -10.72 -33.64 -3.80
CA LYS C 341 -11.51 -33.21 -4.95
C LYS C 341 -10.97 -33.84 -6.23
N VAL C 342 -9.65 -34.01 -6.33
CA VAL C 342 -9.06 -34.57 -7.53
C VAL C 342 -9.49 -36.02 -7.72
N LYS C 343 -9.36 -36.83 -6.67
CA LYS C 343 -9.80 -38.23 -6.75
C LYS C 343 -11.31 -38.33 -6.93
N GLU C 344 -12.06 -37.43 -6.31
CA GLU C 344 -13.52 -37.43 -6.48
C GLU C 344 -13.90 -37.19 -7.94
N ARG C 345 -13.27 -36.18 -8.57
CA ARG C 345 -13.56 -35.91 -9.97
C ARG C 345 -13.10 -37.04 -10.87
N GLU C 346 -11.93 -37.64 -10.57
CA GLU C 346 -11.46 -38.77 -11.34
C GLU C 346 -12.40 -39.96 -11.23
N LYS C 347 -13.02 -40.14 -10.06
CA LYS C 347 -13.95 -41.25 -9.88
C LYS C 347 -15.26 -41.00 -10.62
N GLN C 348 -15.81 -39.79 -10.51
CA GLN C 348 -17.10 -39.51 -11.13
C GLN C 348 -16.99 -39.43 -12.64
N PHE C 349 -15.96 -38.75 -13.16
CA PHE C 349 -15.86 -38.53 -14.59
C PHE C 349 -15.11 -39.66 -15.29
N GLY C 350 -13.97 -40.06 -14.76
CA GLY C 350 -13.15 -41.05 -15.45
C GLY C 350 -12.58 -40.47 -16.73
N GLY C 351 -12.63 -41.28 -17.79
CA GLY C 351 -12.14 -40.84 -19.08
C GLY C 351 -13.20 -40.23 -19.95
N ALA C 352 -14.33 -39.86 -19.35
CA ALA C 352 -15.41 -39.23 -20.11
C ALA C 352 -14.96 -37.88 -20.65
N ARG C 353 -15.11 -37.70 -21.96
CA ARG C 353 -14.74 -36.46 -22.63
C ARG C 353 -15.97 -35.61 -22.91
N ILE C 354 -15.75 -34.35 -23.24
CA ILE C 354 -16.86 -33.43 -23.47
C ILE C 354 -17.63 -33.78 -24.74
N ARG C 355 -17.03 -34.51 -25.67
CA ARG C 355 -17.79 -35.03 -26.82
C ARG C 355 -18.94 -35.90 -26.36
N ASP C 356 -18.69 -36.79 -25.38
CA ASP C 356 -19.73 -37.65 -24.86
C ASP C 356 -20.86 -36.83 -24.24
N LEU C 357 -20.51 -35.77 -23.51
CA LEU C 357 -21.53 -34.93 -22.89
C LEU C 357 -22.35 -34.19 -23.93
N LEU C 358 -21.68 -33.58 -24.91
CA LEU C 358 -22.41 -32.86 -25.95
C LEU C 358 -23.28 -33.79 -26.78
N SER C 359 -22.87 -35.05 -26.93
CA SER C 359 -23.68 -36.00 -27.68
C SER C 359 -24.89 -36.46 -26.89
N GLU C 360 -24.70 -36.79 -25.60
CA GLU C 360 -25.81 -37.26 -24.79
C GLU C 360 -26.80 -36.14 -24.47
N THR C 361 -26.32 -34.89 -24.38
CA THR C 361 -27.22 -33.77 -24.08
C THR C 361 -28.08 -33.42 -25.29
N GLY C 362 -27.46 -33.28 -26.45
CA GLY C 362 -28.16 -32.92 -27.66
C GLY C 362 -27.98 -31.46 -28.02
N ALA C 363 -27.10 -31.20 -28.99
CA ALA C 363 -26.85 -29.86 -29.48
C ALA C 363 -26.61 -29.92 -30.99
N THR C 364 -26.64 -28.74 -31.62
CA THR C 364 -26.40 -28.62 -33.05
C THR C 364 -25.31 -27.61 -33.36
N SER C 365 -24.48 -27.26 -32.37
CA SER C 365 -23.37 -26.31 -32.52
C SER C 365 -23.85 -24.95 -33.04
N ASP C 366 -25.12 -24.63 -32.82
CA ASP C 366 -25.72 -23.39 -33.30
C ASP C 366 -25.62 -22.27 -32.26
N VAL C 367 -24.41 -22.01 -31.78
CA VAL C 367 -24.15 -20.92 -30.85
C VAL C 367 -23.89 -19.66 -31.67
N PRO C 368 -24.65 -18.59 -31.46
CA PRO C 368 -24.48 -17.39 -32.29
C PRO C 368 -23.12 -16.74 -32.09
N PHE C 369 -22.69 -16.00 -33.12
CA PHE C 369 -21.42 -15.29 -33.11
C PHE C 369 -21.64 -13.85 -33.55
N VAL C 370 -20.78 -12.97 -33.04
CA VAL C 370 -20.83 -11.54 -33.38
C VAL C 370 -19.41 -11.01 -33.42
N THR C 371 -19.19 -9.94 -34.19
CA THR C 371 -17.86 -9.39 -34.41
C THR C 371 -17.40 -8.49 -33.26
N ALA C 372 -18.07 -8.53 -32.12
CA ALA C 372 -17.71 -7.92 -30.84
C ALA C 372 -17.80 -6.40 -30.81
N ARG C 373 -18.23 -5.75 -31.89
CA ARG C 373 -18.50 -4.32 -31.82
C ARG C 373 -19.85 -3.95 -32.43
N LEU C 374 -20.73 -4.93 -32.61
CA LEU C 374 -22.13 -4.63 -32.95
C LEU C 374 -22.75 -3.77 -31.86
N SER C 375 -23.64 -2.87 -32.27
CA SER C 375 -24.44 -2.15 -31.30
C SER C 375 -25.33 -3.14 -30.54
N VAL C 376 -25.58 -2.84 -29.26
CA VAL C 376 -26.36 -3.76 -28.44
C VAL C 376 -27.78 -3.88 -28.97
N GLU C 377 -28.28 -2.85 -29.64
CA GLU C 377 -29.60 -2.94 -30.25
C GLU C 377 -29.62 -4.00 -31.34
N ASP C 378 -28.59 -4.04 -32.18
CA ASP C 378 -28.52 -5.06 -33.21
C ASP C 378 -28.44 -6.46 -32.60
N VAL C 379 -27.65 -6.61 -31.54
CA VAL C 379 -27.48 -7.94 -30.96
C VAL C 379 -28.75 -8.39 -30.24
N ILE C 380 -29.51 -7.46 -29.64
CA ILE C 380 -30.76 -7.87 -29.01
C ILE C 380 -31.82 -8.15 -30.08
N LYS C 381 -31.78 -7.44 -31.21
CA LYS C 381 -32.66 -7.78 -32.31
C LYS C 381 -32.39 -9.18 -32.81
N MET C 382 -31.11 -9.53 -32.98
CA MET C 382 -30.76 -10.89 -33.39
C MET C 382 -31.16 -11.91 -32.34
N MET C 383 -30.98 -11.56 -31.06
CA MET C 383 -31.31 -12.48 -29.97
C MET C 383 -32.81 -12.76 -29.92
N HIS C 384 -33.63 -11.74 -30.17
CA HIS C 384 -35.07 -11.92 -30.19
C HIS C 384 -35.55 -12.62 -31.46
N GLU C 385 -34.88 -12.38 -32.59
CA GLU C 385 -35.26 -13.05 -33.83
C GLU C 385 -34.84 -14.51 -33.87
N THR C 386 -33.76 -14.86 -33.17
CA THR C 386 -33.26 -16.22 -33.15
C THR C 386 -33.76 -17.04 -31.97
N LYS C 387 -34.35 -16.38 -30.96
CA LYS C 387 -34.94 -16.96 -29.76
C LYS C 387 -33.88 -17.44 -28.76
N VAL C 388 -32.59 -17.36 -29.10
CA VAL C 388 -31.55 -17.78 -28.15
C VAL C 388 -31.48 -16.79 -26.99
N LYS C 389 -30.91 -17.26 -25.88
CA LYS C 389 -30.70 -16.45 -24.69
C LYS C 389 -29.26 -15.95 -24.56
N GLU C 390 -28.29 -16.85 -24.72
CA GLU C 390 -26.88 -16.52 -24.61
C GLU C 390 -26.29 -16.24 -25.99
N VAL C 391 -25.17 -15.51 -25.99
CA VAL C 391 -24.43 -15.25 -27.22
C VAL C 391 -22.96 -15.16 -26.86
N ILE C 392 -22.10 -15.49 -27.82
CA ILE C 392 -20.65 -15.41 -27.64
C ILE C 392 -20.11 -14.34 -28.59
N VAL C 393 -19.39 -13.39 -28.02
CA VAL C 393 -18.78 -12.30 -28.77
C VAL C 393 -17.32 -12.63 -29.03
N THR C 394 -16.87 -12.34 -30.25
CA THR C 394 -15.53 -12.66 -30.70
C THR C 394 -15.04 -11.56 -31.64
N GLU C 395 -13.72 -11.47 -31.78
CA GLU C 395 -13.10 -10.49 -32.66
C GLU C 395 -12.56 -11.16 -33.92
N ASP C 396 -11.95 -10.34 -34.78
CA ASP C 396 -11.25 -10.83 -35.96
C ASP C 396 -9.75 -10.98 -35.73
N SER C 397 -9.23 -10.40 -34.65
CA SER C 397 -7.82 -10.52 -34.31
C SER C 397 -7.66 -10.87 -32.83
N LYS C 404 -8.36 -16.19 -30.26
CA LYS C 404 -8.86 -14.83 -30.47
C LYS C 404 -10.36 -14.75 -30.19
N LEU C 405 -10.71 -14.78 -28.92
CA LEU C 405 -12.08 -14.78 -28.45
C LEU C 405 -12.27 -13.68 -27.42
N VAL C 406 -13.46 -13.11 -27.36
CA VAL C 406 -13.77 -12.01 -26.45
C VAL C 406 -14.51 -12.49 -25.20
N GLY C 407 -15.61 -13.22 -25.37
CA GLY C 407 -16.27 -13.78 -24.20
C GLY C 407 -17.73 -14.10 -24.48
N VAL C 408 -18.50 -14.15 -23.38
CA VAL C 408 -19.92 -14.49 -23.42
C VAL C 408 -20.74 -13.27 -22.98
N LEU C 409 -22.02 -13.28 -23.36
CA LEU C 409 -22.92 -12.19 -23.03
C LEU C 409 -24.37 -12.68 -23.09
N SER C 410 -25.14 -12.34 -22.07
CA SER C 410 -26.53 -12.79 -21.96
C SER C 410 -27.47 -11.59 -21.95
N GLU C 411 -28.71 -11.84 -22.39
CA GLU C 411 -29.71 -10.78 -22.45
C GLU C 411 -30.05 -10.24 -21.07
N ASP C 412 -29.94 -11.08 -20.04
CA ASP C 412 -30.20 -10.62 -18.67
C ASP C 412 -29.23 -9.51 -18.29
N HIS C 413 -27.93 -9.74 -18.50
CA HIS C 413 -26.96 -8.69 -18.23
C HIS C 413 -27.17 -7.49 -19.16
N ILE C 414 -27.60 -7.72 -20.39
CA ILE C 414 -27.92 -6.62 -21.30
C ILE C 414 -28.93 -5.68 -20.64
N ALA C 415 -30.08 -6.24 -20.25
CA ALA C 415 -31.15 -5.45 -19.65
C ALA C 415 -30.68 -4.78 -18.37
N HIS C 416 -30.05 -5.54 -17.47
CA HIS C 416 -29.68 -4.99 -16.18
C HIS C 416 -28.61 -3.92 -16.30
N SER C 417 -27.72 -4.03 -17.30
CA SER C 417 -26.72 -2.99 -17.54
C SER C 417 -27.34 -1.77 -18.19
N LEU C 418 -28.34 -1.97 -19.06
CA LEU C 418 -29.07 -0.83 -19.62
C LEU C 418 -29.80 -0.06 -18.52
N GLN C 419 -30.36 -0.78 -17.54
CA GLN C 419 -31.03 -0.11 -16.43
C GLN C 419 -30.04 0.54 -15.47
N SER C 420 -28.84 -0.03 -15.33
CA SER C 420 -27.85 0.48 -14.39
C SER C 420 -27.07 1.66 -14.94
N GLY C 421 -27.24 2.02 -16.20
CA GLY C 421 -26.51 3.14 -16.77
C GLY C 421 -25.09 2.85 -17.16
N ARG C 422 -24.79 1.60 -17.53
CA ARG C 422 -23.46 1.23 -18.01
C ARG C 422 -23.44 0.74 -19.45
N CYS C 423 -24.61 0.56 -20.08
CA CYS C 423 -24.70 0.01 -21.43
C CYS C 423 -25.52 0.96 -22.29
N ALA C 424 -24.84 1.72 -23.15
CA ALA C 424 -25.54 2.60 -24.09
C ALA C 424 -26.14 1.78 -25.23
N MET C 425 -27.21 2.32 -25.82
CA MET C 425 -27.90 1.60 -26.89
C MET C 425 -27.01 1.44 -28.13
N GLN C 426 -26.20 2.45 -28.44
CA GLN C 426 -25.30 2.40 -29.57
C GLN C 426 -23.93 1.83 -29.21
N SER C 427 -23.72 1.44 -27.95
CA SER C 427 -22.42 0.98 -27.51
C SER C 427 -22.13 -0.42 -28.07
N PRO C 428 -20.85 -0.75 -28.25
CA PRO C 428 -20.51 -2.09 -28.74
C PRO C 428 -20.73 -3.17 -27.68
N VAL C 429 -21.03 -4.37 -28.17
CA VAL C 429 -21.34 -5.51 -27.33
C VAL C 429 -20.15 -5.94 -26.47
N LYS C 430 -18.94 -5.52 -26.85
CA LYS C 430 -17.73 -5.87 -26.10
C LYS C 430 -17.70 -5.24 -24.72
N ASP C 431 -18.35 -4.09 -24.53
CA ASP C 431 -18.27 -3.37 -23.28
C ASP C 431 -18.99 -4.08 -22.13
N ILE C 432 -20.02 -4.88 -22.44
CA ILE C 432 -20.85 -5.48 -21.42
C ILE C 432 -20.73 -6.99 -21.38
N ALA C 433 -19.94 -7.59 -22.27
CA ALA C 433 -19.78 -9.04 -22.27
C ALA C 433 -18.93 -9.49 -21.09
N PHE C 434 -19.01 -10.78 -20.79
CA PHE C 434 -18.21 -11.38 -19.74
C PHE C 434 -16.84 -11.75 -20.30
N LYS C 435 -15.79 -11.14 -19.75
CA LYS C 435 -14.47 -11.19 -20.36
C LYS C 435 -13.58 -12.31 -19.81
N LYS C 436 -13.99 -12.98 -18.73
CA LYS C 436 -13.25 -14.12 -18.20
C LYS C 436 -13.78 -15.40 -18.83
N LEU C 437 -12.92 -16.12 -19.55
CA LEU C 437 -13.32 -17.32 -20.27
C LEU C 437 -12.20 -18.35 -20.24
N ALA C 438 -12.58 -19.60 -20.50
CA ALA C 438 -11.65 -20.73 -20.54
C ALA C 438 -11.88 -21.52 -21.81
N LYS C 439 -10.84 -21.65 -22.63
CA LYS C 439 -10.91 -22.37 -23.90
C LYS C 439 -10.64 -23.85 -23.68
N ALA C 440 -11.42 -24.68 -24.38
CA ALA C 440 -11.25 -26.13 -24.33
C ALA C 440 -11.46 -26.69 -25.74
N LEU C 441 -11.21 -27.98 -25.89
CA LEU C 441 -11.36 -28.66 -27.17
C LEU C 441 -11.95 -30.04 -26.93
N PRO C 442 -12.72 -30.56 -27.89
CA PRO C 442 -13.54 -31.76 -27.63
C PRO C 442 -12.80 -32.95 -27.04
N SER C 443 -11.50 -33.10 -27.30
CA SER C 443 -10.78 -34.25 -26.77
C SER C 443 -10.53 -34.17 -25.26
N ALA C 444 -10.74 -33.01 -24.65
CA ALA C 444 -10.47 -32.83 -23.23
C ALA C 444 -11.40 -33.66 -22.37
N TYR C 445 -10.87 -34.19 -21.27
CA TYR C 445 -11.66 -34.97 -20.33
C TYR C 445 -12.57 -34.06 -19.51
N LEU C 446 -13.52 -34.67 -18.80
CA LEU C 446 -14.41 -33.91 -17.94
C LEU C 446 -13.69 -33.46 -16.66
N ARG C 447 -12.71 -34.23 -16.20
CA ARG C 447 -11.95 -33.83 -15.01
C ARG C 447 -11.19 -32.53 -15.27
N ASP C 448 -10.64 -32.37 -16.47
CA ASP C 448 -9.88 -31.16 -16.78
C ASP C 448 -10.78 -29.94 -16.87
N VAL C 449 -11.97 -30.08 -17.46
CA VAL C 449 -12.88 -28.94 -17.51
C VAL C 449 -13.45 -28.65 -16.12
N ALA C 450 -13.59 -29.67 -15.27
CA ALA C 450 -14.01 -29.42 -13.89
C ALA C 450 -12.93 -28.66 -13.12
N LYS C 451 -11.66 -29.01 -13.34
CA LYS C 451 -10.57 -28.28 -12.73
C LYS C 451 -10.48 -26.85 -13.26
N ALA C 452 -10.76 -26.66 -14.55
CA ALA C 452 -10.73 -25.33 -15.14
C ALA C 452 -11.90 -24.47 -14.65
N LEU C 453 -13.04 -25.08 -14.35
CA LEU C 453 -14.17 -24.32 -13.81
C LEU C 453 -13.90 -23.78 -12.42
N ASP C 454 -12.92 -24.34 -11.70
CA ASP C 454 -12.52 -23.77 -10.41
C ASP C 454 -11.99 -22.35 -10.54
N PHE C 455 -11.53 -21.96 -11.72
CA PHE C 455 -10.93 -20.64 -11.94
C PHE C 455 -11.66 -19.80 -12.98
N SER C 456 -12.51 -20.39 -13.81
CA SER C 456 -13.26 -19.65 -14.82
C SER C 456 -14.74 -20.00 -14.71
N PRO C 457 -15.62 -18.99 -14.84
CA PRO C 457 -17.06 -19.29 -14.69
C PRO C 457 -17.63 -20.12 -15.83
N TYR C 458 -17.28 -19.79 -17.07
CA TYR C 458 -17.71 -20.54 -18.24
C TYR C 458 -16.52 -21.25 -18.87
N VAL C 459 -16.82 -22.31 -19.62
CA VAL C 459 -15.83 -23.03 -20.41
C VAL C 459 -16.39 -23.20 -21.81
N CYS C 460 -15.76 -22.58 -22.78
CA CYS C 460 -16.19 -22.66 -24.17
C CYS C 460 -15.27 -23.59 -24.94
N VAL C 461 -15.86 -24.39 -25.81
CA VAL C 461 -15.13 -25.39 -26.57
C VAL C 461 -14.78 -24.80 -27.93
N MET C 462 -13.86 -25.44 -28.64
CA MET C 462 -13.56 -25.05 -30.01
C MET C 462 -12.89 -26.21 -30.72
N ASP C 463 -13.11 -26.30 -32.04
CA ASP C 463 -12.51 -27.36 -32.83
C ASP C 463 -11.08 -27.02 -33.23
N GLU C 464 -10.84 -25.78 -33.64
CA GLU C 464 -9.50 -25.27 -33.97
C GLU C 464 -8.83 -26.16 -35.02
N LYS C 465 -9.55 -26.40 -36.10
CA LYS C 465 -9.05 -27.22 -37.19
C LYS C 465 -8.36 -26.37 -38.25
N CYS C 493 -12.37 -23.92 -39.44
CA CYS C 493 -12.98 -22.69 -38.92
C CYS C 493 -13.15 -22.77 -37.41
N PRO C 494 -13.11 -21.60 -36.74
CA PRO C 494 -13.39 -21.57 -35.28
C PRO C 494 -14.88 -21.70 -35.00
N HIS C 495 -15.36 -22.94 -35.04
CA HIS C 495 -16.77 -23.27 -34.93
C HIS C 495 -16.98 -23.95 -33.57
N PHE C 496 -17.26 -23.17 -32.54
CA PHE C 496 -17.49 -23.74 -31.22
C PHE C 496 -18.90 -24.32 -31.10
N LEU C 497 -19.01 -25.37 -30.29
CA LEU C 497 -20.25 -26.11 -30.15
C LEU C 497 -21.10 -25.69 -28.98
N GLY C 498 -20.53 -25.03 -27.97
CA GLY C 498 -21.33 -24.57 -26.85
C GLY C 498 -20.47 -24.11 -25.70
N VAL C 499 -21.15 -23.70 -24.64
CA VAL C 499 -20.51 -23.23 -23.41
C VAL C 499 -20.82 -24.22 -22.31
N ILE C 500 -19.89 -24.35 -21.35
CA ILE C 500 -20.01 -25.31 -20.27
C ILE C 500 -19.87 -24.59 -18.94
N THR C 501 -20.80 -24.84 -18.02
CA THR C 501 -20.75 -24.35 -16.65
C THR C 501 -20.86 -25.53 -15.70
N ARG C 502 -20.69 -25.25 -14.41
CA ARG C 502 -20.69 -26.33 -13.42
C ARG C 502 -22.05 -27.01 -13.31
N ILE C 503 -23.15 -26.26 -13.48
CA ILE C 503 -24.47 -26.86 -13.36
C ILE C 503 -24.72 -27.85 -14.51
N ASP C 504 -24.11 -27.61 -15.67
CA ASP C 504 -24.21 -28.57 -16.76
C ASP C 504 -23.55 -29.90 -16.37
N LEU C 505 -22.35 -29.83 -15.79
CA LEU C 505 -21.69 -31.04 -15.31
C LEU C 505 -22.50 -31.70 -14.20
N LEU C 506 -23.16 -30.90 -13.37
CA LEU C 506 -24.01 -31.45 -12.32
C LEU C 506 -25.19 -32.21 -12.90
N HIS C 507 -25.79 -31.68 -13.95
CA HIS C 507 -26.88 -32.39 -14.61
C HIS C 507 -26.39 -33.66 -15.28
N TRP C 508 -25.22 -33.60 -15.92
CA TRP C 508 -24.62 -34.80 -16.50
C TRP C 508 -24.40 -35.88 -15.45
N LEU C 509 -23.87 -35.50 -14.28
CA LEU C 509 -23.70 -36.48 -13.21
C LEU C 509 -25.04 -36.92 -12.63
N ALA C 510 -26.06 -36.07 -12.71
CA ALA C 510 -27.40 -36.48 -12.30
C ALA C 510 -27.97 -37.54 -13.23
N THR C 511 -27.56 -37.53 -14.50
CA THR C 511 -27.96 -38.61 -15.41
C THR C 511 -27.21 -39.91 -15.10
N LYS C 512 -26.09 -39.86 -14.38
CA LYS C 512 -25.32 -41.03 -14.04
C LYS C 512 -25.59 -41.46 -12.60
N GLN C 513 -24.84 -42.46 -12.14
CA GLN C 513 -24.94 -42.95 -10.77
C GLN C 513 -23.74 -43.83 -10.43
OP1 P1T D . 17.78 32.97 3.37
P P1T D . 17.11 34.31 3.20
OP2 P1T D . 17.65 35.08 2.03
OP3 P1T D . 17.36 35.09 4.44
OP4 P1T D . 15.48 34.17 3.13
C5A P1T D . 14.93 33.15 2.37
C5 P1T D . 13.66 33.68 1.72
C6 P1T D . 12.45 33.31 2.28
N1 P1T D . 11.29 33.74 1.77
C2 P1T D . 11.32 34.57 0.70
C2A P1T D . 10.01 35.06 0.11
C3 P1T D . 12.52 34.95 0.12
O3A P1T D . 12.52 35.81 -0.99
C4 P1T D . 13.68 34.52 0.65
C4A P1T D . 15.00 34.94 0.00
N P1T D . 14.72 35.28 -1.40
CA P1T D . 15.79 35.47 -2.35
CB P1T D . 16.79 34.61 -2.39
C P1T D . 15.79 36.67 -3.30
O P1T D . 14.89 37.54 -3.21
OXT P1T D . 16.70 36.77 -4.16
OP1 P1T E . -18.14 -5.71 5.78
P P1T E . -17.58 -7.09 5.99
OP2 P1T E . -18.14 -8.03 4.95
OP3 P1T E . -17.99 -7.58 7.37
OP4 P1T E . -15.94 -7.06 5.84
C5A P1T E . -15.45 -6.63 4.61
C5 P1T E . -14.20 -7.37 4.14
C6 P1T E . -12.99 -6.71 4.12
N1 P1T E . -11.87 -7.34 3.70
C2 P1T E . -11.93 -8.61 3.27
C2A P1T E . -10.69 -9.33 2.79
C3 P1T E . -13.15 -9.28 3.27
O3A P1T E . -13.21 -10.61 2.83
C4 P1T E . -14.26 -8.64 3.69
C4A P1T E . -15.59 -9.41 3.68
N P1T E . -15.53 -10.37 2.61
CA P1T E . -16.74 -11.08 2.23
CB P1T E . -17.87 -10.43 2.12
C P1T E . -16.70 -12.58 1.97
O P1T E . -17.67 -13.12 1.42
OXT P1T E . -15.68 -13.25 2.29
OP1 P1T F . 14.33 -27.99 14.46
P P1T F . 13.97 -26.73 13.70
OP2 P1T F . 14.97 -26.49 12.60
OP3 P1T F . 14.00 -25.55 14.64
OP4 P1T F . 12.46 -26.88 13.03
C5A P1T F . 12.41 -27.58 11.82
C5 P1T F . 11.42 -26.95 10.84
C6 P1T F . 10.26 -27.60 10.48
N1 P1T F . 9.43 -27.02 9.58
C2 P1T F . 9.74 -25.83 9.04
C2A P1T F . 8.82 -25.16 8.03
C3 P1T F . 10.90 -25.18 9.38
O3A P1T F . 11.22 -23.95 8.81
C4 P1T F . 11.73 -25.76 10.27
C4A P1T F . 13.01 -25.03 10.65
N P1T F . 13.47 -24.24 9.54
CA P1T F . 14.79 -23.66 9.64
CB P1T F . 15.79 -24.38 10.06
C P1T F . 15.01 -22.20 9.26
O P1T F . 14.01 -21.44 9.07
OXT P1T F . 16.18 -21.77 9.10
#